data_4CJO
# 
_entry.id   4CJO 
# 
_audit_conform.dict_name       mmcif_pdbx.dic 
_audit_conform.dict_version    5.398 
_audit_conform.dict_location   http://mmcif.pdb.org/dictionaries/ascii/mmcif_pdbx.dic 
# 
loop_
_database_2.database_id 
_database_2.database_code 
_database_2.pdbx_database_accession 
_database_2.pdbx_DOI 
PDB   4CJO         pdb_00004cjo 10.2210/pdb4cjo/pdb 
PDBE  EBI-59234    ?            ?                   
WWPDB D_1290059234 ?            ?                   
# 
loop_
_pdbx_audit_revision_history.ordinal 
_pdbx_audit_revision_history.data_content_type 
_pdbx_audit_revision_history.major_revision 
_pdbx_audit_revision_history.minor_revision 
_pdbx_audit_revision_history.revision_date 
1 'Structure model' 1 0 2014-05-21 
2 'Structure model' 2 0 2020-03-11 
3 'Structure model' 2 1 2024-11-06 
# 
_pdbx_audit_revision_details.ordinal             1 
_pdbx_audit_revision_details.revision_ordinal    1 
_pdbx_audit_revision_details.data_content_type   'Structure model' 
_pdbx_audit_revision_details.provider            repository 
_pdbx_audit_revision_details.type                'Initial release' 
_pdbx_audit_revision_details.description         ? 
_pdbx_audit_revision_details.details             ? 
# 
loop_
_pdbx_audit_revision_group.ordinal 
_pdbx_audit_revision_group.revision_ordinal 
_pdbx_audit_revision_group.data_content_type 
_pdbx_audit_revision_group.group 
1 2 'Structure model' Advisory               
2 2 'Structure model' 'Derived calculations' 
3 2 'Structure model' Other                  
4 2 'Structure model' 'Polymer sequence'     
5 3 'Structure model' Advisory               
6 3 'Structure model' 'Data collection'      
7 3 'Structure model' 'Database references'  
8 3 'Structure model' 'Derived calculations' 
9 3 'Structure model' 'Structure summary'    
# 
loop_
_pdbx_audit_revision_category.ordinal 
_pdbx_audit_revision_category.revision_ordinal 
_pdbx_audit_revision_category.data_content_type 
_pdbx_audit_revision_category.category 
1  2 'Structure model' entity_poly                  
2  2 'Structure model' pdbx_database_status         
3  2 'Structure model' pdbx_unobs_or_zero_occ_atoms 
4  2 'Structure model' struct_conn                  
5  3 'Structure model' chem_comp_atom               
6  3 'Structure model' chem_comp_bond               
7  3 'Structure model' database_2                   
8  3 'Structure model' pdbx_entry_details           
9  3 'Structure model' pdbx_modification_feature    
10 3 'Structure model' pdbx_unobs_or_zero_occ_atoms 
11 3 'Structure model' struct_site                  
# 
loop_
_pdbx_audit_revision_item.ordinal 
_pdbx_audit_revision_item.revision_ordinal 
_pdbx_audit_revision_item.data_content_type 
_pdbx_audit_revision_item.item 
1 2 'Structure model' '_entity_poly.pdbx_seq_one_letter_code_can' 
2 2 'Structure model' '_pdbx_database_status.status_code_sf'      
3 2 'Structure model' '_struct_conn.pdbx_leaving_atom_flag'       
4 3 'Structure model' '_database_2.pdbx_DOI'                      
5 3 'Structure model' '_database_2.pdbx_database_accession'       
6 3 'Structure model' '_struct_site.pdbx_auth_asym_id'            
7 3 'Structure model' '_struct_site.pdbx_auth_comp_id'            
8 3 'Structure model' '_struct_site.pdbx_auth_seq_id'             
# 
_pdbx_database_status.status_code                     REL 
_pdbx_database_status.entry_id                        4CJO 
_pdbx_database_status.deposit_site                    PDBE 
_pdbx_database_status.process_site                    PDBE 
_pdbx_database_status.SG_entry                        . 
_pdbx_database_status.recvd_initial_deposition_date   2013-12-21 
_pdbx_database_status.pdb_format_compatible           Y 
_pdbx_database_status.status_code_sf                  REL 
_pdbx_database_status.status_code_mr                  ? 
_pdbx_database_status.status_code_cs                  ? 
_pdbx_database_status.methods_development_category    ? 
_pdbx_database_status.status_code_nmr_data            ? 
# 
_pdbx_database_related.db_name        PDB 
_pdbx_database_related.db_id          4CJG 
_pdbx_database_related.content_type   unspecified 
_pdbx_database_related.details        
'SPECTROSCOPICALLY VALIDATED STRUCTURE OF THE 5 COORDINATE PROXIMAL NO ADDUCT OF CYTOCHROME C PRIME FROM ALCALIGENES XYLOSOXIDANS' 
# 
loop_
_audit_author.name 
_audit_author.pdbx_ordinal 
'Kekilli, D.'    1 
'Dworkowski, F.' 2 
'Antonyuk, S.'   3 
'Hough, M.A.'    4 
# 
_citation.id                        primary 
_citation.title                     
'Fingerprinting Redox and Ligand States in Haemprotein Crystal Structures Using Resonance Raman Spectroscopy.' 
_citation.journal_abbrev            'Acta Crystallogr.,Sect.D' 
_citation.journal_volume            70 
_citation.page_first                1289 
_citation.page_last                 ? 
_citation.year                      2014 
_citation.journal_id_ASTM           ABCRE6 
_citation.country                   DK 
_citation.journal_id_ISSN           0907-4449 
_citation.journal_id_CSD            0766 
_citation.book_publisher            ? 
_citation.pdbx_database_id_PubMed   24816098 
_citation.pdbx_database_id_DOI      10.1107/S1399004714004039 
# 
loop_
_citation_author.citation_id 
_citation_author.name 
_citation_author.ordinal 
_citation_author.identifier_ORCID 
primary 'Kekilli, D.'      1  ? 
primary 'Dworkowski, F.S.' 2  ? 
primary 'Pompidor, G.'     3  ? 
primary 'Fuchs, M.R.'      4  ? 
primary 'Andrew, C.R.'     5  ? 
primary 'Antonyuk, S.'     6  ? 
primary 'Strange, R.W.'    7  ? 
primary 'Eady, R.R.'       8  ? 
primary 'Hasnain, S.S.'    9  ? 
primary 'Hough, M.A.'      10 ? 
# 
loop_
_entity.id 
_entity.type 
_entity.src_method 
_entity.pdbx_description 
_entity.formula_weight 
_entity.pdbx_number_of_molecules 
_entity.pdbx_ec 
_entity.pdbx_mutation 
_entity.pdbx_fragment 
_entity.details 
1 polymer     man 
;CYTOCHROME C'
;
13631.442 1  ? ? ? ? 
2 non-polymer syn 'HEME C'        618.503   1  ? ? ? ? 
3 water       nat water           18.015    64 ? ? ? ? 
# 
_entity_poly.entity_id                      1 
_entity_poly.type                           'polypeptide(L)' 
_entity_poly.nstd_linkage                   no 
_entity_poly.nstd_monomer                   yes 
_entity_poly.pdbx_seq_one_letter_code       
;(PCA)FAKPEDAVKYRQSALTLMASHFGRMTPVVKGQAPYDAAQIKANVEVLKTLSALPWAAFGPGTEGGDARPEIWSDA
ASFKQKQQAFQDNIVKLSAAADAGDLDKLRAAFGDVGASCKACHDAYRKKK
;
_entity_poly.pdbx_seq_one_letter_code_can   
;QFAKPEDAVKYRQSALTLMASHFGRMTPVVKGQAPYDAAQIKANVEVLKTLSALPWAAFGPGTEGGDARPEIWSDAASFK
QKQQAFQDNIVKLSAAADAGDLDKLRAAFGDVGASCKACHDAYRKKK
;
_entity_poly.pdbx_strand_id                 A 
_entity_poly.pdbx_target_identifier         ? 
# 
loop_
_pdbx_entity_nonpoly.entity_id 
_pdbx_entity_nonpoly.name 
_pdbx_entity_nonpoly.comp_id 
2 'HEME C' HEC 
3 water    HOH 
# 
loop_
_entity_poly_seq.entity_id 
_entity_poly_seq.num 
_entity_poly_seq.mon_id 
_entity_poly_seq.hetero 
1 1   PCA n 
1 2   PHE n 
1 3   ALA n 
1 4   LYS n 
1 5   PRO n 
1 6   GLU n 
1 7   ASP n 
1 8   ALA n 
1 9   VAL n 
1 10  LYS n 
1 11  TYR n 
1 12  ARG n 
1 13  GLN n 
1 14  SER n 
1 15  ALA n 
1 16  LEU n 
1 17  THR n 
1 18  LEU n 
1 19  MET n 
1 20  ALA n 
1 21  SER n 
1 22  HIS n 
1 23  PHE n 
1 24  GLY n 
1 25  ARG n 
1 26  MET n 
1 27  THR n 
1 28  PRO n 
1 29  VAL n 
1 30  VAL n 
1 31  LYS n 
1 32  GLY n 
1 33  GLN n 
1 34  ALA n 
1 35  PRO n 
1 36  TYR n 
1 37  ASP n 
1 38  ALA n 
1 39  ALA n 
1 40  GLN n 
1 41  ILE n 
1 42  LYS n 
1 43  ALA n 
1 44  ASN n 
1 45  VAL n 
1 46  GLU n 
1 47  VAL n 
1 48  LEU n 
1 49  LYS n 
1 50  THR n 
1 51  LEU n 
1 52  SER n 
1 53  ALA n 
1 54  LEU n 
1 55  PRO n 
1 56  TRP n 
1 57  ALA n 
1 58  ALA n 
1 59  PHE n 
1 60  GLY n 
1 61  PRO n 
1 62  GLY n 
1 63  THR n 
1 64  GLU n 
1 65  GLY n 
1 66  GLY n 
1 67  ASP n 
1 68  ALA n 
1 69  ARG n 
1 70  PRO n 
1 71  GLU n 
1 72  ILE n 
1 73  TRP n 
1 74  SER n 
1 75  ASP n 
1 76  ALA n 
1 77  ALA n 
1 78  SER n 
1 79  PHE n 
1 80  LYS n 
1 81  GLN n 
1 82  LYS n 
1 83  GLN n 
1 84  GLN n 
1 85  ALA n 
1 86  PHE n 
1 87  GLN n 
1 88  ASP n 
1 89  ASN n 
1 90  ILE n 
1 91  VAL n 
1 92  LYS n 
1 93  LEU n 
1 94  SER n 
1 95  ALA n 
1 96  ALA n 
1 97  ALA n 
1 98  ASP n 
1 99  ALA n 
1 100 GLY n 
1 101 ASP n 
1 102 LEU n 
1 103 ASP n 
1 104 LYS n 
1 105 LEU n 
1 106 ARG n 
1 107 ALA n 
1 108 ALA n 
1 109 PHE n 
1 110 GLY n 
1 111 ASP n 
1 112 VAL n 
1 113 GLY n 
1 114 ALA n 
1 115 SER n 
1 116 CYS n 
1 117 LYS n 
1 118 ALA n 
1 119 CYS n 
1 120 HIS n 
1 121 ASP n 
1 122 ALA n 
1 123 TYR n 
1 124 ARG n 
1 125 LYS n 
1 126 LYS n 
1 127 LYS n 
# 
_entity_src_gen.entity_id                          1 
_entity_src_gen.pdbx_src_id                        1 
_entity_src_gen.pdbx_alt_source_flag               sample 
_entity_src_gen.pdbx_seq_type                      ? 
_entity_src_gen.pdbx_beg_seq_num                   ? 
_entity_src_gen.pdbx_end_seq_num                   ? 
_entity_src_gen.gene_src_common_name               ? 
_entity_src_gen.gene_src_genus                     ? 
_entity_src_gen.pdbx_gene_src_gene                 ? 
_entity_src_gen.gene_src_species                   ? 
_entity_src_gen.gene_src_strain                    ? 
_entity_src_gen.gene_src_tissue                    ? 
_entity_src_gen.gene_src_tissue_fraction           ? 
_entity_src_gen.gene_src_details                   ? 
_entity_src_gen.pdbx_gene_src_fragment             ? 
_entity_src_gen.pdbx_gene_src_scientific_name      'ACHROMOBACTER XYLOSOXIDANS' 
_entity_src_gen.pdbx_gene_src_ncbi_taxonomy_id     85698 
_entity_src_gen.pdbx_gene_src_variant              ? 
_entity_src_gen.pdbx_gene_src_cell_line            ? 
_entity_src_gen.pdbx_gene_src_atcc                 ? 
_entity_src_gen.pdbx_gene_src_organ                ? 
_entity_src_gen.pdbx_gene_src_organelle            ? 
_entity_src_gen.pdbx_gene_src_cell                 ? 
_entity_src_gen.pdbx_gene_src_cellular_location    ? 
_entity_src_gen.host_org_common_name               ? 
_entity_src_gen.pdbx_host_org_scientific_name      'ESCHERICHIA COLI' 
_entity_src_gen.pdbx_host_org_ncbi_taxonomy_id     469008 
_entity_src_gen.host_org_genus                     ? 
_entity_src_gen.pdbx_host_org_gene                 ? 
_entity_src_gen.pdbx_host_org_organ                ? 
_entity_src_gen.host_org_species                   ? 
_entity_src_gen.pdbx_host_org_tissue               ? 
_entity_src_gen.pdbx_host_org_tissue_fraction      ? 
_entity_src_gen.pdbx_host_org_strain               'BL21(DE3)' 
_entity_src_gen.pdbx_host_org_variant              ? 
_entity_src_gen.pdbx_host_org_cell_line            ? 
_entity_src_gen.pdbx_host_org_atcc                 ? 
_entity_src_gen.pdbx_host_org_culture_collection   ? 
_entity_src_gen.pdbx_host_org_cell                 ? 
_entity_src_gen.pdbx_host_org_organelle            ? 
_entity_src_gen.pdbx_host_org_cellular_location    ? 
_entity_src_gen.pdbx_host_org_vector_type          ? 
_entity_src_gen.pdbx_host_org_vector               ? 
_entity_src_gen.host_org_details                   ? 
_entity_src_gen.expression_system_id               ? 
_entity_src_gen.plasmid_name                       ? 
_entity_src_gen.plasmid_details                    ? 
_entity_src_gen.pdbx_description                   ? 
# 
loop_
_chem_comp.id 
_chem_comp.type 
_chem_comp.mon_nstd_flag 
_chem_comp.name 
_chem_comp.pdbx_synonyms 
_chem_comp.formula 
_chem_comp.formula_weight 
ALA 'L-peptide linking' y ALANINE             ? 'C3 H7 N O2'       89.093  
ARG 'L-peptide linking' y ARGININE            ? 'C6 H15 N4 O2 1'   175.209 
ASN 'L-peptide linking' y ASPARAGINE          ? 'C4 H8 N2 O3'      132.118 
ASP 'L-peptide linking' y 'ASPARTIC ACID'     ? 'C4 H7 N O4'       133.103 
CYS 'L-peptide linking' y CYSTEINE            ? 'C3 H7 N O2 S'     121.158 
GLN 'L-peptide linking' y GLUTAMINE           ? 'C5 H10 N2 O3'     146.144 
GLU 'L-peptide linking' y 'GLUTAMIC ACID'     ? 'C5 H9 N O4'       147.129 
GLY 'peptide linking'   y GLYCINE             ? 'C2 H5 N O2'       75.067  
HEC non-polymer         . 'HEME C'            ? 'C34 H34 Fe N4 O4' 618.503 
HIS 'L-peptide linking' y HISTIDINE           ? 'C6 H10 N3 O2 1'   156.162 
HOH non-polymer         . WATER               ? 'H2 O'             18.015  
ILE 'L-peptide linking' y ISOLEUCINE          ? 'C6 H13 N O2'      131.173 
LEU 'L-peptide linking' y LEUCINE             ? 'C6 H13 N O2'      131.173 
LYS 'L-peptide linking' y LYSINE              ? 'C6 H15 N2 O2 1'   147.195 
MET 'L-peptide linking' y METHIONINE          ? 'C5 H11 N O2 S'    149.211 
PCA 'L-peptide linking' n 'PYROGLUTAMIC ACID' ? 'C5 H7 N O3'       129.114 
PHE 'L-peptide linking' y PHENYLALANINE       ? 'C9 H11 N O2'      165.189 
PRO 'L-peptide linking' y PROLINE             ? 'C5 H9 N O2'       115.130 
SER 'L-peptide linking' y SERINE              ? 'C3 H7 N O3'       105.093 
THR 'L-peptide linking' y THREONINE           ? 'C4 H9 N O3'       119.119 
TRP 'L-peptide linking' y TRYPTOPHAN          ? 'C11 H12 N2 O2'    204.225 
TYR 'L-peptide linking' y TYROSINE            ? 'C9 H11 N O3'      181.189 
VAL 'L-peptide linking' y VALINE              ? 'C5 H11 N O2'      117.146 
# 
loop_
_pdbx_poly_seq_scheme.asym_id 
_pdbx_poly_seq_scheme.entity_id 
_pdbx_poly_seq_scheme.seq_id 
_pdbx_poly_seq_scheme.mon_id 
_pdbx_poly_seq_scheme.ndb_seq_num 
_pdbx_poly_seq_scheme.pdb_seq_num 
_pdbx_poly_seq_scheme.auth_seq_num 
_pdbx_poly_seq_scheme.pdb_mon_id 
_pdbx_poly_seq_scheme.auth_mon_id 
_pdbx_poly_seq_scheme.pdb_strand_id 
_pdbx_poly_seq_scheme.pdb_ins_code 
_pdbx_poly_seq_scheme.hetero 
A 1 1   PCA 1   1   1   PCA PCA A . n 
A 1 2   PHE 2   2   2   PHE PHE A . n 
A 1 3   ALA 3   3   3   ALA ALA A . n 
A 1 4   LYS 4   4   4   LYS LYS A . n 
A 1 5   PRO 5   5   5   PRO PRO A . n 
A 1 6   GLU 6   6   6   GLU GLU A . n 
A 1 7   ASP 7   7   7   ASP ASP A . n 
A 1 8   ALA 8   8   8   ALA ALA A . n 
A 1 9   VAL 9   9   9   VAL VAL A . n 
A 1 10  LYS 10  10  10  LYS LYS A . n 
A 1 11  TYR 11  11  11  TYR TYR A . n 
A 1 12  ARG 12  12  12  ARG ARG A . n 
A 1 13  GLN 13  13  13  GLN GLN A . n 
A 1 14  SER 14  14  14  SER SER A . n 
A 1 15  ALA 15  15  15  ALA ALA A . n 
A 1 16  LEU 16  16  16  LEU LEU A . n 
A 1 17  THR 17  17  17  THR THR A . n 
A 1 18  LEU 18  18  18  LEU LEU A . n 
A 1 19  MET 19  19  19  MET MET A . n 
A 1 20  ALA 20  20  20  ALA ALA A . n 
A 1 21  SER 21  21  21  SER SER A . n 
A 1 22  HIS 22  22  22  HIS HIS A . n 
A 1 23  PHE 23  23  23  PHE PHE A . n 
A 1 24  GLY 24  24  24  GLY GLY A . n 
A 1 25  ARG 25  25  25  ARG ARG A . n 
A 1 26  MET 26  26  26  MET MET A . n 
A 1 27  THR 27  27  27  THR THR A . n 
A 1 28  PRO 28  28  28  PRO PRO A . n 
A 1 29  VAL 29  29  29  VAL VAL A . n 
A 1 30  VAL 30  30  30  VAL VAL A . n 
A 1 31  LYS 31  31  31  LYS LYS A . n 
A 1 32  GLY 32  32  32  GLY GLY A . n 
A 1 33  GLN 33  33  33  GLN GLN A . n 
A 1 34  ALA 34  34  34  ALA ALA A . n 
A 1 35  PRO 35  35  35  PRO PRO A . n 
A 1 36  TYR 36  36  36  TYR TYR A . n 
A 1 37  ASP 37  37  37  ASP ASP A . n 
A 1 38  ALA 38  38  38  ALA ALA A . n 
A 1 39  ALA 39  39  39  ALA ALA A . n 
A 1 40  GLN 40  40  40  GLN GLN A . n 
A 1 41  ILE 41  41  41  ILE ILE A . n 
A 1 42  LYS 42  42  42  LYS LYS A . n 
A 1 43  ALA 43  43  43  ALA ALA A . n 
A 1 44  ASN 44  44  44  ASN ASN A . n 
A 1 45  VAL 45  45  45  VAL VAL A . n 
A 1 46  GLU 46  46  46  GLU GLU A . n 
A 1 47  VAL 47  47  47  VAL VAL A . n 
A 1 48  LEU 48  48  48  LEU LEU A . n 
A 1 49  LYS 49  49  49  LYS LYS A . n 
A 1 50  THR 50  50  50  THR THR A . n 
A 1 51  LEU 51  51  51  LEU LEU A . n 
A 1 52  SER 52  52  52  SER SER A . n 
A 1 53  ALA 53  53  53  ALA ALA A . n 
A 1 54  LEU 54  54  54  LEU LEU A . n 
A 1 55  PRO 55  55  55  PRO PRO A . n 
A 1 56  TRP 56  56  56  TRP TRP A . n 
A 1 57  ALA 57  57  57  ALA ALA A . n 
A 1 58  ALA 58  58  58  ALA ALA A . n 
A 1 59  PHE 59  59  59  PHE PHE A . n 
A 1 60  GLY 60  60  60  GLY GLY A . n 
A 1 61  PRO 61  61  61  PRO PRO A . n 
A 1 62  GLY 62  62  62  GLY GLY A . n 
A 1 63  THR 63  63  63  THR THR A . n 
A 1 64  GLU 64  64  64  GLU GLU A . n 
A 1 65  GLY 65  65  65  GLY GLY A . n 
A 1 66  GLY 66  66  66  GLY GLY A . n 
A 1 67  ASP 67  67  67  ASP ASP A . n 
A 1 68  ALA 68  68  68  ALA ALA A . n 
A 1 69  ARG 69  69  69  ARG ARG A . n 
A 1 70  PRO 70  70  70  PRO PRO A . n 
A 1 71  GLU 71  71  71  GLU GLU A . n 
A 1 72  ILE 72  72  72  ILE ILE A . n 
A 1 73  TRP 73  73  73  TRP TRP A . n 
A 1 74  SER 74  74  74  SER SER A . n 
A 1 75  ASP 75  75  75  ASP ASP A . n 
A 1 76  ALA 76  76  76  ALA ALA A . n 
A 1 77  ALA 77  77  77  ALA ALA A . n 
A 1 78  SER 78  78  78  SER SER A . n 
A 1 79  PHE 79  79  79  PHE PHE A . n 
A 1 80  LYS 80  80  80  LYS LYS A . n 
A 1 81  GLN 81  81  81  GLN GLN A . n 
A 1 82  LYS 82  82  82  LYS LYS A . n 
A 1 83  GLN 83  83  83  GLN GLN A . n 
A 1 84  GLN 84  84  84  GLN GLN A . n 
A 1 85  ALA 85  85  85  ALA ALA A . n 
A 1 86  PHE 86  86  86  PHE PHE A . n 
A 1 87  GLN 87  87  87  GLN GLN A . n 
A 1 88  ASP 88  88  88  ASP ASP A . n 
A 1 89  ASN 89  89  89  ASN ASN A . n 
A 1 90  ILE 90  90  90  ILE ILE A . n 
A 1 91  VAL 91  91  91  VAL VAL A . n 
A 1 92  LYS 92  92  92  LYS LYS A . n 
A 1 93  LEU 93  93  93  LEU LEU A . n 
A 1 94  SER 94  94  94  SER SER A . n 
A 1 95  ALA 95  95  95  ALA ALA A . n 
A 1 96  ALA 96  96  96  ALA ALA A . n 
A 1 97  ALA 97  97  97  ALA ALA A . n 
A 1 98  ASP 98  98  98  ASP ASP A . n 
A 1 99  ALA 99  99  99  ALA ALA A . n 
A 1 100 GLY 100 100 100 GLY GLY A . n 
A 1 101 ASP 101 101 101 ASP ASP A . n 
A 1 102 LEU 102 102 102 LEU LEU A . n 
A 1 103 ASP 103 103 103 ASP ASP A . n 
A 1 104 LYS 104 104 104 LYS LYS A . n 
A 1 105 LEU 105 105 105 LEU LEU A . n 
A 1 106 ARG 106 106 106 ARG ARG A . n 
A 1 107 ALA 107 107 107 ALA ALA A . n 
A 1 108 ALA 108 108 108 ALA ALA A . n 
A 1 109 PHE 109 109 109 PHE PHE A . n 
A 1 110 GLY 110 110 110 GLY GLY A . n 
A 1 111 ASP 111 111 111 ASP ASP A . n 
A 1 112 VAL 112 112 112 VAL VAL A . n 
A 1 113 GLY 113 113 113 GLY GLY A . n 
A 1 114 ALA 114 114 114 ALA ALA A . n 
A 1 115 SER 115 115 115 SER SER A . n 
A 1 116 CYS 116 116 116 CYS CYS A . n 
A 1 117 LYS 117 117 117 LYS LYS A . n 
A 1 118 ALA 118 118 118 ALA ALA A . n 
A 1 119 CYS 119 119 119 CYS CYS A . n 
A 1 120 HIS 120 120 120 HIS HIS A . n 
A 1 121 ASP 121 121 121 ASP ASP A . n 
A 1 122 ALA 122 122 122 ALA ALA A . n 
A 1 123 TYR 123 123 123 TYR TYR A . n 
A 1 124 ARG 124 124 124 ARG ARG A . n 
A 1 125 LYS 125 125 125 LYS LYS A . n 
A 1 126 LYS 126 126 126 LYS LYS A . n 
A 1 127 LYS 127 127 ?   ?   ?   A . n 
# 
loop_
_pdbx_nonpoly_scheme.asym_id 
_pdbx_nonpoly_scheme.entity_id 
_pdbx_nonpoly_scheme.mon_id 
_pdbx_nonpoly_scheme.ndb_seq_num 
_pdbx_nonpoly_scheme.pdb_seq_num 
_pdbx_nonpoly_scheme.auth_seq_num 
_pdbx_nonpoly_scheme.pdb_mon_id 
_pdbx_nonpoly_scheme.auth_mon_id 
_pdbx_nonpoly_scheme.pdb_strand_id 
_pdbx_nonpoly_scheme.pdb_ins_code 
B 2 HEC 1  128  128  HEC HEC A . 
C 3 HOH 1  2001 2001 HOH HOH A . 
C 3 HOH 2  2002 2002 HOH HOH A . 
C 3 HOH 3  2003 2003 HOH HOH A . 
C 3 HOH 4  2004 2004 HOH HOH A . 
C 3 HOH 5  2005 2005 HOH HOH A . 
C 3 HOH 6  2006 2006 HOH HOH A . 
C 3 HOH 7  2007 2007 HOH HOH A . 
C 3 HOH 8  2008 2008 HOH HOH A . 
C 3 HOH 9  2009 2009 HOH HOH A . 
C 3 HOH 10 2010 2010 HOH HOH A . 
C 3 HOH 11 2011 2011 HOH HOH A . 
C 3 HOH 12 2012 2012 HOH HOH A . 
C 3 HOH 13 2013 2013 HOH HOH A . 
C 3 HOH 14 2014 2014 HOH HOH A . 
C 3 HOH 15 2015 2015 HOH HOH A . 
C 3 HOH 16 2016 2016 HOH HOH A . 
C 3 HOH 17 2017 2017 HOH HOH A . 
C 3 HOH 18 2018 2018 HOH HOH A . 
C 3 HOH 19 2019 2019 HOH HOH A . 
C 3 HOH 20 2020 2020 HOH HOH A . 
C 3 HOH 21 2021 2021 HOH HOH A . 
C 3 HOH 22 2022 2022 HOH HOH A . 
C 3 HOH 23 2023 2023 HOH HOH A . 
C 3 HOH 24 2024 2024 HOH HOH A . 
C 3 HOH 25 2025 2025 HOH HOH A . 
C 3 HOH 26 2026 2026 HOH HOH A . 
C 3 HOH 27 2027 2027 HOH HOH A . 
C 3 HOH 28 2028 2028 HOH HOH A . 
C 3 HOH 29 2029 2029 HOH HOH A . 
C 3 HOH 30 2030 2030 HOH HOH A . 
C 3 HOH 31 2031 2031 HOH HOH A . 
C 3 HOH 32 2032 2032 HOH HOH A . 
C 3 HOH 33 2033 2033 HOH HOH A . 
C 3 HOH 34 2034 2034 HOH HOH A . 
C 3 HOH 35 2035 2035 HOH HOH A . 
C 3 HOH 36 2036 2036 HOH HOH A . 
C 3 HOH 37 2037 2037 HOH HOH A . 
C 3 HOH 38 2038 2038 HOH HOH A . 
C 3 HOH 39 2039 2039 HOH HOH A . 
C 3 HOH 40 2040 2040 HOH HOH A . 
C 3 HOH 41 2041 2041 HOH HOH A . 
C 3 HOH 42 2042 2042 HOH HOH A . 
C 3 HOH 43 2043 2043 HOH HOH A . 
C 3 HOH 44 2044 2044 HOH HOH A . 
C 3 HOH 45 2045 2045 HOH HOH A . 
C 3 HOH 46 2046 2046 HOH HOH A . 
C 3 HOH 47 2047 2047 HOH HOH A . 
C 3 HOH 48 2048 2048 HOH HOH A . 
C 3 HOH 49 2049 2049 HOH HOH A . 
C 3 HOH 50 2050 2050 HOH HOH A . 
C 3 HOH 51 2051 2051 HOH HOH A . 
C 3 HOH 52 2052 2052 HOH HOH A . 
C 3 HOH 53 2053 2053 HOH HOH A . 
C 3 HOH 54 2054 2054 HOH HOH A . 
C 3 HOH 55 2055 2055 HOH HOH A . 
C 3 HOH 56 2056 2056 HOH HOH A . 
C 3 HOH 57 2057 2057 HOH HOH A . 
C 3 HOH 58 2058 2058 HOH HOH A . 
C 3 HOH 59 2059 2059 HOH HOH A . 
C 3 HOH 60 2060 2060 HOH HOH A . 
C 3 HOH 61 2061 2061 HOH HOH A . 
C 3 HOH 62 2062 2062 HOH HOH A . 
C 3 HOH 63 2063 2063 HOH HOH A . 
C 3 HOH 64 2064 2064 HOH HOH A . 
# 
loop_
_pdbx_unobs_or_zero_occ_atoms.id 
_pdbx_unobs_or_zero_occ_atoms.PDB_model_num 
_pdbx_unobs_or_zero_occ_atoms.polymer_flag 
_pdbx_unobs_or_zero_occ_atoms.occupancy_flag 
_pdbx_unobs_or_zero_occ_atoms.auth_asym_id 
_pdbx_unobs_or_zero_occ_atoms.auth_comp_id 
_pdbx_unobs_or_zero_occ_atoms.auth_seq_id 
_pdbx_unobs_or_zero_occ_atoms.PDB_ins_code 
_pdbx_unobs_or_zero_occ_atoms.auth_atom_id 
_pdbx_unobs_or_zero_occ_atoms.label_alt_id 
_pdbx_unobs_or_zero_occ_atoms.label_asym_id 
_pdbx_unobs_or_zero_occ_atoms.label_comp_id 
_pdbx_unobs_or_zero_occ_atoms.label_seq_id 
_pdbx_unobs_or_zero_occ_atoms.label_atom_id 
1  1 Y 0 A LYS 4   ? CG  ? A LYS 4   CG  
2  1 Y 0 A LYS 4   ? CD  ? A LYS 4   CD  
3  1 Y 0 A LYS 4   ? CE  ? A LYS 4   CE  
4  1 Y 0 A LYS 4   ? NZ  ? A LYS 4   NZ  
5  1 Y 0 A LYS 10  ? CE  ? A LYS 10  CE  
6  1 Y 0 A LYS 10  ? NZ  ? A LYS 10  NZ  
7  1 Y 0 A LYS 31  ? NZ  ? A LYS 31  NZ  
8  1 Y 0 A LYS 49  ? CD  ? A LYS 49  CD  
9  1 Y 0 A LYS 49  ? CE  ? A LYS 49  CE  
10 1 Y 0 A LYS 49  ? NZ  ? A LYS 49  NZ  
11 1 Y 0 A ARG 69  ? CZ  ? A ARG 69  CZ  
12 1 Y 0 A ARG 69  ? NH1 ? A ARG 69  NH1 
13 1 Y 0 A ARG 69  ? NH2 ? A ARG 69  NH2 
14 1 Y 0 A ALA 77  ? CB  ? A ALA 77  CB  
15 1 Y 0 A LYS 80  ? CE  ? A LYS 80  CE  
16 1 Y 0 A LYS 80  ? NZ  ? A LYS 80  NZ  
17 1 Y 0 A GLN 81  ? CG  ? A GLN 81  CG  
18 1 Y 0 A GLN 81  ? CD  ? A GLN 81  CD  
19 1 Y 0 A GLN 81  ? OE1 ? A GLN 81  OE1 
20 1 Y 0 A GLN 81  ? NE2 ? A GLN 81  NE2 
21 1 Y 0 A GLN 84  ? CD  ? A GLN 84  CD  
22 1 Y 0 A GLN 84  ? OE1 ? A GLN 84  OE1 
23 1 Y 0 A GLN 84  ? NE2 ? A GLN 84  NE2 
24 1 Y 0 A LYS 92  ? NZ  ? A LYS 92  NZ  
25 1 Y 0 A LYS 104 ? CD  ? A LYS 104 CD  
26 1 Y 0 A LYS 104 ? CE  ? A LYS 104 CE  
27 1 Y 0 A LYS 104 ? NZ  ? A LYS 104 NZ  
28 1 Y 0 A LEU 105 ? CD2 ? A LEU 105 CD2 
29 1 Y 0 A LYS 117 ? CE  ? A LYS 117 CE  
30 1 Y 0 A LYS 117 ? NZ  ? A LYS 117 NZ  
31 1 Y 0 A LYS 126 ? CB  ? A LYS 126 CB  
32 1 Y 0 A LYS 126 ? CG  ? A LYS 126 CG  
33 1 Y 0 A LYS 126 ? CD  ? A LYS 126 CD  
34 1 Y 0 A LYS 126 ? CE  ? A LYS 126 CE  
35 1 Y 0 A LYS 126 ? NZ  ? A LYS 126 NZ  
# 
loop_
_software.name 
_software.classification 
_software.version 
_software.citation_id 
_software.pdbx_ordinal 
REFMAC refinement       5.8.0049 ? 1 
XDS    'data reduction' .        ? 2 
SCALA  'data scaling'   .        ? 3 
# 
_cell.entry_id           4CJO 
_cell.length_a           53.675 
_cell.length_b           53.675 
_cell.length_c           181.812 
_cell.angle_alpha        90.00 
_cell.angle_beta         90.00 
_cell.angle_gamma        120.00 
_cell.Z_PDB              12 
_cell.pdbx_unique_axis   ? 
# 
_symmetry.entry_id                         4CJO 
_symmetry.space_group_name_H-M             'P 65 2 2' 
_symmetry.pdbx_full_space_group_name_H-M   ? 
_symmetry.cell_setting                     ? 
_symmetry.Int_Tables_number                179 
# 
_exptl.entry_id          4CJO 
_exptl.method            'X-RAY DIFFRACTION' 
_exptl.crystals_number   1 
# 
_exptl_crystal.id                    1 
_exptl_crystal.density_meas          ? 
_exptl_crystal.density_Matthews      2.83 
_exptl_crystal.density_percent_sol   56.6 
_exptl_crystal.description           'REFINEMENT FROM NATIVE STRUCTURE' 
# 
_exptl_crystal_grow.crystal_id      1 
_exptl_crystal_grow.method          ? 
_exptl_crystal_grow.temp            ? 
_exptl_crystal_grow.temp_details    ? 
_exptl_crystal_grow.pH              7.5 
_exptl_crystal_grow.pdbx_pH_range   ? 
_exptl_crystal_grow.pdbx_details    'AMMONIUM SULPHATE, HEPES PH 7.5' 
# 
_diffrn.id                     1 
_diffrn.ambient_temp           180 
_diffrn.ambient_temp_details   ? 
_diffrn.crystal_id             1 
# 
_diffrn_detector.diffrn_id              1 
_diffrn_detector.detector               PIXEL 
_diffrn_detector.type                   'DECTRIS PILATUS 6M' 
_diffrn_detector.pdbx_collection_date   2013-03-12 
_diffrn_detector.details                MIRRORS 
# 
_diffrn_radiation.diffrn_id                        1 
_diffrn_radiation.wavelength_id                    1 
_diffrn_radiation.pdbx_monochromatic_or_laue_m_l   M 
_diffrn_radiation.monochromator                    SI 
_diffrn_radiation.pdbx_diffrn_protocol             'SINGLE WAVELENGTH' 
_diffrn_radiation.pdbx_scattering_type             x-ray 
# 
_diffrn_radiation_wavelength.id           1 
_diffrn_radiation_wavelength.wavelength   1.0 
_diffrn_radiation_wavelength.wt           1.0 
# 
_diffrn_source.diffrn_id                   1 
_diffrn_source.source                      SYNCHROTRON 
_diffrn_source.type                        'SLS BEAMLINE X10SA' 
_diffrn_source.pdbx_synchrotron_site       SLS 
_diffrn_source.pdbx_synchrotron_beamline   X10SA 
_diffrn_source.pdbx_wavelength             1.0 
_diffrn_source.pdbx_wavelength_list        ? 
# 
_reflns.pdbx_diffrn_id               1 
_reflns.pdbx_ordinal                 1 
_reflns.entry_id                     4CJO 
_reflns.observed_criterion_sigma_I   . 
_reflns.observed_criterion_sigma_F   ? 
_reflns.d_resolution_low             46.50 
_reflns.d_resolution_high            1.55 
_reflns.number_obs                   21722 
_reflns.number_all                   ? 
_reflns.percent_possible_obs         93.9 
_reflns.pdbx_Rmerge_I_obs            0.06 
_reflns.pdbx_Rsym_value              ? 
_reflns.pdbx_netI_over_sigmaI        12.50 
_reflns.B_iso_Wilson_estimate        ? 
_reflns.pdbx_redundancy              4.7 
# 
_reflns_shell.pdbx_diffrn_id         1 
_reflns_shell.pdbx_ordinal           1 
_reflns_shell.d_res_high             1.55 
_reflns_shell.d_res_low              1.58 
_reflns_shell.percent_possible_all   96.0 
_reflns_shell.Rmerge_I_obs           0.66 
_reflns_shell.pdbx_Rsym_value        ? 
_reflns_shell.meanI_over_sigI_obs    2.40 
_reflns_shell.pdbx_redundancy        4.5 
# 
_refine.pdbx_refine_id                           'X-RAY DIFFRACTION' 
_refine.entry_id                                 4CJO 
_refine.pdbx_diffrn_id                           1 
_refine.pdbx_TLS_residual_ADP_flag               ? 
_refine.ls_number_reflns_obs                     20562 
_refine.ls_number_reflns_all                     ? 
_refine.pdbx_ls_sigma_I                          ? 
_refine.pdbx_ls_sigma_F                          . 
_refine.pdbx_data_cutoff_high_absF               ? 
_refine.pdbx_data_cutoff_low_absF                ? 
_refine.pdbx_data_cutoff_high_rms_absF           ? 
_refine.ls_d_res_low                             46.48 
_refine.ls_d_res_high                            1.55 
_refine.ls_percent_reflns_obs                    92.26 
_refine.ls_R_factor_obs                          0.23222 
_refine.ls_R_factor_all                          ? 
_refine.ls_R_factor_R_work                       0.23120 
_refine.ls_R_factor_R_free                       0.25119 
_refine.ls_R_factor_R_free_error                 ? 
_refine.ls_R_factor_R_free_error_details         ? 
_refine.ls_percent_reflns_R_free                 5.3 
_refine.ls_number_reflns_R_free                  1156 
_refine.ls_number_parameters                     ? 
_refine.ls_number_restraints                     ? 
_refine.occupancy_min                            ? 
_refine.occupancy_max                            ? 
_refine.correlation_coeff_Fo_to_Fc               0.930 
_refine.correlation_coeff_Fo_to_Fc_free          0.923 
_refine.B_iso_mean                               18.995 
_refine.aniso_B[1][1]                            0.39 
_refine.aniso_B[2][2]                            0.39 
_refine.aniso_B[3][3]                            -1.27 
_refine.aniso_B[1][2]                            0.20 
_refine.aniso_B[1][3]                            0.00 
_refine.aniso_B[2][3]                            0.00 
_refine.solvent_model_details                    MASK 
_refine.solvent_model_param_ksol                 ? 
_refine.solvent_model_param_bsol                 ? 
_refine.pdbx_solvent_vdw_probe_radii             1.20 
_refine.pdbx_solvent_ion_probe_radii             0.80 
_refine.pdbx_solvent_shrinkage_radii             0.80 
_refine.pdbx_ls_cross_valid_method               THROUGHOUT 
_refine.details                                  'HYDROGENS HAVE BEEN ADDED IN THE RIDING POSITIONS. U VALUES REFINED INDIVIDUALLY' 
_refine.pdbx_starting_model                      NONE 
_refine.pdbx_method_to_determine_struct          OTHER 
_refine.pdbx_isotropic_thermal_model             ? 
_refine.pdbx_stereochemistry_target_values       'MAXIMUM LIKELIHOOD' 
_refine.pdbx_stereochem_target_val_spec_case     ? 
_refine.pdbx_R_Free_selection_details            RANDOM 
_refine.pdbx_overall_ESU_R                       0.094 
_refine.pdbx_overall_ESU_R_Free                  0.092 
_refine.overall_SU_ML                            0.065 
_refine.pdbx_overall_phase_error                 ? 
_refine.overall_SU_B                             1.793 
_refine.overall_SU_R_Cruickshank_DPI             ? 
_refine.pdbx_overall_SU_R_free_Cruickshank_DPI   ? 
_refine.pdbx_overall_SU_R_Blow_DPI               ? 
_refine.pdbx_overall_SU_R_free_Blow_DPI          ? 
# 
_refine_hist.pdbx_refine_id                   'X-RAY DIFFRACTION' 
_refine_hist.cycle_id                         LAST 
_refine_hist.pdbx_number_atoms_protein        949 
_refine_hist.pdbx_number_atoms_nucleic_acid   0 
_refine_hist.pdbx_number_atoms_ligand         43 
_refine_hist.number_atoms_solvent             64 
_refine_hist.number_atoms_total               1056 
_refine_hist.d_res_high                       1.55 
_refine_hist.d_res_low                        46.48 
# 
loop_
_refine_ls_restr.type 
_refine_ls_restr.dev_ideal 
_refine_ls_restr.dev_ideal_target 
_refine_ls_restr.weight 
_refine_ls_restr.number 
_refine_ls_restr.pdbx_refine_id 
_refine_ls_restr.pdbx_restraint_function 
r_bond_refined_d             0.014  0.020  ? 1008 'X-RAY DIFFRACTION' ? 
r_bond_other_d               0.006  0.020  ? 904  'X-RAY DIFFRACTION' ? 
r_angle_refined_deg          2.065  2.051  ? 1386 'X-RAY DIFFRACTION' ? 
r_angle_other_deg            0.870  3.000  ? 2070 'X-RAY DIFFRACTION' ? 
r_dihedral_angle_1_deg       4.665  5.000  ? 131  'X-RAY DIFFRACTION' ? 
r_dihedral_angle_2_deg       34.950 24.103 ? 39   'X-RAY DIFFRACTION' ? 
r_dihedral_angle_3_deg       11.858 15.000 ? 137  'X-RAY DIFFRACTION' ? 
r_dihedral_angle_4_deg       19.757 15.000 ? 5    'X-RAY DIFFRACTION' ? 
r_chiral_restr               0.093  0.200  ? 141  'X-RAY DIFFRACTION' ? 
r_gen_planes_refined         0.007  0.021  ? 1190 'X-RAY DIFFRACTION' ? 
r_gen_planes_other           0.001  0.020  ? 222  'X-RAY DIFFRACTION' ? 
r_nbd_refined                ?      ?      ? ?    'X-RAY DIFFRACTION' ? 
r_nbd_other                  ?      ?      ? ?    'X-RAY DIFFRACTION' ? 
r_nbtor_refined              ?      ?      ? ?    'X-RAY DIFFRACTION' ? 
r_nbtor_other                ?      ?      ? ?    'X-RAY DIFFRACTION' ? 
r_xyhbond_nbd_refined        ?      ?      ? ?    'X-RAY DIFFRACTION' ? 
r_xyhbond_nbd_other          ?      ?      ? ?    'X-RAY DIFFRACTION' ? 
r_metal_ion_refined          ?      ?      ? ?    'X-RAY DIFFRACTION' ? 
r_metal_ion_other            ?      ?      ? ?    'X-RAY DIFFRACTION' ? 
r_symmetry_vdw_refined       ?      ?      ? ?    'X-RAY DIFFRACTION' ? 
r_symmetry_vdw_other         ?      ?      ? ?    'X-RAY DIFFRACTION' ? 
r_symmetry_hbond_refined     ?      ?      ? ?    'X-RAY DIFFRACTION' ? 
r_symmetry_hbond_other       ?      ?      ? ?    'X-RAY DIFFRACTION' ? 
r_symmetry_metal_ion_refined ?      ?      ? ?    'X-RAY DIFFRACTION' ? 
r_symmetry_metal_ion_other   ?      ?      ? ?    'X-RAY DIFFRACTION' ? 
r_mcbond_it                  1.576  1.945  ? 512  'X-RAY DIFFRACTION' ? 
r_mcbond_other               1.556  1.938  ? 511  'X-RAY DIFFRACTION' ? 
r_mcangle_it                 2.257  2.904  ? 641  'X-RAY DIFFRACTION' ? 
r_mcangle_other              ?      ?      ? ?    'X-RAY DIFFRACTION' ? 
r_scbond_it                  2.172  2.001  ? 496  'X-RAY DIFFRACTION' ? 
r_scbond_other               ?      ?      ? ?    'X-RAY DIFFRACTION' ? 
r_scangle_it                 ?      ?      ? ?    'X-RAY DIFFRACTION' ? 
r_scangle_other              ?      ?      ? ?    'X-RAY DIFFRACTION' ? 
r_long_range_B_refined       ?      ?      ? ?    'X-RAY DIFFRACTION' ? 
r_long_range_B_other         ?      ?      ? ?    'X-RAY DIFFRACTION' ? 
r_rigid_bond_restr           ?      ?      ? ?    'X-RAY DIFFRACTION' ? 
r_sphericity_free            ?      ?      ? ?    'X-RAY DIFFRACTION' ? 
r_sphericity_bonded          ?      ?      ? ?    'X-RAY DIFFRACTION' ? 
# 
_refine_ls_shell.pdbx_refine_id                   'X-RAY DIFFRACTION' 
_refine_ls_shell.pdbx_total_number_of_bins_used   20 
_refine_ls_shell.d_res_high                       1.550 
_refine_ls_shell.d_res_low                        1.590 
_refine_ls_shell.number_reflns_R_work             1492 
_refine_ls_shell.R_factor_R_work                  0.285 
_refine_ls_shell.percent_reflns_obs               94.97 
_refine_ls_shell.R_factor_R_free                  0.303 
_refine_ls_shell.R_factor_R_free_error            ? 
_refine_ls_shell.percent_reflns_R_free            ? 
_refine_ls_shell.number_reflns_R_free             112 
_refine_ls_shell.number_reflns_all                ? 
_refine_ls_shell.R_factor_all                     ? 
# 
_struct.entry_id                  4CJO 
_struct.title                     
'Spectroscopically-validated structure of ferrous cytochrome c prime from Alcaligenes xylosoxidans, reduced at 180K using X-rays' 
_struct.pdbx_model_details        ? 
_struct.pdbx_CASP_flag            ? 
_struct.pdbx_model_type_details   ? 
# 
_struct_keywords.entry_id        4CJO 
_struct_keywords.pdbx_keywords   'ELECTRON TRANSPORT' 
_struct_keywords.text            
'ELECTRON TRANSPORT, RESONANCE RAMAN, VALIDATION, GAS SENSOR, LIGAND DISCRIMINATION, FERRIC, HAEM, HEME, RADIOLYSIS' 
# 
loop_
_struct_asym.id 
_struct_asym.pdbx_blank_PDB_chainid_flag 
_struct_asym.pdbx_modified 
_struct_asym.entity_id 
_struct_asym.details 
A N N 1 ? 
B N N 2 ? 
C N N 3 ? 
# 
_struct_ref.id                         1 
_struct_ref.db_name                    UNP 
_struct_ref.db_code                    CYCP_ALCXX 
_struct_ref.entity_id                  1 
_struct_ref.pdbx_seq_one_letter_code   ? 
_struct_ref.pdbx_align_begin           ? 
_struct_ref.pdbx_db_accession          P00138 
_struct_ref.pdbx_db_isoform            ? 
# 
_struct_ref_seq.align_id                      1 
_struct_ref_seq.ref_id                        1 
_struct_ref_seq.pdbx_PDB_id_code              4CJO 
_struct_ref_seq.pdbx_strand_id                A 
_struct_ref_seq.seq_align_beg                 1 
_struct_ref_seq.pdbx_seq_align_beg_ins_code   ? 
_struct_ref_seq.seq_align_end                 127 
_struct_ref_seq.pdbx_seq_align_end_ins_code   ? 
_struct_ref_seq.pdbx_db_accession             P00138 
_struct_ref_seq.db_align_beg                  1 
_struct_ref_seq.pdbx_db_align_beg_ins_code    ? 
_struct_ref_seq.db_align_end                  127 
_struct_ref_seq.pdbx_db_align_end_ins_code    ? 
_struct_ref_seq.pdbx_auth_seq_align_beg       1 
_struct_ref_seq.pdbx_auth_seq_align_end       127 
# 
_pdbx_struct_assembly.id                   1 
_pdbx_struct_assembly.details              author_and_software_defined_assembly 
_pdbx_struct_assembly.method_details       PISA 
_pdbx_struct_assembly.oligomeric_details   dimeric 
_pdbx_struct_assembly.oligomeric_count     2 
# 
loop_
_pdbx_struct_assembly_prop.biol_id 
_pdbx_struct_assembly_prop.type 
_pdbx_struct_assembly_prop.value 
_pdbx_struct_assembly_prop.details 
1 'ABSA (A^2)' 1300  ? 
1 MORE         -13.9 ? 
1 'SSA (A^2)'  12760 ? 
# 
_pdbx_struct_assembly_gen.assembly_id       1 
_pdbx_struct_assembly_gen.oper_expression   1,2 
_pdbx_struct_assembly_gen.asym_id_list      A,B,C 
# 
loop_
_pdbx_struct_oper_list.id 
_pdbx_struct_oper_list.type 
_pdbx_struct_oper_list.name 
_pdbx_struct_oper_list.symmetry_operation 
_pdbx_struct_oper_list.matrix[1][1] 
_pdbx_struct_oper_list.matrix[1][2] 
_pdbx_struct_oper_list.matrix[1][3] 
_pdbx_struct_oper_list.vector[1] 
_pdbx_struct_oper_list.matrix[2][1] 
_pdbx_struct_oper_list.matrix[2][2] 
_pdbx_struct_oper_list.matrix[2][3] 
_pdbx_struct_oper_list.vector[2] 
_pdbx_struct_oper_list.matrix[3][1] 
_pdbx_struct_oper_list.matrix[3][2] 
_pdbx_struct_oper_list.matrix[3][3] 
_pdbx_struct_oper_list.vector[3] 
1 'identity operation'         1_555  x,y,z            1.0000000000  0.0000000000 0.0000000000 0.0000000000   0.0000000000 1.0000000000 0.0000000000 0.0000000000 0.0000000000 0.0000000000 1.0000000000  0.0000000000  
2 'crystal symmetry operation' 10_665 -y+1,-x+1,-z+1/6 -0.9998251502 0.0172240250 0.0072802518 -22.1113083854 0.0172240250 0.6966960954 0.7171595942 1.6592598040 0.0072802518 0.7171595942 -0.6968709453 -3.3945218370 
# 
_struct_biol.id   1 
# 
loop_
_struct_conf.conf_type_id 
_struct_conf.id 
_struct_conf.pdbx_PDB_helix_id 
_struct_conf.beg_label_comp_id 
_struct_conf.beg_label_asym_id 
_struct_conf.beg_label_seq_id 
_struct_conf.pdbx_beg_PDB_ins_code 
_struct_conf.end_label_comp_id 
_struct_conf.end_label_asym_id 
_struct_conf.end_label_seq_id 
_struct_conf.pdbx_end_PDB_ins_code 
_struct_conf.beg_auth_comp_id 
_struct_conf.beg_auth_asym_id 
_struct_conf.beg_auth_seq_id 
_struct_conf.end_auth_comp_id 
_struct_conf.end_auth_asym_id 
_struct_conf.end_auth_seq_id 
_struct_conf.pdbx_PDB_helix_class 
_struct_conf.details 
_struct_conf.pdbx_PDB_helix_length 
HELX_P HELX_P1 1 LYS A 4   ? ARG A 25  ? LYS A 4   ARG A 25  1 ? 22 
HELX_P HELX_P2 2 MET A 26  ? LYS A 31  ? MET A 26  LYS A 31  1 ? 6  
HELX_P HELX_P3 3 ASP A 37  ? ALA A 53  ? ASP A 37  ALA A 53  1 ? 17 
HELX_P HELX_P4 4 LEU A 54  ? PHE A 59  ? LEU A 54  PHE A 59  5 ? 6  
HELX_P HELX_P5 5 PRO A 70  ? ASP A 75  ? PRO A 70  ASP A 75  1 ? 6  
HELX_P HELX_P6 6 ASP A 75  ? GLY A 100 ? ASP A 75  GLY A 100 1 ? 26 
HELX_P HELX_P7 7 ASP A 101 ? ARG A 124 ? ASP A 101 ARG A 124 1 ? 24 
# 
_struct_conf_type.id          HELX_P 
_struct_conf_type.criteria    ? 
_struct_conf_type.reference   ? 
# 
loop_
_struct_conn.id 
_struct_conn.conn_type_id 
_struct_conn.pdbx_leaving_atom_flag 
_struct_conn.pdbx_PDB_id 
_struct_conn.ptnr1_label_asym_id 
_struct_conn.ptnr1_label_comp_id 
_struct_conn.ptnr1_label_seq_id 
_struct_conn.ptnr1_label_atom_id 
_struct_conn.pdbx_ptnr1_label_alt_id 
_struct_conn.pdbx_ptnr1_PDB_ins_code 
_struct_conn.pdbx_ptnr1_standard_comp_id 
_struct_conn.ptnr1_symmetry 
_struct_conn.ptnr2_label_asym_id 
_struct_conn.ptnr2_label_comp_id 
_struct_conn.ptnr2_label_seq_id 
_struct_conn.ptnr2_label_atom_id 
_struct_conn.pdbx_ptnr2_label_alt_id 
_struct_conn.pdbx_ptnr2_PDB_ins_code 
_struct_conn.ptnr1_auth_asym_id 
_struct_conn.ptnr1_auth_comp_id 
_struct_conn.ptnr1_auth_seq_id 
_struct_conn.ptnr2_auth_asym_id 
_struct_conn.ptnr2_auth_comp_id 
_struct_conn.ptnr2_auth_seq_id 
_struct_conn.ptnr2_symmetry 
_struct_conn.pdbx_ptnr3_label_atom_id 
_struct_conn.pdbx_ptnr3_label_seq_id 
_struct_conn.pdbx_ptnr3_label_comp_id 
_struct_conn.pdbx_ptnr3_label_asym_id 
_struct_conn.pdbx_ptnr3_label_alt_id 
_struct_conn.pdbx_ptnr3_PDB_ins_code 
_struct_conn.details 
_struct_conn.pdbx_dist_value 
_struct_conn.pdbx_value_order 
_struct_conn.pdbx_role 
covale1 covale both ? A PCA 1   C   ? ? ? 1_555 A PHE 2 N   ? ? A PCA 1   A PHE 2   1_555 ? ? ? ? ? ? ? 1.327 ? ? 
covale2 covale none ? A CYS 116 SG  ? ? ? 1_555 B HEC . CAB ? ? A CYS 116 A HEC 128 1_555 ? ? ? ? ? ? ? 1.770 ? ? 
covale3 covale none ? A CYS 119 SG  ? ? ? 1_555 B HEC . CAC ? ? A CYS 119 A HEC 128 1_555 ? ? ? ? ? ? ? 1.809 ? ? 
metalc1 metalc ?    ? A HIS 120 NE2 ? ? ? 1_555 B HEC . FE  ? ? A HIS 120 A HEC 128 1_555 ? ? ? ? ? ? ? 2.041 ? ? 
# 
loop_
_struct_conn_type.id 
_struct_conn_type.criteria 
_struct_conn_type.reference 
covale ? ? 
metalc ? ? 
# 
loop_
_pdbx_struct_conn_angle.id 
_pdbx_struct_conn_angle.ptnr1_label_atom_id 
_pdbx_struct_conn_angle.ptnr1_label_alt_id 
_pdbx_struct_conn_angle.ptnr1_label_asym_id 
_pdbx_struct_conn_angle.ptnr1_label_comp_id 
_pdbx_struct_conn_angle.ptnr1_label_seq_id 
_pdbx_struct_conn_angle.ptnr1_auth_atom_id 
_pdbx_struct_conn_angle.ptnr1_auth_asym_id 
_pdbx_struct_conn_angle.ptnr1_auth_comp_id 
_pdbx_struct_conn_angle.ptnr1_auth_seq_id 
_pdbx_struct_conn_angle.ptnr1_PDB_ins_code 
_pdbx_struct_conn_angle.ptnr1_symmetry 
_pdbx_struct_conn_angle.ptnr2_label_atom_id 
_pdbx_struct_conn_angle.ptnr2_label_alt_id 
_pdbx_struct_conn_angle.ptnr2_label_asym_id 
_pdbx_struct_conn_angle.ptnr2_label_comp_id 
_pdbx_struct_conn_angle.ptnr2_label_seq_id 
_pdbx_struct_conn_angle.ptnr2_auth_atom_id 
_pdbx_struct_conn_angle.ptnr2_auth_asym_id 
_pdbx_struct_conn_angle.ptnr2_auth_comp_id 
_pdbx_struct_conn_angle.ptnr2_auth_seq_id 
_pdbx_struct_conn_angle.ptnr2_PDB_ins_code 
_pdbx_struct_conn_angle.ptnr2_symmetry 
_pdbx_struct_conn_angle.ptnr3_label_atom_id 
_pdbx_struct_conn_angle.ptnr3_label_alt_id 
_pdbx_struct_conn_angle.ptnr3_label_asym_id 
_pdbx_struct_conn_angle.ptnr3_label_comp_id 
_pdbx_struct_conn_angle.ptnr3_label_seq_id 
_pdbx_struct_conn_angle.ptnr3_auth_atom_id 
_pdbx_struct_conn_angle.ptnr3_auth_asym_id 
_pdbx_struct_conn_angle.ptnr3_auth_comp_id 
_pdbx_struct_conn_angle.ptnr3_auth_seq_id 
_pdbx_struct_conn_angle.ptnr3_PDB_ins_code 
_pdbx_struct_conn_angle.ptnr3_symmetry 
_pdbx_struct_conn_angle.value 
_pdbx_struct_conn_angle.value_esd 
1  NE2 ? A HIS 120 ? A HIS 120 ? 1_555 FE ? B HEC . ? A HEC 128 ? 1_555 NA ? B HEC . ? A HEC 128 ? 1_555 99.8  ? 
2  NE2 ? A HIS 120 ? A HIS 120 ? 1_555 FE ? B HEC . ? A HEC 128 ? 1_555 NB ? B HEC . ? A HEC 128 ? 1_555 94.4  ? 
3  NA  ? B HEC .   ? A HEC 128 ? 1_555 FE ? B HEC . ? A HEC 128 ? 1_555 NB ? B HEC . ? A HEC 128 ? 1_555 88.0  ? 
4  NE2 ? A HIS 120 ? A HIS 120 ? 1_555 FE ? B HEC . ? A HEC 128 ? 1_555 NC ? B HEC . ? A HEC 128 ? 1_555 95.0  ? 
5  NA  ? B HEC .   ? A HEC 128 ? 1_555 FE ? B HEC . ? A HEC 128 ? 1_555 NC ? B HEC . ? A HEC 128 ? 1_555 165.0 ? 
6  NB  ? B HEC .   ? A HEC 128 ? 1_555 FE ? B HEC . ? A HEC 128 ? 1_555 NC ? B HEC . ? A HEC 128 ? 1_555 89.0  ? 
7  NE2 ? A HIS 120 ? A HIS 120 ? 1_555 FE ? B HEC . ? A HEC 128 ? 1_555 ND ? B HEC . ? A HEC 128 ? 1_555 99.3  ? 
8  NA  ? B HEC .   ? A HEC 128 ? 1_555 FE ? B HEC . ? A HEC 128 ? 1_555 ND ? B HEC . ? A HEC 128 ? 1_555 89.4  ? 
9  NB  ? B HEC .   ? A HEC 128 ? 1_555 FE ? B HEC . ? A HEC 128 ? 1_555 ND ? B HEC . ? A HEC 128 ? 1_555 166.4 ? 
10 NC  ? B HEC .   ? A HEC 128 ? 1_555 FE ? B HEC . ? A HEC 128 ? 1_555 ND ? B HEC . ? A HEC 128 ? 1_555 90.1  ? 
# 
loop_
_pdbx_modification_feature.ordinal 
_pdbx_modification_feature.label_comp_id 
_pdbx_modification_feature.label_asym_id 
_pdbx_modification_feature.label_seq_id 
_pdbx_modification_feature.label_alt_id 
_pdbx_modification_feature.modified_residue_label_comp_id 
_pdbx_modification_feature.modified_residue_label_asym_id 
_pdbx_modification_feature.modified_residue_label_seq_id 
_pdbx_modification_feature.modified_residue_label_alt_id 
_pdbx_modification_feature.auth_comp_id 
_pdbx_modification_feature.auth_asym_id 
_pdbx_modification_feature.auth_seq_id 
_pdbx_modification_feature.PDB_ins_code 
_pdbx_modification_feature.symmetry 
_pdbx_modification_feature.modified_residue_auth_comp_id 
_pdbx_modification_feature.modified_residue_auth_asym_id 
_pdbx_modification_feature.modified_residue_auth_seq_id 
_pdbx_modification_feature.modified_residue_PDB_ins_code 
_pdbx_modification_feature.modified_residue_symmetry 
_pdbx_modification_feature.comp_id_linking_atom 
_pdbx_modification_feature.modified_residue_id_linking_atom 
_pdbx_modification_feature.modified_residue_id 
_pdbx_modification_feature.ref_pcm_id 
_pdbx_modification_feature.ref_comp_id 
_pdbx_modification_feature.type 
_pdbx_modification_feature.category 
1 PCA A 1 ? .   . .   . PCA A 1   ? 1_555 .   . .   . .     .   .  GLN 1 PCA 'Pyrrolidone carboxylic acid' 
'Named protein modification' 
2 HEC B . ? CYS A 116 ? HEC A 128 ? 1_555 CYS A 116 ? 1_555 CAB SG CYS 2 HEC None                          Heme/heme-like 
3 HEC B . ? CYS A 119 ? HEC A 128 ? 1_555 CYS A 119 ? 1_555 CAC SG CYS 3 HEC None                          Heme/heme-like 
# 
_struct_site.id                   AC1 
_struct_site.pdbx_evidence_code   Software 
_struct_site.pdbx_auth_asym_id    A 
_struct_site.pdbx_auth_comp_id    HEC 
_struct_site.pdbx_auth_seq_id     128 
_struct_site.pdbx_auth_ins_code   ? 
_struct_site.pdbx_num_residues    14 
_struct_site.details              'BINDING SITE FOR RESIDUE HEC A 128' 
# 
loop_
_struct_site_gen.id 
_struct_site_gen.site_id 
_struct_site_gen.pdbx_num_res 
_struct_site_gen.label_comp_id 
_struct_site_gen.label_asym_id 
_struct_site_gen.label_seq_id 
_struct_site_gen.pdbx_auth_ins_code 
_struct_site_gen.auth_comp_id 
_struct_site_gen.auth_asym_id 
_struct_site_gen.auth_seq_id 
_struct_site_gen.label_atom_id 
_struct_site_gen.label_alt_id 
_struct_site_gen.symmetry 
_struct_site_gen.details 
1  AC1 14 ARG A 12  ? ARG A 12   . ? 1_555  ? 
2  AC1 14 GLN A 13  ? GLN A 13   . ? 1_555  ? 
3  AC1 14 LEU A 16  ? LEU A 16   . ? 1_555  ? 
4  AC1 14 THR A 17  ? THR A 17   . ? 1_555  ? 
5  AC1 14 TRP A 56  ? TRP A 56   . ? 1_555  ? 
6  AC1 14 ASP A 67  ? ASP A 67   . ? 1_555  ? 
7  AC1 14 PHE A 86  ? PHE A 86   . ? 1_555  ? 
8  AC1 14 CYS A 116 ? CYS A 116  . ? 1_555  ? 
9  AC1 14 CYS A 119 ? CYS A 119  . ? 1_555  ? 
10 AC1 14 HIS A 120 ? HIS A 120  . ? 1_555  ? 
11 AC1 14 TYR A 123 ? TYR A 123  . ? 1_555  ? 
12 AC1 14 ARG A 124 ? ARG A 124  . ? 1_555  ? 
13 AC1 14 HOH C .   ? HOH A 2007 . ? 10_665 ? 
14 AC1 14 HOH C .   ? HOH A 2064 . ? 1_555  ? 
# 
_pdbx_entry_details.entry_id                   4CJO 
_pdbx_entry_details.compound_details           ? 
_pdbx_entry_details.source_details             ? 
_pdbx_entry_details.nonpolymer_details         ? 
_pdbx_entry_details.sequence_details           ? 
_pdbx_entry_details.has_ligand_of_interest     ? 
_pdbx_entry_details.has_protein_modification   Y 
# 
_pdbx_validate_rmsd_bond.id                        1 
_pdbx_validate_rmsd_bond.PDB_model_num             1 
_pdbx_validate_rmsd_bond.auth_atom_id_1            NE 
_pdbx_validate_rmsd_bond.auth_asym_id_1            A 
_pdbx_validate_rmsd_bond.auth_comp_id_1            ARG 
_pdbx_validate_rmsd_bond.auth_seq_id_1             69 
_pdbx_validate_rmsd_bond.PDB_ins_code_1            ? 
_pdbx_validate_rmsd_bond.label_alt_id_1            ? 
_pdbx_validate_rmsd_bond.auth_atom_id_2            CZ 
_pdbx_validate_rmsd_bond.auth_asym_id_2            A 
_pdbx_validate_rmsd_bond.auth_comp_id_2            ARG 
_pdbx_validate_rmsd_bond.auth_seq_id_2             69 
_pdbx_validate_rmsd_bond.PDB_ins_code_2            ? 
_pdbx_validate_rmsd_bond.label_alt_id_2            ? 
_pdbx_validate_rmsd_bond.bond_value                1.209 
_pdbx_validate_rmsd_bond.bond_target_value         1.326 
_pdbx_validate_rmsd_bond.bond_deviation            -0.117 
_pdbx_validate_rmsd_bond.bond_standard_deviation   0.013 
_pdbx_validate_rmsd_bond.linker_flag               N 
# 
_pdbx_struct_mod_residue.id               1 
_pdbx_struct_mod_residue.label_asym_id    A 
_pdbx_struct_mod_residue.label_comp_id    PCA 
_pdbx_struct_mod_residue.label_seq_id     1 
_pdbx_struct_mod_residue.auth_asym_id     A 
_pdbx_struct_mod_residue.auth_comp_id     PCA 
_pdbx_struct_mod_residue.auth_seq_id      1 
_pdbx_struct_mod_residue.PDB_ins_code     ? 
_pdbx_struct_mod_residue.parent_comp_id   GLU 
_pdbx_struct_mod_residue.details          'PYROGLUTAMIC ACID' 
# 
loop_
_pdbx_struct_special_symmetry.id 
_pdbx_struct_special_symmetry.PDB_model_num 
_pdbx_struct_special_symmetry.auth_asym_id 
_pdbx_struct_special_symmetry.auth_comp_id 
_pdbx_struct_special_symmetry.auth_seq_id 
_pdbx_struct_special_symmetry.PDB_ins_code 
_pdbx_struct_special_symmetry.label_asym_id 
_pdbx_struct_special_symmetry.label_comp_id 
_pdbx_struct_special_symmetry.label_seq_id 
1 1 A HOH 2011 ? C HOH . 
2 1 A HOH 2031 ? C HOH . 
# 
_pdbx_unobs_or_zero_occ_residues.id               1 
_pdbx_unobs_or_zero_occ_residues.PDB_model_num    1 
_pdbx_unobs_or_zero_occ_residues.polymer_flag     Y 
_pdbx_unobs_or_zero_occ_residues.occupancy_flag   1 
_pdbx_unobs_or_zero_occ_residues.auth_asym_id     A 
_pdbx_unobs_or_zero_occ_residues.auth_comp_id     LYS 
_pdbx_unobs_or_zero_occ_residues.auth_seq_id      127 
_pdbx_unobs_or_zero_occ_residues.PDB_ins_code     ? 
_pdbx_unobs_or_zero_occ_residues.label_asym_id    A 
_pdbx_unobs_or_zero_occ_residues.label_comp_id    LYS 
_pdbx_unobs_or_zero_occ_residues.label_seq_id     127 
# 
loop_
_chem_comp_atom.comp_id 
_chem_comp_atom.atom_id 
_chem_comp_atom.type_symbol 
_chem_comp_atom.pdbx_aromatic_flag 
_chem_comp_atom.pdbx_stereo_config 
_chem_comp_atom.pdbx_ordinal 
ALA N    N  N N 1   
ALA CA   C  N S 2   
ALA C    C  N N 3   
ALA O    O  N N 4   
ALA CB   C  N N 5   
ALA OXT  O  N N 6   
ALA H    H  N N 7   
ALA H2   H  N N 8   
ALA HA   H  N N 9   
ALA HB1  H  N N 10  
ALA HB2  H  N N 11  
ALA HB3  H  N N 12  
ALA HXT  H  N N 13  
ARG N    N  N N 14  
ARG CA   C  N S 15  
ARG C    C  N N 16  
ARG O    O  N N 17  
ARG CB   C  N N 18  
ARG CG   C  N N 19  
ARG CD   C  N N 20  
ARG NE   N  N N 21  
ARG CZ   C  N N 22  
ARG NH1  N  N N 23  
ARG NH2  N  N N 24  
ARG OXT  O  N N 25  
ARG H    H  N N 26  
ARG H2   H  N N 27  
ARG HA   H  N N 28  
ARG HB2  H  N N 29  
ARG HB3  H  N N 30  
ARG HG2  H  N N 31  
ARG HG3  H  N N 32  
ARG HD2  H  N N 33  
ARG HD3  H  N N 34  
ARG HE   H  N N 35  
ARG HH11 H  N N 36  
ARG HH12 H  N N 37  
ARG HH21 H  N N 38  
ARG HH22 H  N N 39  
ARG HXT  H  N N 40  
ASN N    N  N N 41  
ASN CA   C  N S 42  
ASN C    C  N N 43  
ASN O    O  N N 44  
ASN CB   C  N N 45  
ASN CG   C  N N 46  
ASN OD1  O  N N 47  
ASN ND2  N  N N 48  
ASN OXT  O  N N 49  
ASN H    H  N N 50  
ASN H2   H  N N 51  
ASN HA   H  N N 52  
ASN HB2  H  N N 53  
ASN HB3  H  N N 54  
ASN HD21 H  N N 55  
ASN HD22 H  N N 56  
ASN HXT  H  N N 57  
ASP N    N  N N 58  
ASP CA   C  N S 59  
ASP C    C  N N 60  
ASP O    O  N N 61  
ASP CB   C  N N 62  
ASP CG   C  N N 63  
ASP OD1  O  N N 64  
ASP OD2  O  N N 65  
ASP OXT  O  N N 66  
ASP H    H  N N 67  
ASP H2   H  N N 68  
ASP HA   H  N N 69  
ASP HB2  H  N N 70  
ASP HB3  H  N N 71  
ASP HD2  H  N N 72  
ASP HXT  H  N N 73  
CYS N    N  N N 74  
CYS CA   C  N R 75  
CYS C    C  N N 76  
CYS O    O  N N 77  
CYS CB   C  N N 78  
CYS SG   S  N N 79  
CYS OXT  O  N N 80  
CYS H    H  N N 81  
CYS H2   H  N N 82  
CYS HA   H  N N 83  
CYS HB2  H  N N 84  
CYS HB3  H  N N 85  
CYS HG   H  N N 86  
CYS HXT  H  N N 87  
GLN N    N  N N 88  
GLN CA   C  N S 89  
GLN C    C  N N 90  
GLN O    O  N N 91  
GLN CB   C  N N 92  
GLN CG   C  N N 93  
GLN CD   C  N N 94  
GLN OE1  O  N N 95  
GLN NE2  N  N N 96  
GLN OXT  O  N N 97  
GLN H    H  N N 98  
GLN H2   H  N N 99  
GLN HA   H  N N 100 
GLN HB2  H  N N 101 
GLN HB3  H  N N 102 
GLN HG2  H  N N 103 
GLN HG3  H  N N 104 
GLN HE21 H  N N 105 
GLN HE22 H  N N 106 
GLN HXT  H  N N 107 
GLU N    N  N N 108 
GLU CA   C  N S 109 
GLU C    C  N N 110 
GLU O    O  N N 111 
GLU CB   C  N N 112 
GLU CG   C  N N 113 
GLU CD   C  N N 114 
GLU OE1  O  N N 115 
GLU OE2  O  N N 116 
GLU OXT  O  N N 117 
GLU H    H  N N 118 
GLU H2   H  N N 119 
GLU HA   H  N N 120 
GLU HB2  H  N N 121 
GLU HB3  H  N N 122 
GLU HG2  H  N N 123 
GLU HG3  H  N N 124 
GLU HE2  H  N N 125 
GLU HXT  H  N N 126 
GLY N    N  N N 127 
GLY CA   C  N N 128 
GLY C    C  N N 129 
GLY O    O  N N 130 
GLY OXT  O  N N 131 
GLY H    H  N N 132 
GLY H2   H  N N 133 
GLY HA2  H  N N 134 
GLY HA3  H  N N 135 
GLY HXT  H  N N 136 
HEC FE   FE N N 137 
HEC CHA  C  N N 138 
HEC CHB  C  N N 139 
HEC CHC  C  N N 140 
HEC CHD  C  N N 141 
HEC NA   N  Y N 142 
HEC C1A  C  Y N 143 
HEC C2A  C  Y N 144 
HEC C3A  C  Y N 145 
HEC C4A  C  Y N 146 
HEC CMA  C  N N 147 
HEC CAA  C  N N 148 
HEC CBA  C  N N 149 
HEC CGA  C  N N 150 
HEC O1A  O  N N 151 
HEC O2A  O  N N 152 
HEC NB   N  Y N 153 
HEC C1B  C  Y N 154 
HEC C2B  C  Y N 155 
HEC C3B  C  Y N 156 
HEC C4B  C  Y N 157 
HEC CMB  C  N N 158 
HEC CAB  C  N N 159 
HEC CBB  C  N N 160 
HEC NC   N  Y N 161 
HEC C1C  C  Y N 162 
HEC C2C  C  Y N 163 
HEC C3C  C  Y N 164 
HEC C4C  C  Y N 165 
HEC CMC  C  N N 166 
HEC CAC  C  N N 167 
HEC CBC  C  N N 168 
HEC ND   N  Y N 169 
HEC C1D  C  Y N 170 
HEC C2D  C  Y N 171 
HEC C3D  C  Y N 172 
HEC C4D  C  Y N 173 
HEC CMD  C  N N 174 
HEC CAD  C  N N 175 
HEC CBD  C  N N 176 
HEC CGD  C  N N 177 
HEC O1D  O  N N 178 
HEC O2D  O  N N 179 
HEC HHA  H  N N 180 
HEC HHB  H  N N 181 
HEC HHC  H  N N 182 
HEC HHD  H  N N 183 
HEC HMA1 H  N N 184 
HEC HMA2 H  N N 185 
HEC HMA3 H  N N 186 
HEC HAA1 H  N N 187 
HEC HAA2 H  N N 188 
HEC HBA1 H  N N 189 
HEC HBA2 H  N N 190 
HEC H2A  H  N N 191 
HEC HMB1 H  N N 192 
HEC HMB2 H  N N 193 
HEC HMB3 H  N N 194 
HEC HAB  H  N N 195 
HEC HBB1 H  N N 196 
HEC HBB2 H  N N 197 
HEC HBB3 H  N N 198 
HEC HMC1 H  N N 199 
HEC HMC2 H  N N 200 
HEC HMC3 H  N N 201 
HEC HAC  H  N N 202 
HEC HBC1 H  N N 203 
HEC HBC2 H  N N 204 
HEC HBC3 H  N N 205 
HEC HMD1 H  N N 206 
HEC HMD2 H  N N 207 
HEC HMD3 H  N N 208 
HEC HAD1 H  N N 209 
HEC HAD2 H  N N 210 
HEC HBD1 H  N N 211 
HEC HBD2 H  N N 212 
HEC H2D  H  N N 213 
HIS N    N  N N 214 
HIS CA   C  N S 215 
HIS C    C  N N 216 
HIS O    O  N N 217 
HIS CB   C  N N 218 
HIS CG   C  Y N 219 
HIS ND1  N  Y N 220 
HIS CD2  C  Y N 221 
HIS CE1  C  Y N 222 
HIS NE2  N  Y N 223 
HIS OXT  O  N N 224 
HIS H    H  N N 225 
HIS H2   H  N N 226 
HIS HA   H  N N 227 
HIS HB2  H  N N 228 
HIS HB3  H  N N 229 
HIS HD1  H  N N 230 
HIS HD2  H  N N 231 
HIS HE1  H  N N 232 
HIS HE2  H  N N 233 
HIS HXT  H  N N 234 
HOH O    O  N N 235 
HOH H1   H  N N 236 
HOH H2   H  N N 237 
ILE N    N  N N 238 
ILE CA   C  N S 239 
ILE C    C  N N 240 
ILE O    O  N N 241 
ILE CB   C  N S 242 
ILE CG1  C  N N 243 
ILE CG2  C  N N 244 
ILE CD1  C  N N 245 
ILE OXT  O  N N 246 
ILE H    H  N N 247 
ILE H2   H  N N 248 
ILE HA   H  N N 249 
ILE HB   H  N N 250 
ILE HG12 H  N N 251 
ILE HG13 H  N N 252 
ILE HG21 H  N N 253 
ILE HG22 H  N N 254 
ILE HG23 H  N N 255 
ILE HD11 H  N N 256 
ILE HD12 H  N N 257 
ILE HD13 H  N N 258 
ILE HXT  H  N N 259 
LEU N    N  N N 260 
LEU CA   C  N S 261 
LEU C    C  N N 262 
LEU O    O  N N 263 
LEU CB   C  N N 264 
LEU CG   C  N N 265 
LEU CD1  C  N N 266 
LEU CD2  C  N N 267 
LEU OXT  O  N N 268 
LEU H    H  N N 269 
LEU H2   H  N N 270 
LEU HA   H  N N 271 
LEU HB2  H  N N 272 
LEU HB3  H  N N 273 
LEU HG   H  N N 274 
LEU HD11 H  N N 275 
LEU HD12 H  N N 276 
LEU HD13 H  N N 277 
LEU HD21 H  N N 278 
LEU HD22 H  N N 279 
LEU HD23 H  N N 280 
LEU HXT  H  N N 281 
LYS N    N  N N 282 
LYS CA   C  N S 283 
LYS C    C  N N 284 
LYS O    O  N N 285 
LYS CB   C  N N 286 
LYS CG   C  N N 287 
LYS CD   C  N N 288 
LYS CE   C  N N 289 
LYS NZ   N  N N 290 
LYS OXT  O  N N 291 
LYS H    H  N N 292 
LYS H2   H  N N 293 
LYS HA   H  N N 294 
LYS HB2  H  N N 295 
LYS HB3  H  N N 296 
LYS HG2  H  N N 297 
LYS HG3  H  N N 298 
LYS HD2  H  N N 299 
LYS HD3  H  N N 300 
LYS HE2  H  N N 301 
LYS HE3  H  N N 302 
LYS HZ1  H  N N 303 
LYS HZ2  H  N N 304 
LYS HZ3  H  N N 305 
LYS HXT  H  N N 306 
MET N    N  N N 307 
MET CA   C  N S 308 
MET C    C  N N 309 
MET O    O  N N 310 
MET CB   C  N N 311 
MET CG   C  N N 312 
MET SD   S  N N 313 
MET CE   C  N N 314 
MET OXT  O  N N 315 
MET H    H  N N 316 
MET H2   H  N N 317 
MET HA   H  N N 318 
MET HB2  H  N N 319 
MET HB3  H  N N 320 
MET HG2  H  N N 321 
MET HG3  H  N N 322 
MET HE1  H  N N 323 
MET HE2  H  N N 324 
MET HE3  H  N N 325 
MET HXT  H  N N 326 
PCA N    N  N N 327 
PCA CA   C  N S 328 
PCA CB   C  N N 329 
PCA CG   C  N N 330 
PCA CD   C  N N 331 
PCA OE   O  N N 332 
PCA C    C  N N 333 
PCA O    O  N N 334 
PCA OXT  O  N N 335 
PCA H    H  N N 336 
PCA HA   H  N N 337 
PCA HB2  H  N N 338 
PCA HB3  H  N N 339 
PCA HG2  H  N N 340 
PCA HG3  H  N N 341 
PCA HXT  H  N N 342 
PHE N    N  N N 343 
PHE CA   C  N S 344 
PHE C    C  N N 345 
PHE O    O  N N 346 
PHE CB   C  N N 347 
PHE CG   C  Y N 348 
PHE CD1  C  Y N 349 
PHE CD2  C  Y N 350 
PHE CE1  C  Y N 351 
PHE CE2  C  Y N 352 
PHE CZ   C  Y N 353 
PHE OXT  O  N N 354 
PHE H    H  N N 355 
PHE H2   H  N N 356 
PHE HA   H  N N 357 
PHE HB2  H  N N 358 
PHE HB3  H  N N 359 
PHE HD1  H  N N 360 
PHE HD2  H  N N 361 
PHE HE1  H  N N 362 
PHE HE2  H  N N 363 
PHE HZ   H  N N 364 
PHE HXT  H  N N 365 
PRO N    N  N N 366 
PRO CA   C  N S 367 
PRO C    C  N N 368 
PRO O    O  N N 369 
PRO CB   C  N N 370 
PRO CG   C  N N 371 
PRO CD   C  N N 372 
PRO OXT  O  N N 373 
PRO H    H  N N 374 
PRO HA   H  N N 375 
PRO HB2  H  N N 376 
PRO HB3  H  N N 377 
PRO HG2  H  N N 378 
PRO HG3  H  N N 379 
PRO HD2  H  N N 380 
PRO HD3  H  N N 381 
PRO HXT  H  N N 382 
SER N    N  N N 383 
SER CA   C  N S 384 
SER C    C  N N 385 
SER O    O  N N 386 
SER CB   C  N N 387 
SER OG   O  N N 388 
SER OXT  O  N N 389 
SER H    H  N N 390 
SER H2   H  N N 391 
SER HA   H  N N 392 
SER HB2  H  N N 393 
SER HB3  H  N N 394 
SER HG   H  N N 395 
SER HXT  H  N N 396 
THR N    N  N N 397 
THR CA   C  N S 398 
THR C    C  N N 399 
THR O    O  N N 400 
THR CB   C  N R 401 
THR OG1  O  N N 402 
THR CG2  C  N N 403 
THR OXT  O  N N 404 
THR H    H  N N 405 
THR H2   H  N N 406 
THR HA   H  N N 407 
THR HB   H  N N 408 
THR HG1  H  N N 409 
THR HG21 H  N N 410 
THR HG22 H  N N 411 
THR HG23 H  N N 412 
THR HXT  H  N N 413 
TRP N    N  N N 414 
TRP CA   C  N S 415 
TRP C    C  N N 416 
TRP O    O  N N 417 
TRP CB   C  N N 418 
TRP CG   C  Y N 419 
TRP CD1  C  Y N 420 
TRP CD2  C  Y N 421 
TRP NE1  N  Y N 422 
TRP CE2  C  Y N 423 
TRP CE3  C  Y N 424 
TRP CZ2  C  Y N 425 
TRP CZ3  C  Y N 426 
TRP CH2  C  Y N 427 
TRP OXT  O  N N 428 
TRP H    H  N N 429 
TRP H2   H  N N 430 
TRP HA   H  N N 431 
TRP HB2  H  N N 432 
TRP HB3  H  N N 433 
TRP HD1  H  N N 434 
TRP HE1  H  N N 435 
TRP HE3  H  N N 436 
TRP HZ2  H  N N 437 
TRP HZ3  H  N N 438 
TRP HH2  H  N N 439 
TRP HXT  H  N N 440 
TYR N    N  N N 441 
TYR CA   C  N S 442 
TYR C    C  N N 443 
TYR O    O  N N 444 
TYR CB   C  N N 445 
TYR CG   C  Y N 446 
TYR CD1  C  Y N 447 
TYR CD2  C  Y N 448 
TYR CE1  C  Y N 449 
TYR CE2  C  Y N 450 
TYR CZ   C  Y N 451 
TYR OH   O  N N 452 
TYR OXT  O  N N 453 
TYR H    H  N N 454 
TYR H2   H  N N 455 
TYR HA   H  N N 456 
TYR HB2  H  N N 457 
TYR HB3  H  N N 458 
TYR HD1  H  N N 459 
TYR HD2  H  N N 460 
TYR HE1  H  N N 461 
TYR HE2  H  N N 462 
TYR HH   H  N N 463 
TYR HXT  H  N N 464 
VAL N    N  N N 465 
VAL CA   C  N S 466 
VAL C    C  N N 467 
VAL O    O  N N 468 
VAL CB   C  N N 469 
VAL CG1  C  N N 470 
VAL CG2  C  N N 471 
VAL OXT  O  N N 472 
VAL H    H  N N 473 
VAL H2   H  N N 474 
VAL HA   H  N N 475 
VAL HB   H  N N 476 
VAL HG11 H  N N 477 
VAL HG12 H  N N 478 
VAL HG13 H  N N 479 
VAL HG21 H  N N 480 
VAL HG22 H  N N 481 
VAL HG23 H  N N 482 
VAL HXT  H  N N 483 
# 
loop_
_chem_comp_bond.comp_id 
_chem_comp_bond.atom_id_1 
_chem_comp_bond.atom_id_2 
_chem_comp_bond.value_order 
_chem_comp_bond.pdbx_aromatic_flag 
_chem_comp_bond.pdbx_stereo_config 
_chem_comp_bond.pdbx_ordinal 
ALA N   CA   sing N N 1   
ALA N   H    sing N N 2   
ALA N   H2   sing N N 3   
ALA CA  C    sing N N 4   
ALA CA  CB   sing N N 5   
ALA CA  HA   sing N N 6   
ALA C   O    doub N N 7   
ALA C   OXT  sing N N 8   
ALA CB  HB1  sing N N 9   
ALA CB  HB2  sing N N 10  
ALA CB  HB3  sing N N 11  
ALA OXT HXT  sing N N 12  
ARG N   CA   sing N N 13  
ARG N   H    sing N N 14  
ARG N   H2   sing N N 15  
ARG CA  C    sing N N 16  
ARG CA  CB   sing N N 17  
ARG CA  HA   sing N N 18  
ARG C   O    doub N N 19  
ARG C   OXT  sing N N 20  
ARG CB  CG   sing N N 21  
ARG CB  HB2  sing N N 22  
ARG CB  HB3  sing N N 23  
ARG CG  CD   sing N N 24  
ARG CG  HG2  sing N N 25  
ARG CG  HG3  sing N N 26  
ARG CD  NE   sing N N 27  
ARG CD  HD2  sing N N 28  
ARG CD  HD3  sing N N 29  
ARG NE  CZ   sing N N 30  
ARG NE  HE   sing N N 31  
ARG CZ  NH1  sing N N 32  
ARG CZ  NH2  doub N N 33  
ARG NH1 HH11 sing N N 34  
ARG NH1 HH12 sing N N 35  
ARG NH2 HH21 sing N N 36  
ARG NH2 HH22 sing N N 37  
ARG OXT HXT  sing N N 38  
ASN N   CA   sing N N 39  
ASN N   H    sing N N 40  
ASN N   H2   sing N N 41  
ASN CA  C    sing N N 42  
ASN CA  CB   sing N N 43  
ASN CA  HA   sing N N 44  
ASN C   O    doub N N 45  
ASN C   OXT  sing N N 46  
ASN CB  CG   sing N N 47  
ASN CB  HB2  sing N N 48  
ASN CB  HB3  sing N N 49  
ASN CG  OD1  doub N N 50  
ASN CG  ND2  sing N N 51  
ASN ND2 HD21 sing N N 52  
ASN ND2 HD22 sing N N 53  
ASN OXT HXT  sing N N 54  
ASP N   CA   sing N N 55  
ASP N   H    sing N N 56  
ASP N   H2   sing N N 57  
ASP CA  C    sing N N 58  
ASP CA  CB   sing N N 59  
ASP CA  HA   sing N N 60  
ASP C   O    doub N N 61  
ASP C   OXT  sing N N 62  
ASP CB  CG   sing N N 63  
ASP CB  HB2  sing N N 64  
ASP CB  HB3  sing N N 65  
ASP CG  OD1  doub N N 66  
ASP CG  OD2  sing N N 67  
ASP OD2 HD2  sing N N 68  
ASP OXT HXT  sing N N 69  
CYS N   CA   sing N N 70  
CYS N   H    sing N N 71  
CYS N   H2   sing N N 72  
CYS CA  C    sing N N 73  
CYS CA  CB   sing N N 74  
CYS CA  HA   sing N N 75  
CYS C   O    doub N N 76  
CYS C   OXT  sing N N 77  
CYS CB  SG   sing N N 78  
CYS CB  HB2  sing N N 79  
CYS CB  HB3  sing N N 80  
CYS SG  HG   sing N N 81  
CYS OXT HXT  sing N N 82  
GLN N   CA   sing N N 83  
GLN N   H    sing N N 84  
GLN N   H2   sing N N 85  
GLN CA  C    sing N N 86  
GLN CA  CB   sing N N 87  
GLN CA  HA   sing N N 88  
GLN C   O    doub N N 89  
GLN C   OXT  sing N N 90  
GLN CB  CG   sing N N 91  
GLN CB  HB2  sing N N 92  
GLN CB  HB3  sing N N 93  
GLN CG  CD   sing N N 94  
GLN CG  HG2  sing N N 95  
GLN CG  HG3  sing N N 96  
GLN CD  OE1  doub N N 97  
GLN CD  NE2  sing N N 98  
GLN NE2 HE21 sing N N 99  
GLN NE2 HE22 sing N N 100 
GLN OXT HXT  sing N N 101 
GLU N   CA   sing N N 102 
GLU N   H    sing N N 103 
GLU N   H2   sing N N 104 
GLU CA  C    sing N N 105 
GLU CA  CB   sing N N 106 
GLU CA  HA   sing N N 107 
GLU C   O    doub N N 108 
GLU C   OXT  sing N N 109 
GLU CB  CG   sing N N 110 
GLU CB  HB2  sing N N 111 
GLU CB  HB3  sing N N 112 
GLU CG  CD   sing N N 113 
GLU CG  HG2  sing N N 114 
GLU CG  HG3  sing N N 115 
GLU CD  OE1  doub N N 116 
GLU CD  OE2  sing N N 117 
GLU OE2 HE2  sing N N 118 
GLU OXT HXT  sing N N 119 
GLY N   CA   sing N N 120 
GLY N   H    sing N N 121 
GLY N   H2   sing N N 122 
GLY CA  C    sing N N 123 
GLY CA  HA2  sing N N 124 
GLY CA  HA3  sing N N 125 
GLY C   O    doub N N 126 
GLY C   OXT  sing N N 127 
GLY OXT HXT  sing N N 128 
HEC FE  NA   sing N N 129 
HEC FE  NB   sing N N 130 
HEC FE  NC   sing N N 131 
HEC FE  ND   sing N N 132 
HEC CHA C1A  doub N N 133 
HEC CHA C4D  sing N N 134 
HEC CHA HHA  sing N N 135 
HEC CHB C4A  doub N N 136 
HEC CHB C1B  sing N N 137 
HEC CHB HHB  sing N N 138 
HEC CHC C4B  doub N N 139 
HEC CHC C1C  sing N N 140 
HEC CHC HHC  sing N N 141 
HEC CHD C4C  doub N N 142 
HEC CHD C1D  sing N N 143 
HEC CHD HHD  sing N N 144 
HEC NA  C1A  sing Y N 145 
HEC NA  C4A  sing Y N 146 
HEC C1A C2A  sing Y N 147 
HEC C2A C3A  doub Y N 148 
HEC C2A CAA  sing N N 149 
HEC C3A C4A  sing Y N 150 
HEC C3A CMA  sing N N 151 
HEC CMA HMA1 sing N N 152 
HEC CMA HMA2 sing N N 153 
HEC CMA HMA3 sing N N 154 
HEC CAA CBA  sing N N 155 
HEC CAA HAA1 sing N N 156 
HEC CAA HAA2 sing N N 157 
HEC CBA CGA  sing N N 158 
HEC CBA HBA1 sing N N 159 
HEC CBA HBA2 sing N N 160 
HEC CGA O1A  doub N N 161 
HEC CGA O2A  sing N N 162 
HEC O2A H2A  sing N N 163 
HEC NB  C1B  sing Y N 164 
HEC NB  C4B  sing Y N 165 
HEC C1B C2B  doub Y N 166 
HEC C2B C3B  sing Y N 167 
HEC C2B CMB  sing N N 168 
HEC C3B C4B  sing Y N 169 
HEC C3B CAB  doub N E 170 
HEC CMB HMB1 sing N N 171 
HEC CMB HMB2 sing N N 172 
HEC CMB HMB3 sing N N 173 
HEC CAB CBB  sing N N 174 
HEC CAB HAB  sing N N 175 
HEC CBB HBB1 sing N N 176 
HEC CBB HBB2 sing N N 177 
HEC CBB HBB3 sing N N 178 
HEC NC  C1C  sing Y N 179 
HEC NC  C4C  sing Y N 180 
HEC C1C C2C  doub Y N 181 
HEC C2C C3C  sing Y N 182 
HEC C2C CMC  sing N N 183 
HEC C3C C4C  sing Y N 184 
HEC C3C CAC  doub N E 185 
HEC CMC HMC1 sing N N 186 
HEC CMC HMC2 sing N N 187 
HEC CMC HMC3 sing N N 188 
HEC CAC CBC  sing N N 189 
HEC CAC HAC  sing N N 190 
HEC CBC HBC1 sing N N 191 
HEC CBC HBC2 sing N N 192 
HEC CBC HBC3 sing N N 193 
HEC ND  C1D  sing Y N 194 
HEC ND  C4D  sing Y N 195 
HEC C1D C2D  doub Y N 196 
HEC C2D C3D  sing Y N 197 
HEC C2D CMD  sing N N 198 
HEC C3D C4D  doub Y N 199 
HEC C3D CAD  sing N N 200 
HEC CMD HMD1 sing N N 201 
HEC CMD HMD2 sing N N 202 
HEC CMD HMD3 sing N N 203 
HEC CAD CBD  sing N N 204 
HEC CAD HAD1 sing N N 205 
HEC CAD HAD2 sing N N 206 
HEC CBD CGD  sing N N 207 
HEC CBD HBD1 sing N N 208 
HEC CBD HBD2 sing N N 209 
HEC CGD O1D  doub N N 210 
HEC CGD O2D  sing N N 211 
HEC O2D H2D  sing N N 212 
HIS N   CA   sing N N 213 
HIS N   H    sing N N 214 
HIS N   H2   sing N N 215 
HIS CA  C    sing N N 216 
HIS CA  CB   sing N N 217 
HIS CA  HA   sing N N 218 
HIS C   O    doub N N 219 
HIS C   OXT  sing N N 220 
HIS CB  CG   sing N N 221 
HIS CB  HB2  sing N N 222 
HIS CB  HB3  sing N N 223 
HIS CG  ND1  sing Y N 224 
HIS CG  CD2  doub Y N 225 
HIS ND1 CE1  doub Y N 226 
HIS ND1 HD1  sing N N 227 
HIS CD2 NE2  sing Y N 228 
HIS CD2 HD2  sing N N 229 
HIS CE1 NE2  sing Y N 230 
HIS CE1 HE1  sing N N 231 
HIS NE2 HE2  sing N N 232 
HIS OXT HXT  sing N N 233 
HOH O   H1   sing N N 234 
HOH O   H2   sing N N 235 
ILE N   CA   sing N N 236 
ILE N   H    sing N N 237 
ILE N   H2   sing N N 238 
ILE CA  C    sing N N 239 
ILE CA  CB   sing N N 240 
ILE CA  HA   sing N N 241 
ILE C   O    doub N N 242 
ILE C   OXT  sing N N 243 
ILE CB  CG1  sing N N 244 
ILE CB  CG2  sing N N 245 
ILE CB  HB   sing N N 246 
ILE CG1 CD1  sing N N 247 
ILE CG1 HG12 sing N N 248 
ILE CG1 HG13 sing N N 249 
ILE CG2 HG21 sing N N 250 
ILE CG2 HG22 sing N N 251 
ILE CG2 HG23 sing N N 252 
ILE CD1 HD11 sing N N 253 
ILE CD1 HD12 sing N N 254 
ILE CD1 HD13 sing N N 255 
ILE OXT HXT  sing N N 256 
LEU N   CA   sing N N 257 
LEU N   H    sing N N 258 
LEU N   H2   sing N N 259 
LEU CA  C    sing N N 260 
LEU CA  CB   sing N N 261 
LEU CA  HA   sing N N 262 
LEU C   O    doub N N 263 
LEU C   OXT  sing N N 264 
LEU CB  CG   sing N N 265 
LEU CB  HB2  sing N N 266 
LEU CB  HB3  sing N N 267 
LEU CG  CD1  sing N N 268 
LEU CG  CD2  sing N N 269 
LEU CG  HG   sing N N 270 
LEU CD1 HD11 sing N N 271 
LEU CD1 HD12 sing N N 272 
LEU CD1 HD13 sing N N 273 
LEU CD2 HD21 sing N N 274 
LEU CD2 HD22 sing N N 275 
LEU CD2 HD23 sing N N 276 
LEU OXT HXT  sing N N 277 
LYS N   CA   sing N N 278 
LYS N   H    sing N N 279 
LYS N   H2   sing N N 280 
LYS CA  C    sing N N 281 
LYS CA  CB   sing N N 282 
LYS CA  HA   sing N N 283 
LYS C   O    doub N N 284 
LYS C   OXT  sing N N 285 
LYS CB  CG   sing N N 286 
LYS CB  HB2  sing N N 287 
LYS CB  HB3  sing N N 288 
LYS CG  CD   sing N N 289 
LYS CG  HG2  sing N N 290 
LYS CG  HG3  sing N N 291 
LYS CD  CE   sing N N 292 
LYS CD  HD2  sing N N 293 
LYS CD  HD3  sing N N 294 
LYS CE  NZ   sing N N 295 
LYS CE  HE2  sing N N 296 
LYS CE  HE3  sing N N 297 
LYS NZ  HZ1  sing N N 298 
LYS NZ  HZ2  sing N N 299 
LYS NZ  HZ3  sing N N 300 
LYS OXT HXT  sing N N 301 
MET N   CA   sing N N 302 
MET N   H    sing N N 303 
MET N   H2   sing N N 304 
MET CA  C    sing N N 305 
MET CA  CB   sing N N 306 
MET CA  HA   sing N N 307 
MET C   O    doub N N 308 
MET C   OXT  sing N N 309 
MET CB  CG   sing N N 310 
MET CB  HB2  sing N N 311 
MET CB  HB3  sing N N 312 
MET CG  SD   sing N N 313 
MET CG  HG2  sing N N 314 
MET CG  HG3  sing N N 315 
MET SD  CE   sing N N 316 
MET CE  HE1  sing N N 317 
MET CE  HE2  sing N N 318 
MET CE  HE3  sing N N 319 
MET OXT HXT  sing N N 320 
PCA N   CA   sing N N 321 
PCA N   CD   sing N N 322 
PCA N   H    sing N N 323 
PCA CA  CB   sing N N 324 
PCA CA  C    sing N N 325 
PCA CA  HA   sing N N 326 
PCA CB  CG   sing N N 327 
PCA CB  HB2  sing N N 328 
PCA CB  HB3  sing N N 329 
PCA CG  CD   sing N N 330 
PCA CG  HG2  sing N N 331 
PCA CG  HG3  sing N N 332 
PCA CD  OE   doub N N 333 
PCA C   O    doub N N 334 
PCA C   OXT  sing N N 335 
PCA OXT HXT  sing N N 336 
PHE N   CA   sing N N 337 
PHE N   H    sing N N 338 
PHE N   H2   sing N N 339 
PHE CA  C    sing N N 340 
PHE CA  CB   sing N N 341 
PHE CA  HA   sing N N 342 
PHE C   O    doub N N 343 
PHE C   OXT  sing N N 344 
PHE CB  CG   sing N N 345 
PHE CB  HB2  sing N N 346 
PHE CB  HB3  sing N N 347 
PHE CG  CD1  doub Y N 348 
PHE CG  CD2  sing Y N 349 
PHE CD1 CE1  sing Y N 350 
PHE CD1 HD1  sing N N 351 
PHE CD2 CE2  doub Y N 352 
PHE CD2 HD2  sing N N 353 
PHE CE1 CZ   doub Y N 354 
PHE CE1 HE1  sing N N 355 
PHE CE2 CZ   sing Y N 356 
PHE CE2 HE2  sing N N 357 
PHE CZ  HZ   sing N N 358 
PHE OXT HXT  sing N N 359 
PRO N   CA   sing N N 360 
PRO N   CD   sing N N 361 
PRO N   H    sing N N 362 
PRO CA  C    sing N N 363 
PRO CA  CB   sing N N 364 
PRO CA  HA   sing N N 365 
PRO C   O    doub N N 366 
PRO C   OXT  sing N N 367 
PRO CB  CG   sing N N 368 
PRO CB  HB2  sing N N 369 
PRO CB  HB3  sing N N 370 
PRO CG  CD   sing N N 371 
PRO CG  HG2  sing N N 372 
PRO CG  HG3  sing N N 373 
PRO CD  HD2  sing N N 374 
PRO CD  HD3  sing N N 375 
PRO OXT HXT  sing N N 376 
SER N   CA   sing N N 377 
SER N   H    sing N N 378 
SER N   H2   sing N N 379 
SER CA  C    sing N N 380 
SER CA  CB   sing N N 381 
SER CA  HA   sing N N 382 
SER C   O    doub N N 383 
SER C   OXT  sing N N 384 
SER CB  OG   sing N N 385 
SER CB  HB2  sing N N 386 
SER CB  HB3  sing N N 387 
SER OG  HG   sing N N 388 
SER OXT HXT  sing N N 389 
THR N   CA   sing N N 390 
THR N   H    sing N N 391 
THR N   H2   sing N N 392 
THR CA  C    sing N N 393 
THR CA  CB   sing N N 394 
THR CA  HA   sing N N 395 
THR C   O    doub N N 396 
THR C   OXT  sing N N 397 
THR CB  OG1  sing N N 398 
THR CB  CG2  sing N N 399 
THR CB  HB   sing N N 400 
THR OG1 HG1  sing N N 401 
THR CG2 HG21 sing N N 402 
THR CG2 HG22 sing N N 403 
THR CG2 HG23 sing N N 404 
THR OXT HXT  sing N N 405 
TRP N   CA   sing N N 406 
TRP N   H    sing N N 407 
TRP N   H2   sing N N 408 
TRP CA  C    sing N N 409 
TRP CA  CB   sing N N 410 
TRP CA  HA   sing N N 411 
TRP C   O    doub N N 412 
TRP C   OXT  sing N N 413 
TRP CB  CG   sing N N 414 
TRP CB  HB2  sing N N 415 
TRP CB  HB3  sing N N 416 
TRP CG  CD1  doub Y N 417 
TRP CG  CD2  sing Y N 418 
TRP CD1 NE1  sing Y N 419 
TRP CD1 HD1  sing N N 420 
TRP CD2 CE2  doub Y N 421 
TRP CD2 CE3  sing Y N 422 
TRP NE1 CE2  sing Y N 423 
TRP NE1 HE1  sing N N 424 
TRP CE2 CZ2  sing Y N 425 
TRP CE3 CZ3  doub Y N 426 
TRP CE3 HE3  sing N N 427 
TRP CZ2 CH2  doub Y N 428 
TRP CZ2 HZ2  sing N N 429 
TRP CZ3 CH2  sing Y N 430 
TRP CZ3 HZ3  sing N N 431 
TRP CH2 HH2  sing N N 432 
TRP OXT HXT  sing N N 433 
TYR N   CA   sing N N 434 
TYR N   H    sing N N 435 
TYR N   H2   sing N N 436 
TYR CA  C    sing N N 437 
TYR CA  CB   sing N N 438 
TYR CA  HA   sing N N 439 
TYR C   O    doub N N 440 
TYR C   OXT  sing N N 441 
TYR CB  CG   sing N N 442 
TYR CB  HB2  sing N N 443 
TYR CB  HB3  sing N N 444 
TYR CG  CD1  doub Y N 445 
TYR CG  CD2  sing Y N 446 
TYR CD1 CE1  sing Y N 447 
TYR CD1 HD1  sing N N 448 
TYR CD2 CE2  doub Y N 449 
TYR CD2 HD2  sing N N 450 
TYR CE1 CZ   doub Y N 451 
TYR CE1 HE1  sing N N 452 
TYR CE2 CZ   sing Y N 453 
TYR CE2 HE2  sing N N 454 
TYR CZ  OH   sing N N 455 
TYR OH  HH   sing N N 456 
TYR OXT HXT  sing N N 457 
VAL N   CA   sing N N 458 
VAL N   H    sing N N 459 
VAL N   H2   sing N N 460 
VAL CA  C    sing N N 461 
VAL CA  CB   sing N N 462 
VAL CA  HA   sing N N 463 
VAL C   O    doub N N 464 
VAL C   OXT  sing N N 465 
VAL CB  CG1  sing N N 466 
VAL CB  CG2  sing N N 467 
VAL CB  HB   sing N N 468 
VAL CG1 HG11 sing N N 469 
VAL CG1 HG12 sing N N 470 
VAL CG1 HG13 sing N N 471 
VAL CG2 HG21 sing N N 472 
VAL CG2 HG22 sing N N 473 
VAL CG2 HG23 sing N N 474 
VAL OXT HXT  sing N N 475 
# 
_atom_sites.entry_id                    4CJO 
_atom_sites.fract_transf_matrix[1][1]   0.01520953 
_atom_sites.fract_transf_matrix[1][2]   0.00553421 
_atom_sites.fract_transf_matrix[1][3]   0.01417210 
_atom_sites.fract_transf_matrix[2][1]   0.01500865 
_atom_sites.fract_transf_matrix[2][2]   -0.01428098 
_atom_sites.fract_transf_matrix[2][3]   0.00579683 
_atom_sites.fract_transf_matrix[3][1]   0.00321749 
_atom_sites.fract_transf_matrix[3][2]   0.00170893 
_atom_sites.fract_transf_matrix[3][3]   -0.00412035 
_atom_sites.fract_transf_vector[1]      0.471950 
_atom_sites.fract_transf_vector[2]      0.903271 
_atom_sites.fract_transf_vector[3]      0.110491 
# 
loop_
_atom_type.symbol 
C  
FE 
N  
O  
S  
# 
loop_
_atom_site.group_PDB 
_atom_site.id 
_atom_site.type_symbol 
_atom_site.label_atom_id 
_atom_site.label_alt_id 
_atom_site.label_comp_id 
_atom_site.label_asym_id 
_atom_site.label_entity_id 
_atom_site.label_seq_id 
_atom_site.pdbx_PDB_ins_code 
_atom_site.Cartn_x 
_atom_site.Cartn_y 
_atom_site.Cartn_z 
_atom_site.occupancy 
_atom_site.B_iso_or_equiv 
_atom_site.pdbx_formal_charge 
_atom_site.auth_seq_id 
_atom_site.auth_comp_id 
_atom_site.auth_asym_id 
_atom_site.auth_atom_id 
_atom_site.pdbx_PDB_model_num 
HETATM 1    N  N   . PCA A 1 1   ? -10.433 9.820   -14.844 1.00   17.46 ? 1    PCA A N   1 
HETATM 2    C  CA  . PCA A 1 1   ? -11.759 9.938   -14.293 1.00   17.38 ? 1    PCA A CA  1 
HETATM 3    C  CB  . PCA A 1 1   ? -11.873 8.636   -13.488 1.00   19.06 ? 1    PCA A CB  1 
HETATM 4    C  CG  . PCA A 1 1   ? -10.447 8.173   -13.239 1.00   18.15 ? 1    PCA A CG  1 
HETATM 5    C  CD  . PCA A 1 1   ? -9.638  8.955   -14.238 1.00   16.20 ? 1    PCA A CD  1 
HETATM 6    O  OE  . PCA A 1 1   ? -8.460  8.815   -14.448 1.00   17.42 ? 1    PCA A OE  1 
HETATM 7    C  C   . PCA A 1 1   ? -11.945 11.138  -13.400 1.00   18.84 ? 1    PCA A C   1 
HETATM 8    O  O   . PCA A 1 1   ? -12.928 11.198  -12.661 1.00   21.92 ? 1    PCA A O   1 
ATOM   9    N  N   . PHE A 1 2   ? -11.022 12.089  -13.475 1.00   18.01 ? 2    PHE A N   1 
ATOM   10   C  CA  . PHE A 1 2   ? -10.985 13.197  -12.533 1.00   17.78 ? 2    PHE A CA  1 
ATOM   11   C  C   . PHE A 1 2   ? -11.196 14.506  -13.282 1.00   19.97 ? 2    PHE A C   1 
ATOM   12   O  O   . PHE A 1 2   ? -10.443 14.827  -14.214 1.00   20.64 ? 2    PHE A O   1 
ATOM   13   C  CB  . PHE A 1 2   ? -9.659  13.164  -11.775 1.00   17.66 ? 2    PHE A CB  1 
ATOM   14   C  CG  . PHE A 1 2   ? -9.402  11.858  -11.107 1.00   17.58 ? 2    PHE A CG  1 
ATOM   15   C  CD1 . PHE A 1 2   ? -10.269 11.398  -10.142 1.00   18.38 ? 2    PHE A CD1 1 
ATOM   16   C  CD2 . PHE A 1 2   ? -8.285  11.111  -11.422 1.00   18.31 ? 2    PHE A CD2 1 
ATOM   17   C  CE1 . PHE A 1 2   ? -10.045 10.177  -9.500  1.00   19.40 ? 2    PHE A CE1 1 
ATOM   18   C  CE2 . PHE A 1 2   ? -8.052  9.890   -10.776 1.00   18.17 ? 2    PHE A CE2 1 
ATOM   19   C  CZ  . PHE A 1 2   ? -8.925  9.433   -9.823  1.00   18.91 ? 2    PHE A CZ  1 
ATOM   20   N  N   . ALA A 1 3   ? -12.214 15.242  -12.869 1.00   20.94 ? 3    ALA A N   1 
ATOM   21   C  CA  . ALA A 1 3   ? -12.555 16.499  -13.567 1.00   23.62 ? 3    ALA A CA  1 
ATOM   22   C  C   . ALA A 1 3   ? -11.456 17.543  -13.362 1.00   25.75 ? 3    ALA A C   1 
ATOM   23   O  O   . ALA A 1 3   ? -11.132 18.287  -14.281 1.00   28.56 ? 3    ALA A O   1 
ATOM   24   C  CB  . ALA A 1 3   ? -13.912 17.009  -13.108 1.00   23.62 ? 3    ALA A CB  1 
ATOM   25   N  N   . LYS A 1 4   ? -10.851 17.561  -12.167 1.00   23.04 ? 4    LYS A N   1 
ATOM   26   C  CA  . LYS A 1 4   ? -9.781  18.492  -11.793 1.00   23.95 ? 4    LYS A CA  1 
ATOM   27   C  C   . LYS A 1 4   ? -8.696  17.743  -11.010 1.00   24.52 ? 4    LYS A C   1 
ATOM   28   O  O   . LYS A 1 4   ? -8.967  16.701  -10.410 1.00   22.90 ? 4    LYS A O   1 
ATOM   29   C  CB  . LYS A 1 4   ? -10.355 19.629  -10.895 1.00   25.68 ? 4    LYS A CB  1 
ATOM   30   C  CG  . LYS A 1 4   ? -11.486 20.261  -11.558 0.0000 45.53 ? 4    LYS A CG  1 
ATOM   31   C  CD  . LYS A 1 4   ? -11.825 21.576  -10.867 0.0000 48.34 ? 4    LYS A CD  1 
ATOM   32   C  CE  . LYS A 1 4   ? -13.059 22.246  -11.466 0.0000 50.58 ? 4    LYS A CE  1 
ATOM   33   N  NZ  . LYS A 1 4   ? -14.339 21.734  -10.908 0.0000 52.81 ? 4    LYS A NZ  1 
ATOM   34   N  N   . PRO A 1 5   ? -7.475  18.284  -10.974 1.00   22.86 ? 5    PRO A N   1 
ATOM   35   C  CA  . PRO A 1 5   ? -6.438  17.654  -10.174 1.00   22.86 ? 5    PRO A CA  1 
ATOM   36   C  C   . PRO A 1 5   ? -6.884  17.437  -8.717  1.00   21.15 ? 5    PRO A C   1 
ATOM   37   O  O   . PRO A 1 5   ? -6.519  16.439  -8.104  1.00   19.78 ? 5    PRO A O   1 
ATOM   38   C  CB  . PRO A 1 5   ? -5.249  18.629  -10.250 1.00   26.55 ? 5    PRO A CB  1 
ATOM   39   C  CG  . PRO A 1 5   ? -5.757  19.828  -10.975 1.00   27.91 ? 5    PRO A CG  1 
ATOM   40   C  CD  . PRO A 1 5   ? -6.939  19.399  -11.779 1.00   27.55 ? 5    PRO A CD  1 
ATOM   41   N  N   . GLU A 1 6   ? -7.726  18.319  -8.186  1.00   18.79 ? 6    GLU A N   1 
ATOM   42   C  CA  . GLU A 1 6   ? -8.183  18.180  -6.824  1.00   18.79 ? 6    GLU A CA  1 
ATOM   43   C  C   . GLU A 1 6   ? -8.886  16.843  -6.602  1.00   18.16 ? 6    GLU A C   1 
ATOM   44   O  O   . GLU A 1 6   ? -8.880  16.280  -5.496  1.00   17.61 ? 6    GLU A O   1 
ATOM   45   C  CB  . GLU A 1 6   ? -9.054  19.355  -6.424  1.00   18.71 ? 6    GLU A CB  1 
ATOM   46   C  CG  . GLU A 1 6   ? -8.264  20.629  -6.140  0.50   15.51 ? 6    GLU A CG  1 
ATOM   47   C  CD  . GLU A 1 6   ? -8.007  21.513  -7.360  0.50   16.16 ? 6    GLU A CD  1 
ATOM   48   O  OE1 . GLU A 1 6   ? -8.199  21.083  -8.505  0.50   12.16 ? 6    GLU A OE1 1 
ATOM   49   O  OE2 . GLU A 1 6   ? -7.645  22.699  -7.114  0.50   16.84 ? 6    GLU A OE2 1 
ATOM   50   N  N   . ASP A 1 7   ? -9.571  16.372  -7.646  1.00   18.53 ? 7    ASP A N   1 
ATOM   51   C  CA  . ASP A 1 7   ? -10.330 15.161  -7.512  1.00   17.41 ? 7    ASP A CA  1 
ATOM   52   C  C   . ASP A 1 7   ? -9.407  13.936  -7.476  1.00   16.09 ? 7    ASP A C   1 
ATOM   53   O  O   . ASP A 1 7   ? -9.685  12.951  -6.781  1.00   15.78 ? 7    ASP A O   1 
ATOM   54   C  CB  . ASP A 1 7   ? -11.322 15.032  -8.681  1.00   19.20 ? 7    ASP A CB  1 
ATOM   55   C  CG  . ASP A 1 7   ? -12.331 16.166  -8.686  1.00   21.59 ? 7    ASP A CG  1 
ATOM   56   O  OD1 . ASP A 1 7   ? -12.928 16.429  -7.634  1.00   23.88 ? 7    ASP A OD1 1 
ATOM   57   O  OD2 . ASP A 1 7   ? -12.485 16.812  -9.763  1.00   24.55 ? 7    ASP A OD2 1 
ATOM   58   N  N   . ALA A 1 8   ? -8.303  14.011  -8.193  1.00   16.29 ? 8    ALA A N   1 
ATOM   59   C  CA  . ALA A 1 8   ? -7.312  12.937  -8.166  1.00   16.44 ? 8    ALA A CA  1 
ATOM   60   C  C   . ALA A 1 8   ? -6.657  12.918  -6.805  1.00   16.89 ? 8    ALA A C   1 
ATOM   61   O  O   . ALA A 1 8   ? -6.361  11.855  -6.257  1.00   14.36 ? 8    ALA A O   1 
ATOM   62   C  CB  . ALA A 1 8   ? -6.280  13.129  -9.252  1.00   18.90 ? 8    ALA A CB  1 
ATOM   63   N  N   . VAL A 1 9   ? -6.436  14.094  -6.225  1.00   15.59 ? 9    VAL A N   1 
ATOM   64   C  CA  . VAL A 1 9   ? -5.796  14.138  -4.917  1.00   15.35 ? 9    VAL A CA  1 
ATOM   65   C  C   . VAL A 1 9   ? -6.733  13.497  -3.903  1.00   14.05 ? 9    VAL A C   1 
ATOM   66   O  O   . VAL A 1 9   ? -6.298  12.712  -3.067  1.00   14.15 ? 9    VAL A O   1 
ATOM   67   C  CB  . VAL A 1 9   ? -5.465  15.577  -4.472  1.00   15.94 ? 9    VAL A CB  1 
ATOM   68   C  CG1 . VAL A 1 9   ? -4.975  15.622  -3.046  1.00   17.68 ? 9    VAL A CG1 1 
ATOM   69   C  CG2 . VAL A 1 9   ? -4.434  16.185  -5.402  1.00   16.65 ? 9    VAL A CG2 1 
ATOM   70   N  N   . LYS A 1 10  ? -8.017  13.869  -3.985  1.00   13.71 ? 10   LYS A N   1 
ATOM   71   C  CA  . LYS A 1 10  ? -8.993  13.340  -3.042  1.00   14.27 ? 10   LYS A CA  1 
ATOM   72   C  C   . LYS A 1 10  ? -9.055  11.815  -3.168  1.00   13.63 ? 10   LYS A C   1 
ATOM   73   O  O   . LYS A 1 10  ? -9.190  11.096  -2.175  1.00   13.88 ? 10   LYS A O   1 
ATOM   74   C  CB  . LYS A 1 10  ? -10.394 13.954  -3.220  1.00   15.60 ? 10   LYS A CB  1 
ATOM   75   C  CG  . LYS A 1 10  ? -11.363 13.493  -2.135  0.50   14.56 ? 10   LYS A CG  1 
ATOM   76   C  CD  . LYS A 1 10  ? -12.710 14.222  -2.196  0.50   15.14 ? 10   LYS A CD  1 
ATOM   77   C  CE  . LYS A 1 10  ? -13.484 14.079  -0.983  0.0000 31.42 ? 10   LYS A CE  1 
ATOM   78   N  NZ  . LYS A 1 10  ? -14.848 14.655  -1.135  0.0000 33.97 ? 10   LYS A NZ  1 
ATOM   79   N  N   . TYR A 1 11  ? -9.049  11.332  -4.400  1.00   13.89 ? 11   TYR A N   1 
ATOM   80   C  CA  . TYR A 1 11  ? -9.115  9.892   -4.667  1.00   12.71 ? 11   TYR A CA  1 
ATOM   81   C  C   . TYR A 1 11  ? -7.918  9.163   -4.041  1.00   12.48 ? 11   TYR A C   1 
ATOM   82   O  O   . TYR A 1 11  ? -8.081  8.167   -3.315  1.00   12.87 ? 11   TYR A O   1 
ATOM   83   C  CB  . TYR A 1 11  ? -9.187  9.633   -6.150  1.00   13.18 ? 11   TYR A CB  1 
ATOM   84   C  CG  . TYR A 1 11  ? -9.230  8.156   -6.529  1.00   12.00 ? 11   TYR A CG  1 
ATOM   85   C  CD1 . TYR A 1 11  ? -8.094  7.412   -6.523  1.00   12.77 ? 11   TYR A CD1 1 
ATOM   86   C  CD2 . TYR A 1 11  ? -10.445 7.534   -6.821  1.00   12.36 ? 11   TYR A CD2 1 
ATOM   87   C  CE1 . TYR A 1 11  ? -8.101  6.063   -6.881  1.00   12.76 ? 11   TYR A CE1 1 
ATOM   88   C  CE2 . TYR A 1 11  ? -10.478 6.176   -7.154  1.00   12.95 ? 11   TYR A CE2 1 
ATOM   89   C  CZ  . TYR A 1 11  ? -9.300  5.452   -7.169  1.00   12.96 ? 11   TYR A CZ  1 
ATOM   90   O  OH  . TYR A 1 11  ? -9.312  4.082   -7.467  1.00   13.69 ? 11   TYR A OH  1 
ATOM   91   N  N   . ARG A 1 12  ? -6.714  9.614   -4.345  1.00   12.90 ? 12   ARG A N   1 
ATOM   92   C  CA  . ARG A 1 12  ? -5.549  8.886   -3.871  1.00   12.40 ? 12   ARG A CA  1 
ATOM   93   C  C   . ARG A 1 12  ? -5.464  8.892   -2.363  1.00   12.47 ? 12   ARG A C   1 
ATOM   94   O  O   . ARG A 1 12  ? -5.092  7.907   -1.755  1.00   14.15 ? 12   ARG A O   1 
ATOM   95   C  CB  . ARG A 1 12  ? -4.252  9.319   -4.574  1.00   13.50 ? 12   ARG A CB  1 
ATOM   96   C  CG  . ARG A 1 12  ? -3.701  10.697  -4.168  1.00   13.72 ? 12   ARG A CG  1 
ATOM   97   C  CD  . ARG A 1 12  ? -2.913  11.272  -5.334  1.00   13.97 ? 12   ARG A CD  1 
ATOM   98   N  NE  . ARG A 1 12  ? -2.240  12.529  -4.998  1.00   14.95 ? 12   ARG A NE  1 
ATOM   99   C  CZ  . ARG A 1 12  ? -1.819  13.414  -5.906  1.00   15.81 ? 12   ARG A CZ  1 
ATOM   100  N  NH1 . ARG A 1 12  ? -2.053  13.240  -7.203  1.00   16.43 ? 12   ARG A NH1 1 
ATOM   101  N  NH2 . ARG A 1 12  ? -1.171  14.520  -5.503  1.00   16.63 ? 12   ARG A NH2 1 
ATOM   102  N  N   . GLN A 1 13  ? -5.778  10.023  -1.735  1.00   13.23 ? 13   GLN A N   1 
ATOM   103  C  CA  . GLN A 1 13  ? -5.757  10.094  -0.279  1.00   13.21 ? 13   GLN A CA  1 
ATOM   104  C  C   . GLN A 1 13  ? -6.781  9.124   0.351   1.00   14.92 ? 13   GLN A C   1 
ATOM   105  O  O   . GLN A 1 13  ? -6.502  8.446   1.347   1.00   15.51 ? 13   GLN A O   1 
ATOM   106  C  CB  . GLN A 1 13  ? -6.022  11.541  0.170   1.00   14.34 ? 13   GLN A CB  1 
ATOM   107  C  CG  . GLN A 1 13  ? -4.869  12.437  -0.160  1.00   15.67 ? 13   GLN A CG  1 
ATOM   108  C  CD  . GLN A 1 13  ? -5.098  13.890  0.260   1.00   16.39 ? 13   GLN A CD  1 
ATOM   109  O  OE1 . GLN A 1 13  ? -6.218  14.284  0.547   1.00   17.95 ? 13   GLN A OE1 1 
ATOM   110  N  NE2 . GLN A 1 13  ? -4.009  14.673  0.295   1.00   16.41 ? 13   GLN A NE2 1 
ATOM   111  N  N   . SER A 1 14  ? -7.944  9.000   -0.269  1.00   13.61 ? 14   SER A N   1 
ATOM   112  C  CA  . SER A 1 14  ? -8.943  8.065   0.206   1.00   13.55 ? 14   SER A CA  1 
ATOM   113  C  C   . SER A 1 14  ? -8.470  6.632   0.072   1.00   12.82 ? 14   SER A C   1 
ATOM   114  O  O   . SER A 1 14  ? -8.624  5.823   0.993   1.00   12.88 ? 14   SER A O   1 
ATOM   115  C  CB  . SER A 1 14  ? -10.241 8.251   -0.565  1.00   14.51 ? 14   SER A CB  1 
ATOM   116  O  OG  . SER A 1 14  ? -10.793 9.498   -0.248  1.00   18.92 ? 14   SER A OG  1 
ATOM   117  N  N   . ALA A 1 15  ? -7.890  6.320   -1.088  1.00   13.88 ? 15   ALA A N   1 
ATOM   118  C  CA  . ALA A 1 15  ? -7.384  4.961   -1.334  1.00   12.64 ? 15   ALA A CA  1 
ATOM   119  C  C   . ALA A 1 15  ? -6.291  4.593   -0.332  1.00   13.51 ? 15   ALA A C   1 
ATOM   120  O  O   . ALA A 1 15  ? -6.287  3.516   0.208   1.00   13.91 ? 15   ALA A O   1 
ATOM   121  C  CB  . ALA A 1 15  ? -6.812  4.876   -2.705  1.00   12.76 ? 15   ALA A CB  1 
ATOM   122  N  N   . LEU A 1 16  ? -5.347  5.518   -0.122  1.00   13.06 ? 16   LEU A N   1 
ATOM   123  C  CA  . LEU A 1 16  ? -4.240  5.287   0.814   1.00   13.07 ? 16   LEU A CA  1 
ATOM   124  C  C   . LEU A 1 16  ? -4.747  5.167   2.245   1.00   13.73 ? 16   LEU A C   1 
ATOM   125  O  O   . LEU A 1 16  ? -4.275  4.330   3.009   1.00   13.69 ? 16   LEU A O   1 
ATOM   126  C  CB  . LEU A 1 16  ? -3.183  6.384   0.658   1.00   13.73 ? 16   LEU A CB  1 
ATOM   127  C  CG  . LEU A 1 16  ? -2.501  6.373   -0.705  1.00   14.63 ? 16   LEU A CG  1 
ATOM   128  C  CD1 . LEU A 1 16  ? -1.850  7.675   -1.074  1.00   15.93 ? 16   LEU A CD1 1 
ATOM   129  C  CD2 . LEU A 1 16  ? -1.444  5.268   -0.681  1.00   16.13 ? 16   LEU A CD2 1 
ATOM   130  N  N   . THR A 1 17  ? -5.771  5.952   2.606   1.00   12.77 ? 17   THR A N   1 
ATOM   131  C  CA  . THR A 1 17  ? -6.437  5.778   3.875   1.00   13.86 ? 17   THR A CA  1 
ATOM   132  C  C   . THR A 1 17  ? -6.981  4.365   4.064   1.00   14.61 ? 17   THR A C   1 
ATOM   133  O  O   . THR A 1 17  ? -6.814  3.749   5.138   1.00   15.25 ? 17   THR A O   1 
ATOM   134  C  CB  . THR A 1 17  ? -7.531  6.850   4.073   1.00   14.18 ? 17   THR A CB  1 
ATOM   135  O  OG1 . THR A 1 17  ? -6.922  8.145   4.166   1.00   16.13 ? 17   THR A OG1 1 
ATOM   136  C  CG2 . THR A 1 17  ? -8.283  6.613   5.332   1.00   14.79 ? 17   THR A CG2 1 
ATOM   137  N  N   . LEU A 1 18  ? -7.642  3.820   3.043   1.00   15.17 ? 18   LEU A N   1 
ATOM   138  C  CA  . LEU A 1 18  ? -8.225  2.472   3.215   1.00   15.75 ? 18   LEU A CA  1 
ATOM   139  C  C   . LEU A 1 18  ? -7.125  1.432   3.276   1.00   17.46 ? 18   LEU A C   1 
ATOM   140  O  O   . LEU A 1 18  ? -7.173  0.494   4.040   1.00   16.32 ? 18   LEU A O   1 
ATOM   141  C  CB  . LEU A 1 18  ? -9.196  2.130   2.113   1.00   19.02 ? 18   LEU A CB  1 
ATOM   142  C  CG  . LEU A 1 18  ? -10.418 3.032   2.045   1.00   21.55 ? 18   LEU A CG  1 
ATOM   143  C  CD1 . LEU A 1 18  ? -11.196 2.717   0.780   1.00   24.26 ? 18   LEU A CD1 1 
ATOM   144  C  CD2 . LEU A 1 18  ? -11.314 2.891   3.282   1.00   22.31 ? 18   LEU A CD2 1 
ATOM   145  N  N   . MET A 1 19  ? -6.120  1.597   2.431   1.00   17.76 ? 19   MET A N   1 
ATOM   146  C  CA  . MET A 1 19  ? -4.950  0.696   2.519   1.00   19.92 ? 19   MET A CA  1 
ATOM   147  C  C   . MET A 1 19  ? -4.353  0.640   3.903   1.00   20.44 ? 19   MET A C   1 
ATOM   148  O  O   . MET A 1 19  ? -4.049  -0.432  4.459   1.00   19.79 ? 19   MET A O   1 
ATOM   149  C  CB  . MET A 1 19  ? -3.884  1.215   1.574   1.00   23.39 ? 19   MET A CB  1 
ATOM   150  C  CG  . MET A 1 19  ? -4.161  0.876   0.175   1.00   22.70 ? 19   MET A CG  1 
ATOM   151  S  SD  . MET A 1 19  ? -2.979  1.688   -0.936  1.00   26.59 ? 19   MET A SD  1 
ATOM   152  C  CE  . MET A 1 19  ? -1.560  0.945   -0.394  1.00   20.16 ? 19   MET A CE  1 
ATOM   153  N  N   . ALA A 1 20  ? -4.139  1.806   4.477   1.00   17.54 ? 20   ALA A N   1 
ATOM   154  C  CA  . ALA A 1 20  ? -3.567  1.948   5.749   1.00   19.44 ? 20   ALA A CA  1 
ATOM   155  C  C   . ALA A 1 20  ? -4.414  1.176   6.747   1.00   18.13 ? 20   ALA A C   1 
ATOM   156  O  O   . ALA A 1 20  ? -3.883  0.482   7.603   1.00   18.50 ? 20   ALA A O   1 
ATOM   157  C  CB  . ALA A 1 20  ? -3.484  3.403   6.126   1.00   22.17 ? 20   ALA A CB  1 
ATOM   158  N  N   . SER A 1 21  ? -5.729  1.267   6.624   1.00   16.28 ? 21   SER A N   1 
ATOM   159  C  CA  . SER A 1 21  ? -6.584  0.557   7.578   1.00   14.73 ? 21   SER A CA  1 
ATOM   160  C  C   . SER A 1 21  ? -6.475  -0.969  7.411   1.00   14.56 ? 21   SER A C   1 
ATOM   161  O  O   . SER A 1 21  ? -6.437  -1.718  8.393   1.00   16.47 ? 21   SER A O   1 
ATOM   162  C  CB  . SER A 1 21  ? -8.036  0.985   7.415   1.00   14.39 ? 21   SER A CB  1 
ATOM   163  O  OG  . SER A 1 21  ? -8.866  0.331   8.377   1.00   13.92 ? 21   SER A OG  1 
ATOM   164  N  N   . HIS A 1 22  ? -6.457  -1.403  6.165   1.00   14.91 ? 22   HIS A N   1 
ATOM   165  C  CA  . HIS A 1 22  ? -6.476  -2.840  5.890   1.00   14.24 ? 22   HIS A CA  1 
ATOM   166  C  C   . HIS A 1 22  ? -5.125  -3.451  6.219   1.00   14.32 ? 22   HIS A C   1 
ATOM   167  O  O   . HIS A 1 22  ? -5.087  -4.622  6.601   1.00   15.51 ? 22   HIS A O   1 
ATOM   168  C  CB  . HIS A 1 22  ? -7.041  -3.170  4.523   1.00   14.14 ? 22   HIS A CB  1 
ATOM   169  C  CG  . HIS A 1 22  ? -8.530  -3.080  4.511   1.00   14.52 ? 22   HIS A CG  1 
ATOM   170  N  ND1 . HIS A 1 22  ? -9.316  -4.134  4.900   1.00   14.03 ? 22   HIS A ND1 1 
ATOM   171  C  CD2 . HIS A 1 22  ? -9.378  -2.052  4.267   1.00   13.94 ? 22   HIS A CD2 1 
ATOM   172  C  CE1 . HIS A 1 22  ? -10.586 -3.780  4.854   1.00   14.39 ? 22   HIS A CE1 1 
ATOM   173  N  NE2 . HIS A 1 22  ? -10.645 -2.508  4.515   1.00   15.30 ? 22   HIS A NE2 1 
ATOM   174  N  N   . PHE A 1 23  ? -4.054  -2.691  6.091   1.00   13.71 ? 23   PHE A N   1 
ATOM   175  C  CA  . PHE A 1 23  ? -2.738  -3.142  6.512   1.00   14.10 ? 23   PHE A CA  1 
ATOM   176  C  C   . PHE A 1 23  ? -2.626  -3.084  8.007   1.00   16.79 ? 23   PHE A C   1 
ATOM   177  O  O   . PHE A 1 23  ? -2.290  -4.084  8.663   1.00   16.83 ? 23   PHE A O   1 
ATOM   178  C  CB  . PHE A 1 23  ? -1.634  -2.254  5.877   1.00   15.13 ? 23   PHE A CB  1 
ATOM   179  C  CG  . PHE A 1 23  ? -0.221  -2.689  6.211   1.00   15.14 ? 23   PHE A CG  1 
ATOM   180  C  CD1 . PHE A 1 23  ? 0.257   -3.866  5.734   1.00   17.62 ? 23   PHE A CD1 1 
ATOM   181  C  CD2 . PHE A 1 23  ? 0.589   -1.889  7.004   1.00   18.47 ? 23   PHE A CD2 1 
ATOM   182  C  CE1 . PHE A 1 23  ? 1.572   -4.276  6.013   1.00   18.82 ? 23   PHE A CE1 1 
ATOM   183  C  CE2 . PHE A 1 23  ? 1.900   -2.285  7.287   1.00   19.10 ? 23   PHE A CE2 1 
ATOM   184  C  CZ  . PHE A 1 23  ? 2.361   -3.474  6.808   1.00   19.23 ? 23   PHE A CZ  1 
ATOM   185  N  N   . GLY A 1 24  ? -2.837  -1.911  8.587   1.00   16.53 ? 24   GLY A N   1 
ATOM   186  C  CA  . GLY A 1 24  ? -2.553  -1.722  10.012  1.00   16.84 ? 24   GLY A CA  1 
ATOM   187  C  C   . GLY A 1 24  ? -3.403  -2.568  10.940  1.00   15.50 ? 24   GLY A C   1 
ATOM   188  O  O   . GLY A 1 24  ? -2.942  -2.893  12.037  1.00   15.23 ? 24   GLY A O   1 
ATOM   189  N  N   . ARG A 1 25  ? -4.633  -2.865  10.561  1.00   15.53 ? 25   ARG A N   1 
ATOM   190  C  CA  . ARG A 1 25  ? -5.532  -3.669  11.385  1.00   14.94 ? 25   ARG A CA  1 
ATOM   191  C  C   . ARG A 1 25  ? -4.976  -5.072  11.616  1.00   14.61 ? 25   ARG A C   1 
ATOM   192  O  O   . ARG A 1 25  ? -5.421  -5.755  12.496  1.00   15.18 ? 25   ARG A O   1 
ATOM   193  C  CB  . ARG A 1 25  ? -6.946  -3.759  10.812  1.00   15.07 ? 25   ARG A CB  1 
ATOM   194  C  CG  . ARG A 1 25  ? -7.090  -4.632  9.582   1.00   15.97 ? 25   ARG A CG  1 
ATOM   195  C  CD  . ARG A 1 25  ? -8.480  -4.650  9.019   1.00   15.66 ? 25   ARG A CD  1 
ATOM   196  N  NE  . ARG A 1 25  ? -9.025  -3.316  8.693   1.00   14.74 ? 25   ARG A NE  1 
ATOM   197  C  CZ  . ARG A 1 25  ? -10.327 -3.072  8.499   1.00   15.44 ? 25   ARG A CZ  1 
ATOM   198  N  NH1 . ARG A 1 25  ? -11.193 -4.060  8.572   1.00   15.33 ? 25   ARG A NH1 1 
ATOM   199  N  NH2 . ARG A 1 25  ? -10.753 -1.838  8.241   1.00   15.42 ? 25   ARG A NH2 1 
ATOM   200  N  N   . MET A 1 26  ? -3.985  -5.494  10.846  1.00   14.21 ? 26   MET A N   1 
ATOM   201  C  CA  . MET A 1 26  ? -3.373  -6.810  11.093  1.00   15.14 ? 26   MET A CA  1 
ATOM   202  C  C   . MET A 1 26  ? -2.235  -6.782  12.106  1.00   16.69 ? 26   MET A C   1 
ATOM   203  O  O   . MET A 1 26  ? -1.712  -7.838  12.501  1.00   16.45 ? 26   MET A O   1 
ATOM   204  C  CB  . MET A 1 26  ? -2.860  -7.370  9.781   1.00   15.85 ? 26   MET A CB  1 
ATOM   205  C  CG  . MET A 1 26  ? -4.005  -7.729  8.849   1.00   17.56 ? 26   MET A CG  1 
ATOM   206  S  SD  . MET A 1 26  ? -3.524  -8.621  7.364   1.00   18.06 ? 26   MET A SD  1 
ATOM   207  C  CE  . MET A 1 26  ? -2.658  -7.378  6.498   1.00   18.79 ? 26   MET A CE  1 
ATOM   208  N  N   . THR A 1 27  ? -1.782  -5.598  12.465  1.00   16.28 ? 27   THR A N   1 
ATOM   209  C  CA  . THR A 1 27  ? -0.642  -5.446  13.387  1.00   16.07 ? 27   THR A CA  1 
ATOM   210  C  C   . THR A 1 27  ? -0.805  -6.309  14.662  1.00   16.92 ? 27   THR A C   1 
ATOM   211  O  O   . THR A 1 27  ? 0.139   -7.025  15.002  1.00   17.86 ? 27   THR A O   1 
ATOM   212  C  CB  . THR A 1 27  ? -0.344  -3.977  13.752  1.00   18.67 ? 27   THR A CB  1 
ATOM   213  O  OG1 . THR A 1 27  ? 0.000   -3.227  12.575  1.00   20.40 ? 27   THR A OG1 1 
ATOM   214  C  CG2 . THR A 1 27  ? 0.841   -3.896  14.705  1.00   21.71 ? 27   THR A CG2 1 
ATOM   215  N  N   . PRO A 1 28  ? -1.962  -6.244  15.369  1.00   15.26 ? 28   PRO A N   1 
ATOM   216  C  CA  . PRO A 1 28  ? -2.093  -7.082  16.573  1.00   16.63 ? 28   PRO A CA  1 
ATOM   217  C  C   . PRO A 1 28  ? -1.979  -8.589  16.296  1.00   16.52 ? 28   PRO A C   1 
ATOM   218  O  O   . PRO A 1 28  ? -1.479  -9.334  17.151  1.00   18.48 ? 28   PRO A O   1 
ATOM   219  C  CB  . PRO A 1 28  ? -3.472  -6.736  17.121  1.00   17.49 ? 28   PRO A CB  1 
ATOM   220  C  CG  . PRO A 1 28  ? -3.787  -5.388  16.554  1.00   18.15 ? 28   PRO A CG  1 
ATOM   221  C  CD  . PRO A 1 28  ? -3.170  -5.403  15.176  1.00   18.46 ? 28   PRO A CD  1 
ATOM   222  N  N   . VAL A 1 29  ? -2.416  -9.012  15.117  1.00   16.00 ? 29   VAL A N   1 
ATOM   223  C  CA  . VAL A 1 29  ? -2.381  -10.423 14.758  1.00   15.78 ? 29   VAL A CA  1 
ATOM   224  C  C   . VAL A 1 29  ? -0.925  -10.861 14.551  1.00   19.73 ? 29   VAL A C   1 
ATOM   225  O  O   . VAL A 1 29  ? -0.477  -11.902 15.069  1.00   18.20 ? 29   VAL A O   1 
ATOM   226  C  CB  . VAL A 1 29  ? -3.231  -10.746 13.506  1.00   17.52 ? 29   VAL A CB  1 
ATOM   227  C  CG1 . VAL A 1 29  ? -3.071  -12.209 13.136  1.00   16.90 ? 29   VAL A CG1 1 
ATOM   228  C  CG2 . VAL A 1 29  ? -4.696  -10.435 13.780  1.00   17.68 ? 29   VAL A CG2 1 
ATOM   229  N  N   . VAL A 1 30  ? -0.189  -10.077 13.781  1.00   18.81 ? 30   VAL A N   1 
ATOM   230  C  CA  . VAL A 1 30  ? 1.221   -10.354 13.515  1.00   20.53 ? 30   VAL A CA  1 
ATOM   231  C  C   . VAL A 1 30  ? 2.014   -10.415 14.826  1.00   22.06 ? 30   VAL A C   1 
ATOM   232  O  O   . VAL A 1 30  ? 2.951   -11.216 14.979  1.00   24.84 ? 30   VAL A O   1 
ATOM   233  C  CB  . VAL A 1 30  ? 1.767   -9.263  12.546  1.00   21.57 ? 30   VAL A CB  1 
ATOM   234  C  CG1 . VAL A 1 30  ? 3.254   -9.019  12.722  1.00   24.97 ? 30   VAL A CG1 1 
ATOM   235  C  CG2 . VAL A 1 30  ? 1.375   -9.629  11.125  1.00   21.29 ? 30   VAL A CG2 1 
ATOM   236  N  N   . LYS A 1 31  ? 1.658   -9.563  15.784  1.00   19.27 ? 31   LYS A N   1 
ATOM   237  C  CA  . LYS A 1 31  ? 2.348   -9.547  17.069  1.00   19.07 ? 31   LYS A CA  1 
ATOM   238  C  C   . LYS A 1 31  ? 1.843   -10.591 18.060  1.00   19.59 ? 31   LYS A C   1 
ATOM   239  O  O   . LYS A 1 31  ? 2.393   -10.698 19.126  1.00   19.33 ? 31   LYS A O   1 
ATOM   240  C  CB  . LYS A 1 31  ? 2.180   -8.196  17.720  1.00   19.77 ? 31   LYS A CB  1 
ATOM   241  C  CG  . LYS A 1 31  ? 2.872   -7.073  16.971  0.50   17.62 ? 31   LYS A CG  1 
ATOM   242  C  CD  . LYS A 1 31  ? 2.614   -5.741  17.633  0.50   17.03 ? 31   LYS A CD  1 
ATOM   243  C  CE  . LYS A 1 31  ? 3.513   -4.682  17.019  0.50   18.61 ? 31   LYS A CE  1 
ATOM   244  N  NZ  . LYS A 1 31  ? 3.576   -3.418  17.816  0.0000 47.05 ? 31   LYS A NZ  1 
ATOM   245  N  N   . GLY A 1 32  ? 0.787   -11.321 17.738  1.00   18.71 ? 32   GLY A N   1 
ATOM   246  C  CA  . GLY A 1 32  ? 0.200   -12.294 18.670  1.00   18.25 ? 32   GLY A CA  1 
ATOM   247  C  C   . GLY A 1 32  ? -0.692  -11.736 19.739  1.00   19.15 ? 32   GLY A C   1 
ATOM   248  O  O   . GLY A 1 32  ? -1.141  -12.492 20.604  1.00   18.43 ? 32   GLY A O   1 
ATOM   249  N  N   . GLN A 1 33  ? -0.934  -10.420 19.729  1.00   16.00 ? 33   GLN A N   1 
ATOM   250  C  CA  . GLN A 1 33  ? -1.850  -9.771  20.649  1.00   17.60 ? 33   GLN A CA  1 
ATOM   251  C  C   . GLN A 1 33  ? -3.332  -10.080 20.367  1.00   16.21 ? 33   GLN A C   1 
ATOM   252  O  O   . GLN A 1 33  ? -4.200  -9.876  21.229  1.00   17.09 ? 33   GLN A O   1 
ATOM   253  C  CB  . GLN A 1 33  ? -1.612  -8.270  20.626  1.00   20.23 ? 33   GLN A CB  1 
ATOM   254  C  CG  . GLN A 1 33  ? -0.225  -7.904  21.146  1.00   24.28 ? 33   GLN A CG  1 
ATOM   255  C  CD  . GLN A 1 33  ? 0.076   -6.414  20.950  1.00   28.40 ? 33   GLN A CD  1 
ATOM   256  O  OE1 . GLN A 1 33  ? -0.475  -5.779  20.060  1.00   37.76 ? 33   GLN A OE1 1 
ATOM   257  N  NE2 . GLN A 1 33  ? 0.924   -5.866  21.793  1.00   36.11 ? 33   GLN A NE2 1 
ATOM   258  N  N   . ALA A 1 34  ? -3.618  -10.520 19.164  1.00   15.08 ? 34   ALA A N   1 
ATOM   259  C  CA  . ALA A 1 34  ? -4.943  -10.936 18.763  1.00   16.65 ? 34   ALA A CA  1 
ATOM   260  C  C   . ALA A 1 34  ? -4.761  -12.281 18.066  1.00   15.57 ? 34   ALA A C   1 
ATOM   261  O  O   . ALA A 1 34  ? -3.717  -12.543 17.522  1.00   16.11 ? 34   ALA A O   1 
ATOM   262  C  CB  . ALA A 1 34  ? -5.539  -9.906  17.810  1.00   18.68 ? 34   ALA A CB  1 
ATOM   263  N  N   . PRO A 1 35  ? -5.788  -13.146 18.104  1.00   15.83 ? 35   PRO A N   1 
ATOM   264  C  CA  . PRO A 1 35  ? -5.692  -14.473 17.511  1.00   16.22 ? 35   PRO A CA  1 
ATOM   265  C  C   . PRO A 1 35  ? -5.562  -14.457 16.002  1.00   16.61 ? 35   PRO A C   1 
ATOM   266  O  O   . PRO A 1 35  ? -6.030  -13.528 15.350  1.00   17.62 ? 35   PRO A O   1 
ATOM   267  C  CB  . PRO A 1 35  ? -7.011  -15.155 17.925  1.00   19.11 ? 35   PRO A CB  1 
ATOM   268  C  CG  . PRO A 1 35  ? -7.891  -14.120 18.415  1.00   18.15 ? 35   PRO A CG  1 
ATOM   269  C  CD  . PRO A 1 35  ? -7.110  -12.870 18.672  1.00   16.43 ? 35   PRO A CD  1 
ATOM   270  N  N   . TYR A 1 36  ? -4.973  -15.498 15.470  1.00   16.76 ? 36   TYR A N   1 
ATOM   271  C  CA  . TYR A 1 36  ? -4.782  -15.713 14.056  1.00   18.46 ? 36   TYR A CA  1 
ATOM   272  C  C   . TYR A 1 36  ? -5.847  -16.667 13.546  1.00   19.14 ? 36   TYR A C   1 
ATOM   273  O  O   . TYR A 1 36  ? -5.845  -17.861 13.873  1.00   18.61 ? 36   TYR A O   1 
ATOM   274  C  CB  . TYR A 1 36  ? -3.392  -16.259 13.813  1.00   18.73 ? 36   TYR A CB  1 
ATOM   275  C  CG  . TYR A 1 36  ? -3.112  -16.594 12.347  1.00   18.79 ? 36   TYR A CG  1 
ATOM   276  C  CD1 . TYR A 1 36  ? -3.428  -15.693 11.322  1.00   19.29 ? 36   TYR A CD1 1 
ATOM   277  C  CD2 . TYR A 1 36  ? -2.621  -17.809 11.982  1.00   20.13 ? 36   TYR A CD2 1 
ATOM   278  C  CE1 . TYR A 1 36  ? -3.197  -16.018 10.006  1.00   19.95 ? 36   TYR A CE1 1 
ATOM   279  C  CE2 . TYR A 1 36  ? -2.398  -18.142 10.664  1.00   21.20 ? 36   TYR A CE2 1 
ATOM   280  C  CZ  . TYR A 1 36  ? -2.685  -17.229 9.682   1.00   20.69 ? 36   TYR A CZ  1 
ATOM   281  O  OH  . TYR A 1 36  ? -2.487  -17.519 8.351   1.00   21.10 ? 36   TYR A OH  1 
ATOM   282  N  N   . ASP A 1 37  ? -6.763  -16.129 12.740  1.00   17.63 ? 37   ASP A N   1 
ATOM   283  C  CA  . ASP A 1 37  ? -7.736  -16.923 12.015  1.00   19.22 ? 37   ASP A CA  1 
ATOM   284  C  C   . ASP A 1 37  ? -7.319  -16.822 10.565  1.00   17.46 ? 37   ASP A C   1 
ATOM   285  O  O   . ASP A 1 37  ? -7.420  -15.748 9.941   1.00   17.33 ? 37   ASP A O   1 
ATOM   286  C  CB  . ASP A 1 37  ? -9.137  -16.402 12.267  1.00   20.06 ? 37   ASP A CB  1 
ATOM   287  C  CG  . ASP A 1 37  ? -10.203 -17.175 11.497  1.00   22.83 ? 37   ASP A CG  1 
ATOM   288  O  OD1 . ASP A 1 37  ? -10.291 -17.032 10.280  1.00   23.36 ? 37   ASP A OD1 1 
ATOM   289  O  OD2 . ASP A 1 37  ? -10.959 -17.921 12.144  1.00   30.63 ? 37   ASP A OD2 1 
ATOM   290  N  N   . ALA A 1 38  ? -6.817  -17.936 10.032  1.00   17.15 ? 38   ALA A N   1 
ATOM   291  C  CA  . ALA A 1 38  ? -6.240  -17.942 8.693   1.00   15.19 ? 38   ALA A CA  1 
ATOM   292  C  C   . ALA A 1 38  ? -7.231  -17.412 7.642   1.00   16.13 ? 38   ALA A C   1 
ATOM   293  O  O   . ALA A 1 38  ? -6.844  -16.648 6.763   1.00   17.09 ? 38   ALA A O   1 
ATOM   294  C  CB  . ALA A 1 38  ? -5.797  -19.353 8.316   1.00   17.10 ? 38   ALA A CB  1 
ATOM   295  N  N   . ALA A 1 39  ? -8.482  -17.809 7.745   1.00   16.14 ? 39   ALA A N   1 
ATOM   296  C  CA  . ALA A 1 39  ? -9.468  -17.440 6.736   1.00   17.41 ? 39   ALA A CA  1 
ATOM   297  C  C   . ALA A 1 39  ? -9.770  -15.930 6.799   1.00   17.25 ? 39   ALA A C   1 
ATOM   298  O  O   . ALA A 1 39  ? -9.938  -15.290 5.774   1.00   18.80 ? 39   ALA A O   1 
ATOM   299  C  CB  . ALA A 1 39  ? -10.738 -18.243 6.932   1.00   17.44 ? 39   ALA A CB  1 
ATOM   300  N  N   . GLN A 1 40  ? -9.835  -15.389 7.999   1.00   16.93 ? 40   GLN A N   1 
ATOM   301  C  CA  . GLN A 1 40  ? -10.077 -13.937 8.210   1.00   16.64 ? 40   GLN A CA  1 
ATOM   302  C  C   . GLN A 1 40  ? -8.946  -13.141 7.521   1.00   16.90 ? 40   GLN A C   1 
ATOM   303  O  O   . GLN A 1 40  ? -9.183  -12.174 6.759   1.00   18.49 ? 40   GLN A O   1 
ATOM   304  C  CB  . GLN A 1 40  ? -10.093 -13.614 9.696   1.00   19.17 ? 40   GLN A CB  1 
ATOM   305  C  CG  . GLN A 1 40  ? -10.424 -12.170 10.031  1.00   22.16 ? 40   GLN A CG  1 
ATOM   306  C  CD  . GLN A 1 40  ? -10.195 -11.821 11.509  1.00   25.07 ? 40   GLN A CD  1 
ATOM   307  O  OE1 . GLN A 1 40  ? -9.417  -12.470 12.205  1.00   28.56 ? 40   GLN A OE1 1 
ATOM   308  N  NE2 . GLN A 1 40  ? -10.893 -10.799 12.000  1.00   25.60 ? 40   GLN A NE2 1 
ATOM   309  N  N   . ILE A 1 41  ? -7.713  -13.551 7.803   1.00   14.94 ? 41   ILE A N   1 
ATOM   310  C  CA  . ILE A 1 41  ? -6.572  -12.848 7.248   1.00   15.85 ? 41   ILE A CA  1 
ATOM   311  C  C   . ILE A 1 41  ? -6.484  -12.992 5.737   1.00   15.33 ? 41   ILE A C   1 
ATOM   312  O  O   . ILE A 1 41  ? -6.184  -12.006 5.014   1.00   14.13 ? 41   ILE A O   1 
ATOM   313  C  CB  . ILE A 1 41  ? -5.258  -13.298 7.950   1.00   16.13 ? 41   ILE A CB  1 
ATOM   314  C  CG1 . ILE A 1 41  ? -5.229  -12.856 9.417   1.00   17.43 ? 41   ILE A CG1 1 
ATOM   315  C  CG2 . ILE A 1 41  ? -4.045  -12.714 7.265   1.00   17.34 ? 41   ILE A CG2 1 
ATOM   316  C  CD1 . ILE A 1 41  ? -5.279  -11.348 9.631   1.00   18.39 ? 41   ILE A CD1 1 
ATOM   317  N  N   . LYS A 1 42  ? -6.795  -14.169 5.210   1.00   15.28 ? 42   LYS A N   1 
ATOM   318  C  CA  . LYS A 1 42  ? -6.786  -14.381 3.765   1.00   16.29 ? 42   LYS A CA  1 
ATOM   319  C  C   . LYS A 1 42  ? -7.749  -13.385 3.104   1.00   16.08 ? 42   LYS A C   1 
ATOM   320  O  O   . LYS A 1 42  ? -7.380  -12.733 2.117   1.00   15.38 ? 42   LYS A O   1 
ATOM   321  C  CB  . LYS A 1 42  ? -7.201  -15.810 3.430   1.00   18.11 ? 42   LYS A CB  1 
ATOM   322  C  CG  . LYS A 1 42  ? -7.262  -16.096 1.943   1.00   19.96 ? 42   LYS A CG  1 
ATOM   323  C  CD  . LYS A 1 42  ? -7.563  -17.574 1.672   1.00   20.63 ? 42   LYS A CD  1 
ATOM   324  C  CE  . LYS A 1 42  ? -7.661  -17.846 0.176   1.00   23.67 ? 42   LYS A CE  1 
ATOM   325  N  NZ  . LYS A 1 42  ? -8.019  -19.262 -0.103  1.00   25.20 ? 42   LYS A NZ  1 
ATOM   326  N  N   . ALA A 1 43  ? -8.945  -13.282 3.651   1.00   14.50 ? 43   ALA A N   1 
ATOM   327  C  CA  . ALA A 1 43  ? -9.951  -12.383 3.056   1.00   16.78 ? 43   ALA A CA  1 
ATOM   328  C  C   . ALA A 1 43  ? -9.523  -10.926 3.163   1.00   16.21 ? 43   ALA A C   1 
ATOM   329  O  O   . ALA A 1 43  ? -9.719  -10.142 2.223   1.00   16.41 ? 43   ALA A O   1 
ATOM   330  C  CB  . ALA A 1 43  ? -11.329 -12.619 3.672   1.00   15.79 ? 43   ALA A CB  1 
ATOM   331  N  N   . ASN A 1 44  ? -8.904  -10.551 4.280   1.00   14.60 ? 44   ASN A N   1 
ATOM   332  C  CA  . ASN A 1 44  ? -8.497  -9.166  4.476   1.00   14.28 ? 44   ASN A CA  1 
ATOM   333  C  C   . ASN A 1 44  ? -7.382  -8.817  3.506   1.00   13.83 ? 44   ASN A C   1 
ATOM   334  O  O   . ASN A 1 44  ? -7.352  -7.754  2.938   1.00   13.73 ? 44   ASN A O   1 
ATOM   335  C  CB  . ASN A 1 44  ? -8.036  -8.902  5.914   1.00   14.32 ? 44   ASN A CB  1 
ATOM   336  C  CG  . ASN A 1 44  ? -7.687  -7.435  6.129   1.00   15.18 ? 44   ASN A CG  1 
ATOM   337  O  OD1 . ASN A 1 44  ? -8.530  -6.572  5.993   1.00   15.12 ? 44   ASN A OD1 1 
ATOM   338  N  ND2 . ASN A 1 44  ? -6.435  -7.158  6.404   1.00   15.14 ? 44   ASN A ND2 1 
ATOM   339  N  N   . VAL A 1 45  ? -6.420  -9.737  3.341   1.00   13.21 ? 45   VAL A N   1 
ATOM   340  C  CA  . VAL A 1 45  ? -5.306  -9.457  2.422   1.00   13.17 ? 45   VAL A CA  1 
ATOM   341  C  C   . VAL A 1 45  ? -5.798  -9.339  0.963   1.00   14.21 ? 45   VAL A C   1 
ATOM   342  O  O   . VAL A 1 45  ? -5.255  -8.545  0.198   1.00   15.11 ? 45   VAL A O   1 
ATOM   343  C  CB  . VAL A 1 45  ? -4.167  -10.482 2.593   1.00   13.18 ? 45   VAL A CB  1 
ATOM   344  C  CG1 . VAL A 1 45  ? -3.118  -10.276 1.528   1.00   14.82 ? 45   VAL A CG1 1 
ATOM   345  C  CG2 . VAL A 1 45  ? -3.515  -10.354 3.943   1.00   14.45 ? 45   VAL A CG2 1 
ATOM   346  N  N   . GLU A 1 46  ? -6.815  -10.121 0.605   1.00   14.00 ? 46   GLU A N   1 
ATOM   347  C  CA  . GLU A 1 46  ? -7.469  -10.007 -0.718  1.00   14.89 ? 46   GLU A CA  1 
ATOM   348  C  C   . GLU A 1 46  ? -7.992  -8.567  -0.936  1.00   15.89 ? 46   GLU A C   1 
ATOM   349  O  O   . GLU A 1 46  ? -7.781  -7.967  -2.005  1.00   15.84 ? 46   GLU A O   1 
ATOM   350  C  CB  . GLU A 1 46  ? -8.555  -11.031 -0.858  1.00   19.69 ? 46   GLU A CB  1 
ATOM   351  C  CG  . GLU A 1 46  ? -9.226  -11.073 -2.221  0.50   21.54 ? 46   GLU A CG  1 
ATOM   352  C  CD  . GLU A 1 46  ? -8.269  -11.417 -3.339  0.50   23.95 ? 46   GLU A CD  1 
ATOM   353  O  OE1 . GLU A 1 46  ? -7.472  -12.366 -3.177  0.50   25.44 ? 46   GLU A OE1 1 
ATOM   354  O  OE2 . GLU A 1 46  ? -8.313  -10.731 -4.390  0.50   29.20 ? 46   GLU A OE2 1 
ATOM   355  N  N   . VAL A 1 47  ? -8.671  -8.022  0.055   1.00   15.03 ? 47   VAL A N   1 
ATOM   356  C  CA  . VAL A 1 47  ? -9.096  -6.592  0.013   1.00   15.56 ? 47   VAL A CA  1 
ATOM   357  C  C   . VAL A 1 47  ? -7.902  -5.650  -0.105  1.00   15.18 ? 47   VAL A C   1 
ATOM   358  O  O   . VAL A 1 47  ? -7.863  -4.767  -0.993  1.00   15.28 ? 47   VAL A O   1 
ATOM   359  C  CB  . VAL A 1 47  ? -9.948  -6.207  1.240   1.00   15.00 ? 47   VAL A CB  1 
ATOM   360  C  CG1 . VAL A 1 47  ? -10.232 -4.704  1.248   1.00   16.54 ? 47   VAL A CG1 1 
ATOM   361  C  CG2 . VAL A 1 47  ? -11.225 -7.020  1.261   1.00   15.94 ? 47   VAL A CG2 1 
ATOM   362  N  N   . LEU A 1 48  ? -6.877  -5.866  0.713   1.00   14.35 ? 48   LEU A N   1 
ATOM   363  C  CA  . LEU A 1 48  ? -5.651  -5.111  0.623   1.00   15.30 ? 48   LEU A CA  1 
ATOM   364  C  C   . LEU A 1 48  ? -5.040  -5.175  -0.769  1.00   14.32 ? 48   LEU A C   1 
ATOM   365  O  O   . LEU A 1 48  ? -4.597  -4.156  -1.282  1.00   15.92 ? 48   LEU A O   1 
ATOM   366  C  CB  . LEU A 1 48  ? -4.598  -5.529  1.668   1.00   14.12 ? 48   LEU A CB  1 
ATOM   367  C  CG  . LEU A 1 48  ? -3.324  -4.718  1.720   1.00   16.16 ? 48   LEU A CG  1 
ATOM   368  C  CD1 . LEU A 1 48  ? -3.534  -3.210  1.953   1.00   16.94 ? 48   LEU A CD1 1 
ATOM   369  C  CD2 . LEU A 1 48  ? -2.471  -5.351  2.833   1.00   15.88 ? 48   LEU A CD2 1 
ATOM   370  N  N   . LYS A 1 49  ? -5.014  -6.351  -1.369  1.00   15.76 ? 49   LYS A N   1 
ATOM   371  C  CA  . LYS A 1 49  ? -4.466  -6.516  -2.707  1.00   17.22 ? 49   LYS A CA  1 
ATOM   372  C  C   . LYS A 1 49  ? -5.185  -5.630  -3.694  1.00   15.85 ? 49   LYS A C   1 
ATOM   373  O  O   . LYS A 1 49  ? -4.525  -4.941  -4.484  1.00   16.46 ? 49   LYS A O   1 
ATOM   374  C  CB  . LYS A 1 49  ? -4.558  -7.974  -3.184  1.00   18.04 ? 49   LYS A CB  1 
ATOM   375  C  CG  . LYS A 1 49  ? -3.976  -8.182  -4.568  1.00   19.78 ? 49   LYS A CG  1 
ATOM   376  C  CD  . LYS A 1 49  ? -3.541  -9.738  -4.621  0.0000 29.31 ? 49   LYS A CD  1 
ATOM   377  C  CE  . LYS A 1 49  ? -2.617  -9.927  -5.813  0.0000 52.63 ? 49   LYS A CE  1 
ATOM   378  N  NZ  . LYS A 1 49  ? -2.118  -11.326 -5.913  0.0000 61.60 ? 49   LYS A NZ  1 
ATOM   379  N  N   . THR A 1 50  ? -6.512  -5.642  -3.659  1.00   15.30 ? 50   THR A N   1 
ATOM   380  C  CA  . THR A 1 50  ? -7.275  -4.804  -4.571  1.00   16.17 ? 50   THR A CA  1 
ATOM   381  C  C   . THR A 1 50  ? -6.996  -3.327  -4.317  1.00   15.67 ? 50   THR A C   1 
ATOM   382  O  O   . THR A 1 50  ? -6.797  -2.536  -5.231  1.00   15.72 ? 50   THR A O   1 
ATOM   383  C  CB  . THR A 1 50  ? -8.772  -5.086  -4.338  1.00   18.41 ? 50   THR A CB  1 
ATOM   384  O  OG1 . THR A 1 50  ? -9.065  -6.418  -4.775  1.00   18.88 ? 50   THR A OG1 1 
ATOM   385  C  CG2 . THR A 1 50  ? -9.635  -4.127  -5.093  1.00   20.13 ? 50   THR A CG2 1 
ATOM   386  N  N   . LEU A 1 51  ? -7.007  -2.936  -3.053  1.00   15.09 ? 51   LEU A N   1 
ATOM   387  C  CA  . LEU A 1 51  ? -6.783  -1.534  -2.722  1.00   15.11 ? 51   LEU A CA  1 
ATOM   388  C  C   . LEU A 1 51  ? -5.394  -1.053  -3.083  1.00   14.48 ? 51   LEU A C   1 
ATOM   389  O  O   . LEU A 1 51  ? -5.205  0.081   -3.522  1.00   15.91 ? 51   LEU A O   1 
ATOM   390  C  CB  . LEU A 1 51  ? -7.009  -1.279  -1.237  1.00   15.38 ? 51   LEU A CB  1 
ATOM   391  C  CG  . LEU A 1 51  ? -8.410  -1.496  -0.694  1.00   16.26 ? 51   LEU A CG  1 
ATOM   392  C  CD1 . LEU A 1 51  ? -8.471  -1.421  0.828   1.00   16.43 ? 51   LEU A CD1 1 
ATOM   393  C  CD2 . LEU A 1 51  ? -9.394  -0.528  -1.325  1.00   17.98 ? 51   LEU A CD2 1 
ATOM   394  N  N   . SER A 1 52  ? -4.405  -1.934  -2.972  1.00   14.93 ? 52   SER A N   1 
ATOM   395  C  CA  A SER A 1 52  ? -3.024  -1.530  -3.177  0.60   14.25 ? 52   SER A CA  1 
ATOM   396  C  CA  B SER A 1 52  ? -3.007  -1.588  -3.180  0.40   14.30 ? 52   SER A CA  1 
ATOM   397  C  C   . SER A 1 52  ? -2.669  -1.256  -4.611  1.00   14.86 ? 52   SER A C   1 
ATOM   398  O  O   . SER A 1 52  ? -1.592  -0.686  -4.892  1.00   15.39 ? 52   SER A O   1 
ATOM   399  C  CB  A SER A 1 52  ? -2.080  -2.603  -2.598  0.60   14.67 ? 52   SER A CB  1 
ATOM   400  C  CB  B SER A 1 52  ? -2.129  -2.772  -2.737  0.40   14.44 ? 52   SER A CB  1 
ATOM   401  O  OG  A SER A 1 52  ? -2.111  -2.589  -1.188  0.60   15.80 ? 52   SER A OG  1 
ATOM   402  O  OG  B SER A 1 52  ? -2.301  -3.873  -3.611  0.40   14.51 ? 52   SER A OG  1 
ATOM   403  N  N   . ALA A 1 53  ? -3.564  -1.603  -5.541  1.00   13.47 ? 53   ALA A N   1 
ATOM   404  C  CA  . ALA A 1 53  ? -3.366  -1.256  -6.939  1.00   14.48 ? 53   ALA A CA  1 
ATOM   405  C  C   . ALA A 1 53  ? -3.956  0.094   -7.318  1.00   14.10 ? 53   ALA A C   1 
ATOM   406  O  O   . ALA A 1 53  ? -3.667  0.576   -8.410  1.00   16.81 ? 53   ALA A O   1 
ATOM   407  C  CB  . ALA A 1 53  ? -3.970  -2.337  -7.812  1.00   14.73 ? 53   ALA A CB  1 
ATOM   408  N  N   . LEU A 1 54  ? -4.761  0.674   -6.458  1.00   13.51 ? 54   LEU A N   1 
ATOM   409  C  CA  . LEU A 1 54  ? -5.574  1.853   -6.848  1.00   13.84 ? 54   LEU A CA  1 
ATOM   410  C  C   . LEU A 1 54  ? -4.897  3.240   -6.804  1.00   14.46 ? 54   LEU A C   1 
ATOM   411  O  O   . LEU A 1 54  ? -5.203  4.095   -7.633  1.00   13.44 ? 54   LEU A O   1 
ATOM   412  C  CB  . LEU A 1 54  ? -6.837  1.878   -6.029  1.00   14.29 ? 54   LEU A CB  1 
ATOM   413  C  CG  . LEU A 1 54  ? -7.834  0.700   -6.172  1.00   15.32 ? 54   LEU A CG  1 
ATOM   414  C  CD1 . LEU A 1 54  ? -9.063  0.941   -5.345  1.00   17.11 ? 54   LEU A CD1 1 
ATOM   415  C  CD2 . LEU A 1 54  ? -8.191  0.386   -7.608  1.00   16.15 ? 54   LEU A CD2 1 
ATOM   416  N  N   . PRO A 1 55  ? -4.008  3.509   -5.845  1.00   13.50 ? 55   PRO A N   1 
ATOM   417  C  CA  . PRO A 1 55  ? -3.609  4.911   -5.753  1.00   14.12 ? 55   PRO A CA  1 
ATOM   418  C  C   . PRO A 1 55  ? -2.830  5.420   -6.947  1.00   16.15 ? 55   PRO A C   1 
ATOM   419  O  O   . PRO A 1 55  ? -2.937  6.606   -7.294  1.00   15.15 ? 55   PRO A O   1 
ATOM   420  C  CB  . PRO A 1 55  ? -2.694  4.932   -4.493  1.00   14.33 ? 55   PRO A CB  1 
ATOM   421  C  CG  . PRO A 1 55  ? -3.160  3.760   -3.699  1.00   13.58 ? 55   PRO A CG  1 
ATOM   422  C  CD  . PRO A 1 55  ? -3.496  2.702   -4.722  1.00   14.53 ? 55   PRO A CD  1 
ATOM   423  N  N   . TRP A 1 56  ? -2.100  4.546   -7.620  1.00   14.52 ? 56   TRP A N   1 
ATOM   424  C  CA  . TRP A 1 56  ? -1.051  4.994   -8.547  1.00   16.65 ? 56   TRP A CA  1 
ATOM   425  C  C   . TRP A 1 56  ? -1.619  5.668   -9.789  1.00   16.82 ? 56   TRP A C   1 
ATOM   426  O  O   . TRP A 1 56  ? -1.016  6.644   -10.284 1.00   18.28 ? 56   TRP A O   1 
ATOM   427  C  CB  . TRP A 1 56  ? -0.047  3.854   -8.843  1.00   17.01 ? 56   TRP A CB  1 
ATOM   428  C  CG  . TRP A 1 56  ? 0.121   3.041   -7.618  1.00   16.37 ? 56   TRP A CG  1 
ATOM   429  C  CD1 . TRP A 1 56  ? -0.267  1.752   -7.438  1.00   16.72 ? 56   TRP A CD1 1 
ATOM   430  C  CD2 . TRP A 1 56  ? 0.546   3.509   -6.341  1.00   16.22 ? 56   TRP A CD2 1 
ATOM   431  N  NE1 . TRP A 1 56  ? -0.058  1.381   -6.152  1.00   16.82 ? 56   TRP A NE1 1 
ATOM   432  C  CE2 . TRP A 1 56  ? 0.388   2.470   -5.442  1.00   15.28 ? 56   TRP A CE2 1 
ATOM   433  C  CE3 . TRP A 1 56  ? 0.995   4.760   -5.849  1.00   16.27 ? 56   TRP A CE3 1 
ATOM   434  C  CZ2 . TRP A 1 56  ? 0.728   2.603   -4.112  1.00   16.38 ? 56   TRP A CZ2 1 
ATOM   435  C  CZ3 . TRP A 1 56  ? 1.295   4.881   -4.567  1.00   17.38 ? 56   TRP A CZ3 1 
ATOM   436  C  CH2 . TRP A 1 56  ? 1.164   3.801   -3.683  1.00   17.37 ? 56   TRP A CH2 1 
ATOM   437  N  N   . ALA A 1 57  ? -2.783  5.242   -10.234 1.00   15.93 ? 57   ALA A N   1 
ATOM   438  C  CA  . ALA A 1 57  ? -3.405  5.846   -11.400 1.00   15.95 ? 57   ALA A CA  1 
ATOM   439  C  C   . ALA A 1 57  ? -3.915  7.255   -11.108 1.00   16.85 ? 57   ALA A C   1 
ATOM   440  O  O   . ALA A 1 57  ? -4.291  7.978   -12.043 1.00   18.77 ? 57   ALA A O   1 
ATOM   441  C  CB  . ALA A 1 57  ? -4.535  4.950   -11.911 1.00   17.07 ? 57   ALA A CB  1 
ATOM   442  N  N   . ALA A 1 58  ? -3.943  7.661   -9.839  1.00   14.49 ? 58   ALA A N   1 
ATOM   443  C  CA  . ALA A 1 58  ? -4.402  9.024   -9.448  1.00   14.77 ? 58   ALA A CA  1 
ATOM   444  C  C   . ALA A 1 58  ? -3.219  9.960   -9.195  1.00   15.19 ? 58   ALA A C   1 
ATOM   445  O  O   . ALA A 1 58  ? -3.392  11.034  -8.604  1.00   16.02 ? 58   ALA A O   1 
ATOM   446  C  CB  . ALA A 1 58  ? -5.321  8.952   -8.255  1.00   14.54 ? 58   ALA A CB  1 
ATOM   447  N  N   . PHE A 1 59  ? -2.023  9.566   -9.644  1.00   16.31 ? 59   PHE A N   1 
ATOM   448  C  CA  . PHE A 1 59  ? -0.868  10.462  -9.663  1.00   16.90 ? 59   PHE A CA  1 
ATOM   449  C  C   . PHE A 1 59  ? -0.507  10.749  -11.121 1.00   20.15 ? 59   PHE A C   1 
ATOM   450  O  O   . PHE A 1 59  ? 0.667   10.797  -11.469 1.00   20.57 ? 59   PHE A O   1 
ATOM   451  C  CB  . PHE A 1 59  ? 0.367   9.881   -8.946  1.00   17.12 ? 59   PHE A CB  1 
ATOM   452  C  CG  . PHE A 1 59  ? 0.213   9.744   -7.461  1.00   16.55 ? 59   PHE A CG  1 
ATOM   453  C  CD1 . PHE A 1 59  ? -0.275  8.590   -6.917  1.00   16.86 ? 59   PHE A CD1 1 
ATOM   454  C  CD2 . PHE A 1 59  ? 0.635   10.746  -6.585  1.00   17.41 ? 59   PHE A CD2 1 
ATOM   455  C  CE1 . PHE A 1 59  ? -0.365  8.407   -5.565  1.00   16.21 ? 59   PHE A CE1 1 
ATOM   456  C  CE2 . PHE A 1 59  ? 0.534   10.584  -5.223  1.00   17.06 ? 59   PHE A CE2 1 
ATOM   457  C  CZ  . PHE A 1 59  ? 0.032   9.417   -4.691  1.00   18.07 ? 59   PHE A CZ  1 
ATOM   458  N  N   . GLY A 1 60  ? -1.519  10.905  -11.964 1.00   20.64 ? 60   GLY A N   1 
ATOM   459  C  CA  . GLY A 1 60  ? -1.282  11.218  -13.358 1.00   25.09 ? 60   GLY A CA  1 
ATOM   460  C  C   . GLY A 1 60  ? -0.635  12.575  -13.517 1.00   26.79 ? 60   GLY A C   1 
ATOM   461  O  O   . GLY A 1 60  ? -0.599  13.392  -12.570 1.00   27.16 ? 60   GLY A O   1 
ATOM   462  N  N   . PRO A 1 61  ? -0.074  12.806  -14.703 1.00   30.29 ? 61   PRO A N   1 
ATOM   463  C  CA  . PRO A 1 61  ? 0.586   14.070  -14.997 1.00   31.70 ? 61   PRO A CA  1 
ATOM   464  C  C   . PRO A 1 61  ? -0.320  15.258  -14.697 1.00   30.02 ? 61   PRO A C   1 
ATOM   465  O  O   . PRO A 1 61  ? -1.504  15.235  -15.036 1.00   27.43 ? 61   PRO A O   1 
ATOM   466  C  CB  . PRO A 1 61  ? 0.875   13.977  -16.505 1.00   34.84 ? 61   PRO A CB  1 
ATOM   467  C  CG  . PRO A 1 61  ? 0.103   12.802  -17.010 1.00   34.52 ? 61   PRO A CG  1 
ATOM   468  C  CD  . PRO A 1 61  ? -0.085  11.883  -15.857 1.00   32.50 ? 61   PRO A CD  1 
ATOM   469  N  N   . GLY A 1 62  ? 0.247   16.259  -14.021 1.00   28.68 ? 62   GLY A N   1 
ATOM   470  C  CA  . GLY A 1 62  ? -0.484  17.486  -13.695 1.00   28.40 ? 62   GLY A CA  1 
ATOM   471  C  C   . GLY A 1 62  ? -1.347  17.413  -12.445 1.00   29.02 ? 62   GLY A C   1 
ATOM   472  O  O   . GLY A 1 62  ? -2.095  18.356  -12.163 1.00   25.55 ? 62   GLY A O   1 
ATOM   473  N  N   . THR A 1 63  ? -1.261  16.299  -11.703 1.00   24.76 ? 63   THR A N   1 
ATOM   474  C  CA  . THR A 1 63  ? -2.065  16.107  -10.482 1.00   20.92 ? 63   THR A CA  1 
ATOM   475  C  C   . THR A 1 63  ? -1.290  16.424  -9.208  1.00   21.97 ? 63   THR A C   1 
ATOM   476  O  O   . THR A 1 63  ? -1.573  15.894  -8.121  1.00   17.78 ? 63   THR A O   1 
ATOM   477  C  CB  . THR A 1 63  ? -2.705  14.715  -10.367 1.00   23.47 ? 63   THR A CB  1 
ATOM   478  O  OG1 . THR A 1 63  ? -1.692  13.715  -10.228 1.00   19.30 ? 63   THR A OG1 1 
ATOM   479  C  CG2 . THR A 1 63  ? -3.602  14.406  -11.553 1.00   23.21 ? 63   THR A CG2 1 
ATOM   480  N  N   . GLU A 1 64  ? -0.318  17.336  -9.326  1.00   19.96 ? 64   GLU A N   1 
ATOM   481  C  CA  . GLU A 1 64  ? 0.394   17.881  -8.214  1.00   20.84 ? 64   GLU A CA  1 
ATOM   482  C  C   . GLU A 1 64  ? -0.643  18.352  -7.214  1.00   20.06 ? 64   GLU A C   1 
ATOM   483  O  O   . GLU A 1 64  ? -1.685  18.885  -7.622  1.00   19.30 ? 64   GLU A O   1 
ATOM   484  C  CB  . GLU A 1 64  ? 1.214   19.106  -8.648  1.00   23.58 ? 64   GLU A CB  1 
ATOM   485  C  CG  . GLU A 1 64  ? 2.528   18.771  -9.311  1.00   24.82 ? 64   GLU A CG  1 
ATOM   486  C  CD  . GLU A 1 64  ? 2.414   18.357  -10.781 1.00   24.90 ? 64   GLU A CD  1 
ATOM   487  O  OE1 . GLU A 1 64  ? 1.326   18.310  -11.427 1.00   26.38 ? 64   GLU A OE1 1 
ATOM   488  O  OE2 . GLU A 1 64  ? 3.515   18.080  -11.311 1.00   27.16 ? 64   GLU A OE2 1 
ATOM   489  N  N   . GLY A 1 65  ? -0.346  18.180  -5.938  1.00   18.70 ? 65   GLY A N   1 
ATOM   490  C  CA  . GLY A 1 65  ? -1.230  18.513  -4.870  1.00   17.63 ? 65   GLY A CA  1 
ATOM   491  C  C   . GLY A 1 65  ? -1.033  17.644  -3.676  1.00   19.06 ? 65   GLY A C   1 
ATOM   492  O  O   . GLY A 1 65  ? -0.182  16.727  -3.681  1.00   19.64 ? 65   GLY A O   1 
ATOM   493  N  N   . GLY A 1 66  ? -1.808  17.916  -2.627  1.00   19.39 ? 66   GLY A N   1 
ATOM   494  C  CA  . GLY A 1 66  ? -1.743  17.144  -1.410  1.00   20.36 ? 66   GLY A CA  1 
ATOM   495  C  C   . GLY A 1 66  ? -0.388  17.208  -0.770  1.00   21.99 ? 66   GLY A C   1 
ATOM   496  O  O   . GLY A 1 66  ? 0.249   18.272  -0.771  1.00   22.61 ? 66   GLY A O   1 
ATOM   497  N  N   . ASP A 1 67  ? 0.076   16.078  -0.253  1.00   20.11 ? 67   ASP A N   1 
ATOM   498  C  CA  . ASP A 1 67  ? 1.406   15.961  0.303   1.00   20.27 ? 67   ASP A CA  1 
ATOM   499  C  C   . ASP A 1 67  ? 2.311   15.176  -0.648  1.00   20.92 ? 67   ASP A C   1 
ATOM   500  O  O   . ASP A 1 67  ? 3.362   14.676  -0.238  1.00   20.98 ? 67   ASP A O   1 
ATOM   501  C  CB  . ASP A 1 67  ? 1.307   15.296  1.680   1.00   22.18 ? 67   ASP A CB  1 
ATOM   502  C  CG  . ASP A 1 67  ? 0.829   16.262  2.775   1.00   28.42 ? 67   ASP A CG  1 
ATOM   503  O  OD1 . ASP A 1 67  ? 0.877   17.505  2.546   1.00   29.98 ? 67   ASP A OD1 1 
ATOM   504  O  OD2 . ASP A 1 67  ? 0.404   15.798  3.862   1.00   27.51 ? 67   ASP A OD2 1 
ATOM   505  N  N   . ALA A 1 68  ? 1.942   15.097  -1.922  1.00   19.24 ? 68   ALA A N   1 
ATOM   506  C  CA  . ALA A 1 68  ? 2.826   14.514  -2.938  1.00   20.82 ? 68   ALA A CA  1 
ATOM   507  C  C   . ALA A 1 68  ? 3.985   15.449  -3.208  1.00   22.28 ? 68   ALA A C   1 
ATOM   508  O  O   . ALA A 1 68  ? 3.771   16.677  -3.392  1.00   22.22 ? 68   ALA A O   1 
ATOM   509  C  CB  . ALA A 1 68  ? 2.089   14.254  -4.236  1.00   18.65 ? 68   ALA A CB  1 
ATOM   510  N  N   . ARG A 1 69  ? 5.198   14.903  -3.234  1.00   21.12 ? 69   ARG A N   1 
ATOM   511  C  CA  . ARG A 1 69  ? 6.345   15.698  -3.659  1.00   21.20 ? 69   ARG A CA  1 
ATOM   512  C  C   . ARG A 1 69  ? 6.436   15.739  -5.127  1.00   22.31 ? 69   ARG A C   1 
ATOM   513  O  O   . ARG A 1 69  ? 6.137   14.746  -5.824  1.00   20.74 ? 69   ARG A O   1 
ATOM   514  C  CB  . ARG A 1 69  ? 7.649   15.088  -3.172  1.00   23.94 ? 69   ARG A CB  1 
ATOM   515  C  CG  . ARG A 1 69  ? 7.862   15.317  -1.727  1.00   25.05 ? 69   ARG A CG  1 
ATOM   516  C  CD  . ARG A 1 69  ? 9.222   14.771  -1.301  1.00   27.49 ? 69   ARG A CD  1 
ATOM   517  N  NE  . ARG A 1 69  ? 9.499   15.233  0.050   1.00   32.44 ? 69   ARG A NE  1 
ATOM   518  C  CZ  . ARG A 1 69  ? 10.447  15.019  0.769   0.0000 74.88 ? 69   ARG A CZ  1 
ATOM   519  N  NH1 . ARG A 1 69  ? 11.391  14.205  0.332   0.0000 77.33 ? 69   ARG A NH1 1 
ATOM   520  N  NH2 . ARG A 1 69  ? 10.522  15.537  1.985   0.0000 79.17 ? 69   ARG A NH2 1 
ATOM   521  N  N   . PRO A 1 70  ? 6.934   16.857  -5.668  1.00   22.30 ? 70   PRO A N   1 
ATOM   522  C  CA  . PRO A 1 70  ? 7.007   16.967  -7.094  1.00   21.87 ? 70   PRO A CA  1 
ATOM   523  C  C   . PRO A 1 70  ? 7.922   15.952  -7.762  1.00   23.21 ? 70   PRO A C   1 
ATOM   524  O  O   . PRO A 1 70  ? 7.768   15.694  -8.948  1.00   22.72 ? 70   PRO A O   1 
ATOM   525  C  CB  . PRO A 1 70  ? 7.491   18.433  -7.326  1.00   23.98 ? 70   PRO A CB  1 
ATOM   526  C  CG  . PRO A 1 70  ? 7.933   18.918  -5.998  1.00   22.26 ? 70   PRO A CG  1 
ATOM   527  C  CD  . PRO A 1 70  ? 7.207   18.112  -4.965  1.00   21.80 ? 70   PRO A CD  1 
ATOM   528  N  N   . GLU A 1 71  ? 8.856   15.368  -7.013  1.00   24.79 ? 71   GLU A N   1 
ATOM   529  C  CA  . GLU A 1 71  ? 9.716   14.376  -7.611  1.00   26.93 ? 71   GLU A CA  1 
ATOM   530  C  C   . GLU A 1 71  ? 8.974   13.140  -8.125  1.00   24.84 ? 71   GLU A C   1 
ATOM   531  O  O   . GLU A 1 71  ? 9.517   12.377  -8.923  1.00   24.36 ? 71   GLU A O   1 
ATOM   532  C  CB  . GLU A 1 71  ? 10.813  13.959  -6.648  1.00   29.09 ? 71   GLU A CB  1 
ATOM   533  C  CG  . GLU A 1 71  ? 11.845  15.057  -6.415  1.00   32.88 ? 71   GLU A CG  1 
ATOM   534  C  CD  . GLU A 1 71  ? 11.520  15.942  -5.244  1.00   34.49 ? 71   GLU A CD  1 
ATOM   535  O  OE1 . GLU A 1 71  ? 10.335  16.064  -4.889  1.00   38.27 ? 71   GLU A OE1 1 
ATOM   536  O  OE2 . GLU A 1 71  ? 12.468  16.523  -4.664  1.00   37.41 ? 71   GLU A OE2 1 
ATOM   537  N  N   . ILE A 1 72  ? 7.732   12.948  -7.707  1.00   22.24 ? 72   ILE A N   1 
ATOM   538  C  CA  . ILE A 1 72  ? 6.949   11.850  -8.253  1.00   21.14 ? 72   ILE A CA  1 
ATOM   539  C  C   . ILE A 1 72  ? 6.875   11.960  -9.752  1.00   23.18 ? 72   ILE A C   1 
ATOM   540  O  O   . ILE A 1 72  ? 6.921   10.953  -10.484 1.00   21.95 ? 72   ILE A O   1 
ATOM   541  C  CB  . ILE A 1 72  ? 5.526   11.880  -7.651  1.00   20.11 ? 72   ILE A CB  1 
ATOM   542  C  CG1 . ILE A 1 72  ? 5.573   11.418  -6.217  1.00   20.36 ? 72   ILE A CG1 1 
ATOM   543  C  CG2 . ILE A 1 72  ? 4.539   11.067  -8.508  1.00   20.75 ? 72   ILE A CG2 1 
ATOM   544  C  CD1 . ILE A 1 72  ? 4.271   11.587  -5.462  1.00   20.25 ? 72   ILE A CD1 1 
ATOM   545  N  N   . TRP A 1 73  ? 6.817   13.205  -10.228 1.00   24.26 ? 73   TRP A N   1 
ATOM   546  C  CA  . TRP A 1 73  ? 6.643   13.481  -11.649 1.00   26.68 ? 73   TRP A CA  1 
ATOM   547  C  C   . TRP A 1 73  ? 7.906   13.818  -12.410 1.00   29.37 ? 73   TRP A C   1 
ATOM   548  O  O   . TRP A 1 73  ? 7.945   13.620  -13.614 1.00   34.08 ? 73   TRP A O   1 
ATOM   549  C  CB  . TRP A 1 73  ? 5.664   14.623  -11.839 1.00   27.10 ? 73   TRP A CB  1 
ATOM   550  C  CG  . TRP A 1 73  ? 4.311   14.242  -11.410 1.00   26.14 ? 73   TRP A CG  1 
ATOM   551  C  CD1 . TRP A 1 73  ? 3.393   13.569  -12.135 1.00   27.44 ? 73   TRP A CD1 1 
ATOM   552  C  CD2 . TRP A 1 73  ? 3.736   14.465  -10.118 1.00   21.81 ? 73   TRP A CD2 1 
ATOM   553  N  NE1 . TRP A 1 73  ? 2.241   13.378  -11.389 1.00   26.56 ? 73   TRP A NE1 1 
ATOM   554  C  CE2 . TRP A 1 73  ? 2.439   13.911  -10.141 1.00   22.33 ? 73   TRP A CE2 1 
ATOM   555  C  CE3 . TRP A 1 73  ? 4.199   15.062  -8.949  1.00   19.19 ? 73   TRP A CE3 1 
ATOM   556  C  CZ2 . TRP A 1 73  ? 1.591   13.958  -9.041  1.00   20.96 ? 73   TRP A CZ2 1 
ATOM   557  C  CZ3 . TRP A 1 73  ? 3.343   15.113  -7.853  1.00   19.35 ? 73   TRP A CZ3 1 
ATOM   558  C  CH2 . TRP A 1 73  ? 2.081   14.562  -7.911  1.00   19.40 ? 73   TRP A CH2 1 
ATOM   559  N  N   . SER A 1 74  ? 8.917   14.325  -11.734 1.00   33.12 ? 74   SER A N   1 
ATOM   560  C  CA  . SER A 1 74  ? 10.180  14.618  -12.408 1.00   35.12 ? 74   SER A CA  1 
ATOM   561  C  C   . SER A 1 74  ? 11.009  13.346  -12.496 1.00   37.08 ? 74   SER A C   1 
ATOM   562  O  O   . SER A 1 74  ? 11.858  13.233  -13.382 1.00   39.86 ? 74   SER A O   1 
ATOM   563  C  CB  . SER A 1 74  ? 10.936  15.732  -11.684 1.00   35.09 ? 74   SER A CB  1 
ATOM   564  O  OG  . SER A 1 74  ? 11.369  15.329  -10.410 1.00   33.53 ? 74   SER A OG  1 
ATOM   565  N  N   . ASP A 1 75  ? 10.736  12.383  -11.599 1.00   37.92 ? 75   ASP A N   1 
ATOM   566  C  CA  . ASP A 1 75  ? 11.434  11.096  -11.561 1.00   36.86 ? 75   ASP A CA  1 
ATOM   567  C  C   . ASP A 1 75  ? 10.457  9.917   -11.733 1.00   37.46 ? 75   ASP A C   1 
ATOM   568  O  O   . ASP A 1 75  ? 10.408  8.995   -10.912 1.00   38.33 ? 75   ASP A O   1 
ATOM   569  C  CB  . ASP A 1 75  ? 12.195  10.962  -10.244 1.00   37.38 ? 75   ASP A CB  1 
ATOM   570  C  CG  . ASP A 1 75  ? 13.110  12.148  -9.969  0.50   37.65 ? 75   ASP A CG  1 
ATOM   571  O  OD1 . ASP A 1 75  ? 13.466  12.869  -10.922 0.50   38.22 ? 75   ASP A OD1 1 
ATOM   572  O  OD2 . ASP A 1 75  ? 13.477  12.341  -8.801  0.50   37.70 ? 75   ASP A OD2 1 
ATOM   573  N  N   . ALA A 1 76  ? 9.696   9.943   -12.819 1.00   38.07 ? 76   ALA A N   1 
ATOM   574  C  CA  . ALA A 1 76  ? 8.596   8.984   -13.020 1.00   38.40 ? 76   ALA A CA  1 
ATOM   575  C  C   . ALA A 1 76  ? 9.034   7.511   -13.020 1.00   37.88 ? 76   ALA A C   1 
ATOM   576  O  O   . ALA A 1 76  ? 8.315   6.647   -12.504 1.00   33.75 ? 76   ALA A O   1 
ATOM   577  C  CB  . ALA A 1 76  ? 7.830   9.314   -14.295 1.00   39.84 ? 76   ALA A CB  1 
ATOM   578  N  N   . ALA A 1 77  ? 10.208  7.232   -13.582 1.00   33.95 ? 77   ALA A N   1 
ATOM   579  C  CA  . ALA A 1 77  ? 10.676  5.850   -13.704 1.00   35.89 ? 77   ALA A CA  1 
ATOM   580  C  C   . ALA A 1 77  ? 10.899  5.257   -12.337 1.00   31.89 ? 77   ALA A C   1 
ATOM   581  O  O   . ALA A 1 77  ? 10.509  4.099   -12.068 1.00   28.75 ? 77   ALA A O   1 
ATOM   582  C  CB  . ALA A 1 77  ? 11.939  5.645   -14.465 0.0000 44.17 ? 77   ALA A CB  1 
ATOM   583  N  N   . SER A 1 78  ? 11.521  6.055   -11.482 1.00   28.85 ? 78   SER A N   1 
ATOM   584  C  CA  . SER A 1 78  ? 11.808  5.676   -10.118 1.00   29.09 ? 78   SER A CA  1 
ATOM   585  C  C   . SER A 1 78  ? 10.553  5.541   -9.277  1.00   28.65 ? 78   SER A C   1 
ATOM   586  O  O   . SER A 1 78  ? 10.521  4.710   -8.364  1.00   26.58 ? 78   SER A O   1 
ATOM   587  C  CB  . SER A 1 78  ? 12.734  6.698   -9.463  1.00   31.77 ? 78   SER A CB  1 
ATOM   588  O  OG  . SER A 1 78  ? 14.007  6.692   -10.102 1.00   34.58 ? 78   SER A OG  1 
ATOM   589  N  N   . PHE A 1 79  ? 9.575   6.433   -9.496  1.00   26.43 ? 79   PHE A N   1 
ATOM   590  C  CA  . PHE A 1 79  ? 8.332   6.308   -8.749  1.00   25.08 ? 79   PHE A CA  1 
ATOM   591  C  C   . PHE A 1 79  ? 7.595   5.029   -9.143  1.00   23.75 ? 79   PHE A C   1 
ATOM   592  O  O   . PHE A 1 79  ? 7.120   4.289   -8.271  1.00   25.46 ? 79   PHE A O   1 
ATOM   593  C  CB  . PHE A 1 79  ? 7.438   7.532   -8.952  1.00   22.30 ? 79   PHE A CB  1 
ATOM   594  C  CG  . PHE A 1 79  ? 6.180   7.499   -8.132  1.00   20.46 ? 79   PHE A CG  1 
ATOM   595  C  CD1 . PHE A 1 79  ? 6.233   7.767   -6.788  1.00   18.19 ? 79   PHE A CD1 1 
ATOM   596  C  CD2 . PHE A 1 79  ? 4.956   7.151   -8.711  1.00   21.97 ? 79   PHE A CD2 1 
ATOM   597  C  CE1 . PHE A 1 79  ? 5.085   7.731   -6.008  1.00   19.27 ? 79   PHE A CE1 1 
ATOM   598  C  CE2 . PHE A 1 79  ? 3.796   7.101   -7.930  1.00   20.76 ? 79   PHE A CE2 1 
ATOM   599  C  CZ  . PHE A 1 79  ? 3.876   7.412   -6.581  1.00   19.19 ? 79   PHE A CZ  1 
ATOM   600  N  N   . LYS A 1 80  ? 7.515   4.759   -10.426 1.00   25.08 ? 80   LYS A N   1 
ATOM   601  C  CA  . LYS A 1 80  ? 6.892   3.518   -10.916 1.00   26.40 ? 80   LYS A CA  1 
ATOM   602  C  C   . LYS A 1 80  ? 7.539   2.282   -10.304 1.00   27.27 ? 80   LYS A C   1 
ATOM   603  O  O   . LYS A 1 80  ? 6.846   1.363   -9.854  1.00   23.92 ? 80   LYS A O   1 
ATOM   604  C  CB  . LYS A 1 80  ? 6.989   3.429   -12.436 1.00   31.17 ? 80   LYS A CB  1 
ATOM   605  C  CG  . LYS A 1 80  ? 6.097   2.347   -13.045 1.00   29.87 ? 80   LYS A CG  1 
ATOM   606  C  CD  . LYS A 1 80  ? 6.031   2.449   -14.571 1.00   33.59 ? 80   LYS A CD  1 
ATOM   607  C  CE  . LYS A 1 80  ? 5.123   1.518   -15.187 0.0000 55.04 ? 80   LYS A CE  1 
ATOM   608  N  NZ  . LYS A 1 80  ? 4.821   1.828   -16.612 0.0000 58.44 ? 80   LYS A NZ  1 
ATOM   609  N  N   . GLN A 1 81  ? 8.860   2.275   -10.266 1.00   26.31 ? 81   GLN A N   1 
ATOM   610  C  CA  . GLN A 1 81  ? 9.594   1.165   -9.644  1.00   25.84 ? 81   GLN A CA  1 
ATOM   611  C  C   . GLN A 1 81  ? 9.185   0.975   -8.202  1.00   24.51 ? 81   GLN A C   1 
ATOM   612  O  O   . GLN A 1 81  ? 8.946   -0.158  -7.762  1.00   24.68 ? 81   GLN A O   1 
ATOM   613  C  CB  . GLN A 1 81  ? 11.116  1.372   -9.703  1.00   26.99 ? 81   GLN A CB  1 
ATOM   614  C  CG  . GLN A 1 81  ? 11.594  1.794   -11.162 0.0000 39.25 ? 81   GLN A CG  1 
ATOM   615  C  CD  . GLN A 1 81  ? 13.042  2.243   -11.194 0.0000 42.28 ? 81   GLN A CD  1 
ATOM   616  O  OE1 . GLN A 1 81  ? 13.739  2.204   -10.179 0.0000 39.86 ? 81   GLN A OE1 1 
ATOM   617  N  NE2 . GLN A 1 81  ? 13.502  2.674   -12.362 0.0000 45.68 ? 81   GLN A NE2 1 
ATOM   618  N  N   . LYS A 1 82  ? 9.128   2.065   -7.438  1.00   22.14 ? 82   LYS A N   1 
ATOM   619  C  CA  . LYS A 1 82  ? 8.746   1.950   -6.034  1.00   22.16 ? 82   LYS A CA  1 
ATOM   620  C  C   . LYS A 1 82  ? 7.310   1.427   -5.868  1.00   19.88 ? 82   LYS A C   1 
ATOM   621  O  O   . LYS A 1 82  ? 7.083   0.597   -5.003  1.00   19.33 ? 82   LYS A O   1 
ATOM   622  C  CB  . LYS A 1 82  ? 8.924   3.273   -5.246  1.00   22.13 ? 82   LYS A CB  1 
ATOM   623  C  CG  . LYS A 1 82  ? 10.380  3.580   -4.902  1.00   27.45 ? 82   LYS A CG  1 
ATOM   624  C  CD  . LYS A 1 82  ? 10.496  4.239   -3.536  1.00   27.29 ? 82   LYS A CD  1 
ATOM   625  C  CE  . LYS A 1 82  ? 11.725  5.100   -3.429  1.00   28.85 ? 82   LYS A CE  1 
ATOM   626  N  NZ  . LYS A 1 82  ? 12.952  4.306   -3.341  1.00   25.14 ? 82   LYS A NZ  1 
ATOM   627  N  N   . GLN A 1 83  ? 6.334   1.902   -6.663  1.00   19.57 ? 83   GLN A N   1 
ATOM   628  C  CA  . GLN A 1 83  ? 4.998   1.342   -6.502  1.00   18.89 ? 83   GLN A CA  1 
ATOM   629  C  C   . GLN A 1 83  ? 4.964   -0.108  -6.982  1.00   17.70 ? 83   GLN A C   1 
ATOM   630  O  O   . GLN A 1 83  ? 4.294   -0.912  -6.385  1.00   17.95 ? 83   GLN A O   1 
ATOM   631  C  CB  . GLN A 1 83  ? 3.829   2.189   -7.094  1.00   19.54 ? 83   GLN A CB  1 
ATOM   632  C  CG  . GLN A 1 83  ? 3.828   2.475   -8.565  1.00   21.67 ? 83   GLN A CG  1 
ATOM   633  C  CD  . GLN A 1 83  ? 2.983   1.520   -9.367  1.00   23.21 ? 83   GLN A CD  1 
ATOM   634  O  OE1 . GLN A 1 83  ? 2.711   0.395   -8.938  1.00   24.82 ? 83   GLN A OE1 1 
ATOM   635  N  NE2 . GLN A 1 83  ? 2.571   1.957   -10.546 1.00   27.85 ? 83   GLN A NE2 1 
ATOM   636  N  N   . GLN A 1 84  ? 5.706   -0.429  -8.034  1.00   19.03 ? 84   GLN A N   1 
ATOM   637  C  CA  . GLN A 1 84  ? 5.722   -1.806  -8.551  1.00   21.11 ? 84   GLN A CA  1 
ATOM   638  C  C   . GLN A 1 84  ? 6.293   -2.759  -7.518  1.00   20.70 ? 84   GLN A C   1 
ATOM   639  O  O   . GLN A 1 84  ? 5.766   -3.862  -7.276  1.00   20.92 ? 84   GLN A O   1 
ATOM   640  C  CB  . GLN A 1 84  ? 6.570   -1.879  -9.818  1.00   23.10 ? 84   GLN A CB  1 
ATOM   641  C  CG  . GLN A 1 84  ? 5.897   -1.305  -11.058 1.00   26.32 ? 84   GLN A CG  1 
ATOM   642  C  CD  . GLN A 1 84  ? 5.745   -2.290  -12.120 0.0000 34.22 ? 84   GLN A CD  1 
ATOM   643  O  OE1 . GLN A 1 84  ? 5.073   -3.294  -11.882 0.0000 34.48 ? 84   GLN A OE1 1 
ATOM   644  N  NE2 . GLN A 1 84  ? 6.281   -2.053  -13.311 0.0000 35.17 ? 84   GLN A NE2 1 
ATOM   645  N  N   . ALA A 1 85  ? 7.375   -2.351  -6.882  1.00   20.05 ? 85   ALA A N   1 
ATOM   646  C  CA  . ALA A 1 85  ? 7.980   -3.115  -5.815  1.00   21.19 ? 85   ALA A CA  1 
ATOM   647  C  C   . ALA A 1 85  ? 7.063   -3.297  -4.619  1.00   20.88 ? 85   ALA A C   1 
ATOM   648  O  O   . ALA A 1 85  ? 6.961   -4.369  -4.002  1.00   18.37 ? 85   ALA A O   1 
ATOM   649  C  CB  . ALA A 1 85  ? 9.276   -2.451  -5.362  1.00   23.14 ? 85   ALA A CB  1 
ATOM   650  N  N   . PHE A 1 86  ? 6.427   -2.203  -4.222  1.00   16.36 ? 86   PHE A N   1 
ATOM   651  C  CA  . PHE A 1 86  ? 5.474   -2.290  -3.153  1.00   16.39 ? 86   PHE A CA  1 
ATOM   652  C  C   . PHE A 1 86  ? 4.411   -3.331  -3.514  1.00   15.48 ? 86   PHE A C   1 
ATOM   653  O  O   . PHE A 1 86  ? 4.057   -4.202  -2.697  1.00   14.78 ? 86   PHE A O   1 
ATOM   654  C  CB  . PHE A 1 86  ? 4.824   -0.930  -2.936  1.00   15.89 ? 86   PHE A CB  1 
ATOM   655  C  CG  . PHE A 1 86  ? 3.582   -0.993  -2.129  1.00   16.67 ? 86   PHE A CG  1 
ATOM   656  C  CD1 . PHE A 1 86  ? 3.604   -1.249  -0.791  1.00   17.90 ? 86   PHE A CD1 1 
ATOM   657  C  CD2 . PHE A 1 86  ? 2.355   -0.781  -2.753  1.00   15.56 ? 86   PHE A CD2 1 
ATOM   658  C  CE1 . PHE A 1 86  ? 2.448   -1.337  -0.088  1.00   17.85 ? 86   PHE A CE1 1 
ATOM   659  C  CE2 . PHE A 1 86  ? 1.197   -0.849  -2.041  1.00   16.86 ? 86   PHE A CE2 1 
ATOM   660  C  CZ  . PHE A 1 86  ? 1.248   -1.135  -0.704  1.00   18.34 ? 86   PHE A CZ  1 
ATOM   661  N  N   . GLN A 1 87  ? 3.912   -3.296  -4.745  1.00   14.45 ? 87   GLN A N   1 
ATOM   662  C  CA  . GLN A 1 87  ? 2.854   -4.239  -5.069  1.00   15.70 ? 87   GLN A CA  1 
ATOM   663  C  C   . GLN A 1 87  ? 3.361   -5.680  -5.099  1.00   15.38 ? 87   GLN A C   1 
ATOM   664  O  O   . GLN A 1 87  ? 2.624   -6.605  -4.788  1.00   16.89 ? 87   GLN A O   1 
ATOM   665  C  CB  . GLN A 1 87  ? 2.141   -3.895  -6.347  1.00   16.63 ? 87   GLN A CB  1 
ATOM   666  C  CG  . GLN A 1 87  ? 1.228   -2.642  -6.175  1.00   16.83 ? 87   GLN A CG  1 
ATOM   667  C  CD  . GLN A 1 87  ? 0.310   -2.440  -7.353  1.00   18.10 ? 87   GLN A CD  1 
ATOM   668  O  OE1 . GLN A 1 87  ? -0.717  -3.130  -7.456  1.00   20.13 ? 87   GLN A OE1 1 
ATOM   669  N  NE2 . GLN A 1 87  ? 0.668   -1.538  -8.251  1.00   18.52 ? 87   GLN A NE2 1 
ATOM   670  N  N   . ASP A 1 88  ? 4.629   -5.831  -5.447  1.00   16.18 ? 88   ASP A N   1 
ATOM   671  C  CA  . ASP A 1 88  ? 5.273   -7.168  -5.377  1.00   16.79 ? 88   ASP A CA  1 
ATOM   672  C  C   . ASP A 1 88  ? 5.401   -7.679  -3.960  1.00   17.28 ? 88   ASP A C   1 
ATOM   673  O  O   . ASP A 1 88  ? 5.224   -8.882  -3.689  1.00   17.84 ? 88   ASP A O   1 
ATOM   674  C  CB  . ASP A 1 88  ? 6.619   -7.146  -6.089  1.00   20.23 ? 88   ASP A CB  1 
ATOM   675  C  CG  . ASP A 1 88  ? 6.467   -7.237  -7.609  1.00   22.87 ? 88   ASP A CG  1 
ATOM   676  O  OD1 . ASP A 1 88  ? 5.363   -7.604  -8.097  1.00   30.41 ? 88   ASP A OD1 1 
ATOM   677  O  OD2 . ASP A 1 88  ? 7.446   -6.939  -8.297  1.00   32.74 ? 88   ASP A OD2 1 
ATOM   678  N  N   . ASN A 1 89  ? 5.660   -6.774  -3.024  1.00   15.89 ? 89   ASN A N   1 
ATOM   679  C  CA  . ASN A 1 89  ? 5.661   -7.123  -1.600  1.00   16.55 ? 89   ASN A CA  1 
ATOM   680  C  C   . ASN A 1 89  ? 4.280   -7.536  -1.138  1.00   16.78 ? 89   ASN A C   1 
ATOM   681  O  O   . ASN A 1 89  ? 4.140   -8.432  -0.304  1.00   17.28 ? 89   ASN A O   1 
ATOM   682  C  CB  . ASN A 1 89  ? 6.209   -5.976  -0.725  1.00   18.56 ? 89   ASN A CB  1 
ATOM   683  C  CG  . ASN A 1 89  ? 7.733   -5.938  -0.673  1.00   25.65 ? 89   ASN A CG  1 
ATOM   684  O  OD1 . ASN A 1 89  ? 8.333   -6.601  0.145   1.00   36.28 ? 89   ASN A OD1 1 
ATOM   685  N  ND2 . ASN A 1 89  ? 8.346   -5.230  -1.584  1.00   26.25 ? 89   ASN A ND2 1 
ATOM   686  N  N   . ILE A 1 90  ? 3.231   -6.909  -1.682  1.00   16.09 ? 90   ILE A N   1 
ATOM   687  C  CA  . ILE A 1 90  ? 1.872   -7.326  -1.396  1.00   17.58 ? 90   ILE A CA  1 
ATOM   688  C  C   . ILE A 1 90  ? 1.626   -8.750  -1.921  1.00   18.40 ? 90   ILE A C   1 
ATOM   689  O  O   . ILE A 1 90  ? 0.958   -9.535  -1.259  1.00   18.28 ? 90   ILE A O   1 
ATOM   690  C  CB  . ILE A 1 90  ? 0.816   -6.303  -1.942  1.00   17.25 ? 90   ILE A CB  1 
ATOM   691  C  CG1 . ILE A 1 90  ? 0.937   -4.927  -1.254  1.00   17.78 ? 90   ILE A CG1 1 
ATOM   692  C  CG2 . ILE A 1 90  ? -0.579  -6.860  -1.766  1.00   19.92 ? 90   ILE A CG2 1 
ATOM   693  C  CD1 . ILE A 1 90  ? 0.494   -4.924  0.183   1.00   17.98 ? 90   ILE A CD1 1 
ATOM   694  N  N   . VAL A 1 91  ? 2.190   -9.099  -3.081  1.00   18.37 ? 91   VAL A N   1 
ATOM   695  C  CA  . VAL A 1 91  ? 2.011   -10.463 -3.611  1.00   19.49 ? 91   VAL A CA  1 
ATOM   696  C  C   . VAL A 1 91  ? 2.584   -11.484 -2.625  1.00   19.03 ? 91   VAL A C   1 
ATOM   697  O  O   . VAL A 1 91  ? 1.984   -12.527 -2.362  1.00   18.99 ? 91   VAL A O   1 
ATOM   698  C  CB  . VAL A 1 91  ? 2.679   -10.624 -4.997  1.00   19.06 ? 91   VAL A CB  1 
ATOM   699  C  CG1 . VAL A 1 91  ? 2.664   -12.071 -5.458  1.00   20.21 ? 91   VAL A CG1 1 
ATOM   700  C  CG2 . VAL A 1 91  ? 1.974   -9.775  -6.006  1.00   19.19 ? 91   VAL A CG2 1 
ATOM   701  N  N   . LYS A 1 92  ? 3.739   -11.166 -2.030  1.00   19.23 ? 92   LYS A N   1 
ATOM   702  C  CA  . LYS A 1 92  ? 4.359   -12.034 -1.037  1.00   19.30 ? 92   LYS A CA  1 
ATOM   703  C  C   . LYS A 1 92  ? 3.444   -12.194 0.158   1.00   17.82 ? 92   LYS A C   1 
ATOM   704  O  O   . LYS A 1 92  ? 3.277   -13.290 0.717   1.00   18.61 ? 92   LYS A O   1 
ATOM   705  C  CB  . LYS A 1 92  ? 5.725   -11.471 -0.618  1.00   21.78 ? 92   LYS A CB  1 
ATOM   706  C  CG  . LYS A 1 92  ? 6.509   -12.353 0.333   1.00   28.00 ? 92   LYS A CG  1 
ATOM   707  C  CD  . LYS A 1 92  ? 8.019   -12.036 0.307   1.00   29.89 ? 92   LYS A CD  1 
ATOM   708  C  CE  . LYS A 1 92  ? 8.315   -10.578 0.670   1.00   34.23 ? 92   LYS A CE  1 
ATOM   709  N  NZ  . LYS A 1 92  ? 9.593   -10.110 0.229   0.0000 46.65 ? 92   LYS A NZ  1 
ATOM   710  N  N   . LEU A 1 93  ? 2.806   -11.099 0.574   1.00   15.79 ? 93   LEU A N   1 
ATOM   711  C  CA  . LEU A 1 93  ? 1.888   -11.167 1.696   1.00   16.49 ? 93   LEU A CA  1 
ATOM   712  C  C   . LEU A 1 93  ? 0.644   -12.003 1.381   1.00   15.15 ? 93   LEU A C   1 
ATOM   713  O  O   . LEU A 1 93  ? 0.187   -12.788 2.239   1.00   16.98 ? 93   LEU A O   1 
ATOM   714  C  CB  . LEU A 1 93  ? 1.495   -9.742  2.115   1.00   16.15 ? 93   LEU A CB  1 
ATOM   715  C  CG  . LEU A 1 93  ? 0.593   -9.608  3.336   1.00   16.51 ? 93   LEU A CG  1 
ATOM   716  C  CD1 . LEU A 1 93  ? 1.296   -9.988  4.614   1.00   18.55 ? 93   LEU A CD1 1 
ATOM   717  C  CD2 . LEU A 1 93  ? 0.093   -8.182  3.452   1.00   17.33 ? 93   LEU A CD2 1 
ATOM   718  N  N   . SER A 1 94  ? 0.101   -11.829 0.188   1.00   16.25 ? 94   SER A N   1 
ATOM   719  C  CA  A SER A 1 94  ? -1.009  -12.654 -0.284  0.60   16.45 ? 94   SER A CA  1 
ATOM   720  C  CA  B SER A 1 94  ? -1.014  -12.644 -0.288  0.40   17.23 ? 94   SER A CA  1 
ATOM   721  C  C   . SER A 1 94  ? -0.641  -14.115 -0.267  1.00   18.01 ? 94   SER A C   1 
ATOM   722  O  O   . SER A 1 94  ? -1.446  -14.952 0.133   1.00   18.50 ? 94   SER A O   1 
ATOM   723  C  CB  A SER A 1 94  ? -1.453  -12.236 -1.675  0.60   15.54 ? 94   SER A CB  1 
ATOM   724  C  CB  B SER A 1 94  ? -1.452  -12.221 -1.692  0.40   17.30 ? 94   SER A CB  1 
ATOM   725  O  OG  A SER A 1 94  ? -1.929  -10.902 -1.624  0.60   14.04 ? 94   SER A OG  1 
ATOM   726  O  OG  B SER A 1 94  ? -2.449  -13.092 -2.200  0.40   18.09 ? 94   SER A OG  1 
ATOM   727  N  N   . ALA A 1 95  ? 0.578   -14.416 -0.699  1.00   18.14 ? 95   ALA A N   1 
ATOM   728  C  CA  . ALA A 1 95  ? 1.004   -15.824 -0.706  1.00   18.90 ? 95   ALA A CA  1 
ATOM   729  C  C   . ALA A 1 95  ? 1.085   -16.420 0.674   1.00   18.30 ? 95   ALA A C   1 
ATOM   730  O  O   . ALA A 1 95  ? 0.637   -17.566 0.905   1.00   17.92 ? 95   ALA A O   1 
ATOM   731  C  CB  . ALA A 1 95  ? 2.329   -15.976 -1.435  1.00   18.90 ? 95   ALA A CB  1 
ATOM   732  N  N   . ALA A 1 96  ? 1.641   -15.657 1.619   1.00   17.26 ? 96   ALA A N   1 
ATOM   733  C  CA  . ALA A 1 96  ? 1.662   -16.051 3.013   1.00   16.58 ? 96   ALA A CA  1 
ATOM   734  C  C   . ALA A 1 96  ? 0.269   -16.287 3.549   1.00   19.01 ? 96   ALA A C   1 
ATOM   735  O  O   . ALA A 1 96  ? 0.011   -17.282 4.218   1.00   19.51 ? 96   ALA A O   1 
ATOM   736  C  CB  . ALA A 1 96  ? 2.396   -15.012 3.878   1.00   17.83 ? 96   ALA A CB  1 
ATOM   737  N  N   . ALA A 1 97  ? -0.631  -15.346 3.265   1.00   17.80 ? 97   ALA A N   1 
ATOM   738  C  CA  . ALA A 1 97  ? -1.978  -15.423 3.794   1.00   18.42 ? 97   ALA A CA  1 
ATOM   739  C  C   . ALA A 1 97  ? -2.752  -16.603 3.184   1.00   19.60 ? 97   ALA A C   1 
ATOM   740  O  O   . ALA A 1 97  ? -3.486  -17.272 3.901   1.00   20.04 ? 97   ALA A O   1 
ATOM   741  C  CB  . ALA A 1 97  ? -2.707  -14.133 3.518   1.00   18.45 ? 97   ALA A CB  1 
ATOM   742  N  N   . ASP A 1 98  ? -2.604  -16.813 1.890   1.00   20.23 ? 98   ASP A N   1 
ATOM   743  C  CA  . ASP A 1 98  ? -3.199  -17.946 1.213   1.00   20.85 ? 98   ASP A CA  1 
ATOM   744  C  C   . ASP A 1 98  ? -2.662  -19.276 1.733   1.00   24.10 ? 98   ASP A C   1 
ATOM   745  O  O   . ASP A 1 98  ? -3.395  -20.273 1.773   1.00   27.60 ? 98   ASP A O   1 
ATOM   746  C  CB  . ASP A 1 98  ? -2.994  -17.837 -0.314  1.00   20.97 ? 98   ASP A CB  1 
ATOM   747  C  CG  . ASP A 1 98  ? -3.806  -16.697 -0.975  0.50   17.18 ? 98   ASP A CG  1 
ATOM   748  O  OD1 . ASP A 1 98  ? -4.683  -16.087 -0.342  0.50   13.84 ? 98   ASP A OD1 1 
ATOM   749  O  OD2 . ASP A 1 98  ? -3.558  -16.398 -2.174  0.50   16.77 ? 98   ASP A OD2 1 
ATOM   750  N  N   . ALA A 1 99  ? -1.393  -19.325 2.118   1.00   25.58 ? 99   ALA A N   1 
ATOM   751  C  CA  . ALA A 1 99  ? -0.830  -20.559 2.670   1.00   25.76 ? 99   ALA A CA  1 
ATOM   752  C  C   . ALA A 1 99  ? -1.199  -20.777 4.135   1.00   25.69 ? 99   ALA A C   1 
ATOM   753  O  O   . ALA A 1 99  ? -1.046  -21.878 4.655   1.00   27.63 ? 99   ALA A O   1 
ATOM   754  C  CB  . ALA A 1 99  ? 0.676   -20.590 2.503   1.00   26.81 ? 99   ALA A CB  1 
ATOM   755  N  N   . GLY A 1 100 ? -1.675  -19.742 4.817   1.00   24.81 ? 100  GLY A N   1 
ATOM   756  C  CA  . GLY A 1 100 ? -2.067  -19.851 6.222   1.00   23.34 ? 100  GLY A CA  1 
ATOM   757  C  C   . GLY A 1 100 ? -0.861  -20.005 7.112   1.00   25.87 ? 100  GLY A C   1 
ATOM   758  O  O   . GLY A 1 100 ? -0.916  -20.671 8.160   1.00   28.15 ? 100  GLY A O   1 
ATOM   759  N  N   . ASP A 1 101 ? 0.229   -19.353 6.713   1.00   23.50 ? 101  ASP A N   1 
ATOM   760  C  CA  . ASP A 1 101 ? 1.527   -19.530 7.354   1.00   24.91 ? 101  ASP A CA  1 
ATOM   761  C  C   . ASP A 1 101 ? 1.830   -18.260 8.130   1.00   24.13 ? 101  ASP A C   1 
ATOM   762  O  O   . ASP A 1 101 ? 2.210   -17.257 7.541   1.00   23.66 ? 101  ASP A O   1 
ATOM   763  C  CB  . ASP A 1 101 ? 2.587   -19.800 6.284   0.50   23.18 ? 101  ASP A CB  1 
ATOM   764  C  CG  . ASP A 1 101 ? 3.946   -20.129 6.863   0.50   23.09 ? 101  ASP A CG  1 
ATOM   765  O  OD1 . ASP A 1 101 ? 4.304   -19.612 7.935   0.50   20.91 ? 101  ASP A OD1 1 
ATOM   766  O  OD2 . ASP A 1 101 ? 4.666   -20.941 6.219   0.50   24.36 ? 101  ASP A OD2 1 
ATOM   767  N  N   . LEU A 1 102 ? 1.675   -18.332 9.439   1.00   22.16 ? 102  LEU A N   1 
ATOM   768  C  CA  . LEU A 1 102 ? 1.856   -17.187 10.302  1.00   26.09 ? 102  LEU A CA  1 
ATOM   769  C  C   . LEU A 1 102 ? 3.292   -16.664 10.298  1.00   27.32 ? 102  LEU A C   1 
ATOM   770  O  O   . LEU A 1 102 ? 3.511   -15.455 10.395  1.00   24.25 ? 102  LEU A O   1 
ATOM   771  C  CB  . LEU A 1 102 ? 1.429   -17.521 11.719  1.00   28.24 ? 102  LEU A CB  1 
ATOM   772  C  CG  . LEU A 1 102 ? 1.585   -16.389 12.743  1.00   28.99 ? 102  LEU A CG  1 
ATOM   773  C  CD1 . LEU A 1 102 ? 0.690   -15.184 12.453  1.00   28.96 ? 102  LEU A CD1 1 
ATOM   774  C  CD2 . LEU A 1 102 ? 1.341   -16.927 14.143  1.00   30.43 ? 102  LEU A CD2 1 
ATOM   775  N  N   . ASP A 1 103 ? 4.270   -17.545 10.186  1.00   26.11 ? 103  ASP A N   1 
ATOM   776  C  CA  . ASP A 1 103 ? 5.664   -17.076 10.100  1.00   28.84 ? 103  ASP A CA  1 
ATOM   777  C  C   . ASP A 1 103 ? 5.960   -16.299 8.830   1.00   25.74 ? 103  ASP A C   1 
ATOM   778  O  O   . ASP A 1 103 ? 6.621   -15.247 8.873   1.00   23.96 ? 103  ASP A O   1 
ATOM   779  C  CB  . ASP A 1 103 ? 6.618   -18.263 10.188  1.00   30.80 ? 103  ASP A CB  1 
ATOM   780  C  CG  . ASP A 1 103 ? 6.625   -18.875 11.556  1.00   35.71 ? 103  ASP A CG  1 
ATOM   781  O  OD1 . ASP A 1 103 ? 6.936   -18.140 12.517  1.00   36.77 ? 103  ASP A OD1 1 
ATOM   782  O  OD2 . ASP A 1 103 ? 6.307   -20.070 11.668  1.00   39.22 ? 103  ASP A OD2 1 
ATOM   783  N  N   . LYS A 1 104 ? 5.454   -16.791 7.700   1.00   25.03 ? 104  LYS A N   1 
ATOM   784  C  CA  . LYS A 1 104 ? 5.625   -16.098 6.434   1.00   24.39 ? 104  LYS A CA  1 
ATOM   785  C  C   . LYS A 1 104 ? 4.810   -14.793 6.461   1.00   22.84 ? 104  LYS A C   1 
ATOM   786  O  O   . LYS A 1 104 ? 5.251   -13.772 5.944   1.00   19.21 ? 104  LYS A O   1 
ATOM   787  C  CB  . LYS A 1 104 ? 5.147   -16.958 5.276   1.00   26.97 ? 104  LYS A CB  1 
ATOM   788  C  CG  . LYS A 1 104 ? 6.133   -18.072 4.910   1.00   29.23 ? 104  LYS A CG  1 
ATOM   789  C  CD  . LYS A 1 104 ? 5.443   -19.100 3.923   0.0000 43.75 ? 104  LYS A CD  1 
ATOM   790  C  CE  . LYS A 1 104 ? 6.349   -20.298 3.678   0.0000 42.49 ? 104  LYS A CE  1 
ATOM   791  N  NZ  . LYS A 1 104 ? 5.854   -21.149 2.561   0.0000 56.77 ? 104  LYS A NZ  1 
ATOM   792  N  N   . LEU A 1 105 ? 3.666   -14.831 7.127   1.00   18.65 ? 105  LEU A N   1 
ATOM   793  C  CA  . LEU A 1 105 ? 2.864   -13.622 7.273   1.00   19.69 ? 105  LEU A CA  1 
ATOM   794  C  C   . LEU A 1 105 ? 3.649   -12.510 7.995   1.00   19.39 ? 105  LEU A C   1 
ATOM   795  O  O   . LEU A 1 105 ? 3.648   -11.353 7.562   1.00   18.82 ? 105  LEU A O   1 
ATOM   796  C  CB  . LEU A 1 105 ? 1.573   -13.920 8.030   1.00   19.94 ? 105  LEU A CB  1 
ATOM   797  C  CG  . LEU A 1 105 ? 0.417   -12.943 7.822   1.00   23.71 ? 105  LEU A CG  1 
ATOM   798  C  CD1 . LEU A 1 105 ? 0.021   -12.876 6.352   1.00   23.36 ? 105  LEU A CD1 1 
ATOM   799  C  CD2 . LEU A 1 105 ? -0.845  -13.530 8.564   0.0000 35.69 ? 105  LEU A CD2 1 
ATOM   800  N  N   . ARG A 1 106 ? 4.294   -12.849 9.101   1.00   19.46 ? 106  ARG A N   1 
ATOM   801  C  CA  . ARG A 1 106 ? 5.021   -11.849 9.890   1.00   20.26 ? 106  ARG A CA  1 
ATOM   802  C  C   . ARG A 1 106 ? 6.119   -11.247 9.079   1.00   18.21 ? 106  ARG A C   1 
ATOM   803  O  O   . ARG A 1 106 ? 6.326   -10.050 9.106   1.00   20.37 ? 106  ARG A O   1 
ATOM   804  C  CB  . ARG A 1 106 ? 5.656   -12.467 11.136  1.00   23.11 ? 106  ARG A CB  1 
ATOM   805  C  CG  . ARG A 1 106 ? 4.659   -12.770 12.219  1.00   29.54 ? 106  ARG A CG  1 
ATOM   806  C  CD  . ARG A 1 106 ? 5.307   -13.581 13.324  1.00   35.81 ? 106  ARG A CD  1 
ATOM   807  N  NE  . ARG A 1 106 ? 5.994   -12.769 14.321  1.00   39.78 ? 106  ARG A NE  1 
ATOM   808  C  CZ  . ARG A 1 106 ? 7.275   -12.905 14.693  1.00   42.05 ? 106  ARG A CZ  1 
ATOM   809  N  NH1 . ARG A 1 106 ? 8.079   -13.807 14.144  1.00   48.08 ? 106  ARG A NH1 1 
ATOM   810  N  NH2 . ARG A 1 106 ? 7.752   -12.132 15.644  1.00   42.42 ? 106  ARG A NH2 1 
ATOM   811  N  N   . ALA A 1 107 ? 6.836   -12.094 8.359   1.00   18.57 ? 107  ALA A N   1 
ATOM   812  C  CA  . ALA A 1 107 ? 7.988   -11.631 7.612   1.00   17.54 ? 107  ALA A CA  1 
ATOM   813  C  C   . ALA A 1 107 ? 7.545   -10.712 6.464   1.00   17.83 ? 107  ALA A C   1 
ATOM   814  O  O   . ALA A 1 107 ? 8.127   -9.653  6.261   1.00   18.97 ? 107  ALA A O   1 
ATOM   815  C  CB  . ALA A 1 107 ? 8.763   -12.833 7.086   1.00   20.08 ? 107  ALA A CB  1 
ATOM   816  N  N   . ALA A 1 108 ? 6.519   -11.151 5.733   1.00   17.12 ? 108  ALA A N   1 
ATOM   817  C  CA  . ALA A 1 108 ? 6.004   -10.375 4.606   1.00   17.18 ? 108  ALA A CA  1 
ATOM   818  C  C   . ALA A 1 108 ? 5.397   -9.055  5.063   1.00   16.36 ? 108  ALA A C   1 
ATOM   819  O  O   . ALA A 1 108 ? 5.511   -8.032  4.361   1.00   18.07 ? 108  ALA A O   1 
ATOM   820  C  CB  . ALA A 1 108 ? 4.970   -11.170 3.857   1.00   16.83 ? 108  ALA A CB  1 
ATOM   821  N  N   . PHE A 1 109 ? 4.776   -9.057  6.234   1.00   15.71 ? 109  PHE A N   1 
ATOM   822  C  CA  . PHE A 1 109 ? 4.173   -7.830  6.783   1.00   16.46 ? 109  PHE A CA  1 
ATOM   823  C  C   . PHE A 1 109 ? 5.253   -6.786  7.024   1.00   17.91 ? 109  PHE A C   1 
ATOM   824  O  O   . PHE A 1 109 ? 5.100   -5.596  6.702   1.00   16.26 ? 109  PHE A O   1 
ATOM   825  C  CB  . PHE A 1 109 ? 3.395   -8.211  8.051   1.00   16.37 ? 109  PHE A CB  1 
ATOM   826  C  CG  . PHE A 1 109 ? 2.572   -7.090  8.665   1.00   17.66 ? 109  PHE A CG  1 
ATOM   827  C  CD1 . PHE A 1 109 ? 1.255   -6.867  8.260   1.00   18.97 ? 109  PHE A CD1 1 
ATOM   828  C  CD2 . PHE A 1 109 ? 3.126   -6.269  9.612   1.00   18.09 ? 109  PHE A CD2 1 
ATOM   829  C  CE1 . PHE A 1 109 ? 0.505   -5.865  8.844   1.00   19.98 ? 109  PHE A CE1 1 
ATOM   830  C  CE2 . PHE A 1 109 ? 2.376   -5.261  10.191  1.00   19.79 ? 109  PHE A CE2 1 
ATOM   831  C  CZ  . PHE A 1 109 ? 1.071   -5.086  9.815   1.00   17.80 ? 109  PHE A CZ  1 
ATOM   832  N  N   . GLY A 1 110 ? 6.378   -7.222  7.572   1.00   16.47 ? 110  GLY A N   1 
ATOM   833  C  CA  . GLY A 1 110 ? 7.500   -6.312  7.805   1.00   16.77 ? 110  GLY A CA  1 
ATOM   834  C  C   . GLY A 1 110 ? 8.063   -5.729  6.518   1.00   15.97 ? 110  GLY A C   1 
ATOM   835  O  O   . GLY A 1 110 ? 8.372   -4.561  6.468   1.00   18.61 ? 110  GLY A O   1 
ATOM   836  N  N   . ASP A 1 111 ? 8.173   -6.553  5.484   1.00   16.79 ? 111  ASP A N   1 
ATOM   837  C  CA  . ASP A 1 111 ? 8.675   -6.085  4.216   1.00   18.54 ? 111  ASP A CA  1 
ATOM   838  C  C   . ASP A 1 111 ? 7.741   -5.073  3.581   1.00   16.63 ? 111  ASP A C   1 
ATOM   839  O  O   . ASP A 1 111 ? 8.210   -4.090  3.017   1.00   15.65 ? 111  ASP A O   1 
ATOM   840  C  CB  . ASP A 1 111 ? 8.962   -7.240  3.259   1.00   20.68 ? 111  ASP A CB  1 
ATOM   841  C  CG  . ASP A 1 111 ? 10.130  -8.115  3.721   1.00   23.81 ? 111  ASP A CG  1 
ATOM   842  O  OD1 . ASP A 1 111 ? 10.972  -7.644  4.516   1.00   26.00 ? 111  ASP A OD1 1 
ATOM   843  O  OD2 . ASP A 1 111 ? 10.167  -9.277  3.264   1.00   29.07 ? 111  ASP A OD2 1 
ATOM   844  N  N   . VAL A 1 112 ? 6.432   -5.304  3.708   1.00   16.19 ? 112  VAL A N   1 
ATOM   845  C  CA  . VAL A 1 112 ? 5.442   -4.361  3.184   1.00   15.51 ? 112  VAL A CA  1 
ATOM   846  C  C   . VAL A 1 112 ? 5.606   -3.046  3.924   1.00   16.66 ? 112  VAL A C   1 
ATOM   847  O  O   . VAL A 1 112 ? 5.650   -1.974  3.295   1.00   16.48 ? 112  VAL A O   1 
ATOM   848  C  CB  . VAL A 1 112 ? 3.996   -4.871  3.293   1.00   15.58 ? 112  VAL A CB  1 
ATOM   849  C  CG1 . VAL A 1 112 ? 3.001   -3.772  2.937   1.00   15.14 ? 112  VAL A CG1 1 
ATOM   850  C  CG2 . VAL A 1 112 ? 3.742   -6.101  2.418   1.00   15.88 ? 112  VAL A CG2 1 
ATOM   851  N  N   . GLY A 1 113 ? 5.708   -3.107  5.246   1.00   16.09 ? 113  GLY A N   1 
ATOM   852  C  CA  . GLY A 1 113 ? 5.797   -1.891  6.015   1.00   16.97 ? 113  GLY A CA  1 
ATOM   853  C  C   . GLY A 1 113 ? 7.004   -1.086  5.632   1.00   18.15 ? 113  GLY A C   1 
ATOM   854  O  O   . GLY A 1 113 ? 6.949   0.153   5.542   1.00   17.80 ? 113  GLY A O   1 
ATOM   855  N  N   . ALA A 1 114 ? 8.119   -1.774  5.365   1.00   17.40 ? 114  ALA A N   1 
ATOM   856  C  CA  . ALA A 1 114 ? 9.358   -1.101  4.952   1.00   17.89 ? 114  ALA A CA  1 
ATOM   857  C  C   . ALA A 1 114 ? 9.186   -0.435  3.605   1.00   17.66 ? 114  ALA A C   1 
ATOM   858  O  O   . ALA A 1 114 ? 9.731   0.640   3.380   1.00   18.06 ? 114  ALA A O   1 
ATOM   859  C  CB  . ALA A 1 114 ? 10.516  -2.092  4.911   1.00   19.29 ? 114  ALA A CB  1 
ATOM   860  N  N   . SER A 1 115 ? 8.430   -1.076  2.710   1.00   17.02 ? 115  SER A N   1 
ATOM   861  C  CA  . SER A 1 115 ? 8.144   -0.508  1.381   1.00   18.09 ? 115  SER A CA  1 
ATOM   862  C  C   . SER A 1 115 ? 7.298   0.742   1.481   1.00   17.47 ? 115  SER A C   1 
ATOM   863  O  O   . SER A 1 115 ? 7.531   1.705   0.735   1.00   18.55 ? 115  SER A O   1 
ATOM   864  C  CB  . SER A 1 115 ? 7.428   -1.514  0.474   1.00   19.37 ? 115  SER A CB  1 
ATOM   865  O  OG  . SER A 1 115 ? 8.313   -2.475  -0.037  1.00   29.54 ? 115  SER A OG  1 
ATOM   866  N  N   . CYS A 1 116 ? 6.355   0.757   2.415   1.00   17.22 ? 116  CYS A N   1 
ATOM   867  C  CA  . CYS A 1 116 ? 5.564   1.961   2.669   1.00   19.86 ? 116  CYS A CA  1 
ATOM   868  C  C   . CYS A 1 116 ? 6.496   3.121   3.041   1.00   20.73 ? 116  CYS A C   1 
ATOM   869  O  O   . CYS A 1 116 ? 6.433   4.240   2.453   1.00   21.62 ? 116  CYS A O   1 
ATOM   870  C  CB  . CYS A 1 116 ? 4.560   1.769   3.826   1.00   20.38 ? 116  CYS A CB  1 
ATOM   871  S  SG  . CYS A 1 116 ? 3.406   0.383   3.733   1.00   20.94 ? 116  CYS A SG  1 
ATOM   872  N  N   . LYS A 1 117 ? 7.321   2.889   4.049   1.00   21.43 ? 117  LYS A N   1 
ATOM   873  C  CA  . LYS A 1 117 ? 8.208   3.925   4.572   1.00   23.79 ? 117  LYS A CA  1 
ATOM   874  C  C   . LYS A 1 117 ? 9.176   4.417   3.504   1.00   21.69 ? 117  LYS A C   1 
ATOM   875  O  O   . LYS A 1 117 ? 9.423   5.623   3.391   1.00   23.49 ? 117  LYS A O   1 
ATOM   876  C  CB  . LYS A 1 117 ? 8.985   3.372   5.775   1.00   24.33 ? 117  LYS A CB  1 
ATOM   877  C  CG  . LYS A 1 117 ? 10.038  4.331   6.319   1.00   29.75 ? 117  LYS A CG  1 
ATOM   878  C  CD  . LYS A 1 117 ? 10.819  3.691   7.460   1.00   31.51 ? 117  LYS A CD  1 
ATOM   879  C  CE  . LYS A 1 117 ? 11.534  4.840   8.312   0.0000 48.99 ? 117  LYS A CE  1 
ATOM   880  N  NZ  . LYS A 1 117 ? 10.669  5.296   9.433   0.0000 48.75 ? 117  LYS A NZ  1 
ATOM   881  N  N   . ALA A 1 118 ? 9.697   3.494   2.710   1.00   20.79 ? 118  ALA A N   1 
ATOM   882  C  CA  . ALA A 1 118 ? 10.696  3.834   1.665   1.00   22.26 ? 118  ALA A CA  1 
ATOM   883  C  C   . ALA A 1 118 ? 10.115  4.844   0.674   1.00   22.40 ? 118  ALA A C   1 
ATOM   884  O  O   . ALA A 1 118 ? 10.757  5.852   0.329   1.00   22.44 ? 118  ALA A O   1 
ATOM   885  C  CB  . ALA A 1 118 ? 11.160  2.594   0.947   1.00   21.55 ? 118  ALA A CB  1 
ATOM   886  N  N   . CYS A 1 119 ? 8.896   4.570   0.187   1.00   19.76 ? 119  CYS A N   1 
ATOM   887  C  CA  . CYS A 1 119 ? 8.267   5.526   -0.711  1.00   17.11 ? 119  CYS A CA  1 
ATOM   888  C  C   . CYS A 1 119 ? 8.034   6.849   0.009   1.00   17.20 ? 119  CYS A C   1 
ATOM   889  O  O   . CYS A 1 119 ? 8.295   7.944   -0.571  1.00   19.61 ? 119  CYS A O   1 
ATOM   890  C  CB  . CYS A 1 119 ? 6.964   4.977   -1.303  1.00   16.44 ? 119  CYS A CB  1 
ATOM   891  S  SG  . CYS A 1 119 ? 6.343   6.104   -2.533  1.00   17.05 ? 119  CYS A SG  1 
ATOM   892  N  N   . HIS A 1 120 ? 7.540   6.802   1.219   1.00   15.91 ? 120  HIS A N   1 
ATOM   893  C  CA  . HIS A 1 120 ? 7.213   8.056   1.930   1.00   17.59 ? 120  HIS A CA  1 
ATOM   894  C  C   . HIS A 1 120 ? 8.453   8.912   2.110   1.00   21.68 ? 120  HIS A C   1 
ATOM   895  O  O   . HIS A 1 120 ? 8.385   10.148  1.983   1.00   20.51 ? 120  HIS A O   1 
ATOM   896  C  CB  . HIS A 1 120 ? 6.546   7.823   3.272   1.00   17.57 ? 120  HIS A CB  1 
ATOM   897  C  CG  . HIS A 1 120 ? 5.174   7.220   3.177   1.00   17.71 ? 120  HIS A CG  1 
ATOM   898  N  ND1 . HIS A 1 120 ? 4.596   6.523   4.211   1.00   17.33 ? 120  HIS A ND1 1 
ATOM   899  C  CD2 . HIS A 1 120 ? 4.270   7.198   2.160   1.00   16.14 ? 120  HIS A CD2 1 
ATOM   900  C  CE1 . HIS A 1 120 ? 3.391   6.100   3.856   1.00   17.32 ? 120  HIS A CE1 1 
ATOM   901  N  NE2 . HIS A 1 120 ? 3.162   6.506   2.616   1.00   15.01 ? 120  HIS A NE2 1 
ATOM   902  N  N   . ASP A 1 121 ? 9.575   8.265   2.410   1.00   20.45 ? 121  ASP A N   1 
ATOM   903  C  CA  . ASP A 1 121 ? 10.804  9.045   2.608   1.00   25.76 ? 121  ASP A CA  1 
ATOM   904  C  C   . ASP A 1 121 ? 11.225  9.815   1.360   1.00   24.95 ? 121  ASP A C   1 
ATOM   905  O  O   . ASP A 1 121 ? 11.746  10.926  1.465   1.00   27.29 ? 121  ASP A O   1 
ATOM   906  C  CB  . ASP A 1 121 ? 11.936  8.122   3.055   1.00   28.29 ? 121  ASP A CB  1 
ATOM   907  C  CG  . ASP A 1 121 ? 11.770  7.628   4.487   1.00   30.18 ? 121  ASP A CG  1 
ATOM   908  O  OD1 . ASP A 1 121 ? 11.038  8.237   5.273   1.00   35.18 ? 121  ASP A OD1 1 
ATOM   909  O  OD2 . ASP A 1 121 ? 12.427  6.628   4.837   1.00   34.13 ? 121  ASP A OD2 1 
ATOM   910  N  N   . ALA A 1 122 ? 10.999  9.238   0.188   1.00   24.00 ? 122  ALA A N   1 
ATOM   911  C  CA  . ALA A 1 122 ? 11.370  9.851   -1.083  1.00   22.63 ? 122  ALA A CA  1 
ATOM   912  C  C   . ALA A 1 122 ? 10.310  10.797  -1.636  1.00   23.86 ? 122  ALA A C   1 
ATOM   913  O  O   . ALA A 1 122 ? 10.656  11.800  -2.282  1.00   20.98 ? 122  ALA A O   1 
ATOM   914  C  CB  . ALA A 1 122 ? 11.645  8.768   -2.112  1.00   24.05 ? 122  ALA A CB  1 
ATOM   915  N  N   . TYR A 1 123 ? 9.029   10.467  -1.435  1.00   20.66 ? 123  TYR A N   1 
ATOM   916  C  CA  . TYR A 1 123 ? 7.974   11.088  -2.223  1.00   19.94 ? 123  TYR A CA  1 
ATOM   917  C  C   . TYR A 1 123 ? 6.816   11.710  -1.507  1.00   18.58 ? 123  TYR A C   1 
ATOM   918  O  O   . TYR A 1 123 ? 5.908   12.224  -2.163  1.00   20.89 ? 123  TYR A O   1 
ATOM   919  C  CB  . TYR A 1 123 ? 7.428   10.033  -3.188  1.00   20.27 ? 123  TYR A CB  1 
ATOM   920  C  CG  . TYR A 1 123 ? 8.453   9.602   -4.207  1.00   22.26 ? 123  TYR A CG  1 
ATOM   921  C  CD1 . TYR A 1 123 ? 8.986   10.518  -5.117  1.00   24.57 ? 123  TYR A CD1 1 
ATOM   922  C  CD2 . TYR A 1 123 ? 8.910   8.295   -4.250  1.00   25.09 ? 123  TYR A CD2 1 
ATOM   923  C  CE1 . TYR A 1 123 ? 9.934   10.129  -6.064  1.00   26.42 ? 123  TYR A CE1 1 
ATOM   924  C  CE2 . TYR A 1 123 ? 9.844   7.892   -5.200  1.00   26.58 ? 123  TYR A CE2 1 
ATOM   925  C  CZ  . TYR A 1 123 ? 10.350  8.810   -6.105  1.00   28.56 ? 123  TYR A CZ  1 
ATOM   926  O  OH  . TYR A 1 123 ? 11.272  8.408   -7.057  1.00   33.30 ? 123  TYR A OH  1 
ATOM   927  N  N   A ARG A 1 124 ? 6.819   11.685  -0.188  0.70   20.25 ? 124  ARG A N   1 
ATOM   928  N  N   B ARG A 1 124 ? 6.849   11.715  -0.183  0.30   20.61 ? 124  ARG A N   1 
ATOM   929  C  CA  A ARG A 1 124 ? 5.759   12.330  0.564   0.70   19.46 ? 124  ARG A CA  1 
ATOM   930  C  CA  B ARG A 1 124 ? 5.777   12.298  0.609   0.30   20.23 ? 124  ARG A CA  1 
ATOM   931  C  C   A ARG A 1 124 ? 6.319   13.482  1.391   0.70   21.34 ? 124  ARG A C   1 
ATOM   932  C  C   B ARG A 1 124 ? 6.307   13.477  1.425   0.30   21.72 ? 124  ARG A C   1 
ATOM   933  O  O   A ARG A 1 124 ? 7.320   13.327  2.069   0.70   20.94 ? 124  ARG A O   1 
ATOM   934  O  O   B ARG A 1 124 ? 7.299   13.339  2.134   0.30   21.70 ? 124  ARG A O   1 
ATOM   935  C  CB  A ARG A 1 124 ? 5.039   11.333  1.465   0.70   20.65 ? 124  ARG A CB  1 
ATOM   936  C  CB  B ARG A 1 124 ? 5.191   11.236  1.535   0.30   20.56 ? 124  ARG A CB  1 
ATOM   937  C  CG  A ARG A 1 124 ? 3.812   11.917  2.142   0.70   20.63 ? 124  ARG A CG  1 
ATOM   938  C  CG  B ARG A 1 124 ? 3.950   11.678  2.285   0.30   19.98 ? 124  ARG A CG  1 
ATOM   939  C  CD  A ARG A 1 124 ? 3.028   10.859  2.902   0.70   21.84 ? 124  ARG A CD  1 
ATOM   940  C  CD  B ARG A 1 124 ? 3.395   10.558  3.154   0.30   19.69 ? 124  ARG A CD  1 
ATOM   941  N  NE  A ARG A 1 124 ? 3.612   10.501  4.192   0.70   23.83 ? 124  ARG A NE  1 
ATOM   942  N  NE  B ARG A 1 124 ? 2.321   11.035  4.026   0.30   19.89 ? 124  ARG A NE  1 
ATOM   943  C  CZ  A ARG A 1 124 ? 3.097   9.574   5.007   0.70   26.95 ? 124  ARG A CZ  1 
ATOM   944  C  CZ  B ARG A 1 124 ? 1.643   10.276  4.879   0.30   19.69 ? 124  ARG A CZ  1 
ATOM   945  N  NH1 A ARG A 1 124 ? 2.003   8.903   4.658   0.70   26.72 ? 124  ARG A NH1 1 
ATOM   946  N  NH1 B ARG A 1 124 ? 1.916   8.982   4.978   0.30   20.16 ? 124  ARG A NH1 1 
ATOM   947  N  NH2 A ARG A 1 124 ? 3.682   9.299   6.170   0.70   27.11 ? 124  ARG A NH2 1 
ATOM   948  N  NH2 B ARG A 1 124 ? 0.682   10.812  5.624   0.30   19.71 ? 124  ARG A NH2 1 
ATOM   949  N  N   . LYS A 1 125 ? 5.642   14.631  1.314   1.00   23.46 ? 125  LYS A N   1 
ATOM   950  C  CA  . LYS A 1 125 ? 6.011   15.816  2.089   1.00   25.83 ? 125  LYS A CA  1 
ATOM   951  C  C   . LYS A 1 125 ? 5.814   15.562  3.582   1.00   31.07 ? 125  LYS A C   1 
ATOM   952  O  O   . LYS A 1 125 ? 4.868   14.884  3.992   1.00   30.87 ? 125  LYS A O   1 
ATOM   953  C  CB  . LYS A 1 125 ? 5.134   17.016  1.658   1.00   24.90 ? 125  LYS A CB  1 
ATOM   954  C  CG  . LYS A 1 125 ? 5.398   17.516  0.246   1.00   26.14 ? 125  LYS A CG  1 
ATOM   955  C  CD  . LYS A 1 125 ? 4.783   18.886  -0.062  1.00   25.68 ? 125  LYS A CD  1 
ATOM   956  C  CE  . LYS A 1 125 ? 4.847   19.157  -1.562  1.00   26.12 ? 125  LYS A CE  1 
ATOM   957  N  NZ  . LYS A 1 125 ? 4.425   20.525  -2.002  1.00   26.08 ? 125  LYS A NZ  1 
ATOM   958  N  N   . LYS A 1 126 ? 6.700   16.128  4.401   1.00   38.78 ? 126  LYS A N   1 
ATOM   959  C  CA  . LYS A 1 126 ? 6.582   16.016  5.860   1.00   43.35 ? 126  LYS A CA  1 
ATOM   960  C  C   . LYS A 1 126 ? 5.626   17.068  6.420   1.00   48.06 ? 126  LYS A C   1 
ATOM   961  O  O   . LYS A 1 126 ? 4.528   16.742  6.877   1.00   51.56 ? 126  LYS A O   1 
ATOM   962  C  CB  . LYS A 1 126 ? 7.958   16.291  6.539   0.0000 20.00 ? 126  LYS A CB  1 
ATOM   963  C  CG  . LYS A 1 126 ? 9.174   15.824  5.756   0.0000 20.00 ? 126  LYS A CG  1 
ATOM   964  C  CD  . LYS A 1 126 ? 9.436   14.343  5.973   0.0000 20.00 ? 126  LYS A CD  1 
ATOM   965  C  CE  . LYS A 1 126 ? 10.126  13.722  4.769   0.0000 20.00 ? 126  LYS A CE  1 
ATOM   966  N  NZ  . LYS A 1 126 ? 11.325  12.931  5.162   0.0000 20.00 ? 126  LYS A NZ  1 
HETATM 967  FE FE  . HEC B 2 .   ? 1.523   6.202   1.438   1.00   14.53 ? 128  HEC A FE  1 
HETATM 968  C  CHA . HEC B 2 .   ? 0.023   9.211   1.701   1.00   13.49 ? 128  HEC A CHA 1 
HETATM 969  C  CHB . HEC B 2 .   ? -0.318  5.089   4.084   1.00   14.44 ? 128  HEC A CHB 1 
HETATM 970  C  CHC . HEC B 2 .   ? 2.459   2.992   0.763   1.00   14.15 ? 128  HEC A CHC 1 
HETATM 971  C  CHD . HEC B 2 .   ? 3.101   7.247   -1.340  1.00   14.87 ? 128  HEC A CHD 1 
HETATM 972  N  NA  . HEC B 2 .   ? 0.086   6.990   2.635   1.00   14.35 ? 128  HEC A NA  1 
HETATM 973  C  C1A . HEC B 2 .   ? -0.419  8.246   2.626   1.00   14.44 ? 128  HEC A C1A 1 
HETATM 974  C  C2A . HEC B 2 .   ? -1.403  8.478   3.610   1.00   14.99 ? 128  HEC A C2A 1 
HETATM 975  C  C3A . HEC B 2 .   ? -1.456  7.289   4.300   1.00   14.86 ? 128  HEC A C3A 1 
HETATM 976  C  C4A . HEC B 2 .   ? -0.557  6.419   3.673   1.00   14.38 ? 128  HEC A C4A 1 
HETATM 977  C  CMA . HEC B 2 .   ? -2.366  6.956   5.414   1.00   15.77 ? 128  HEC A CMA 1 
HETATM 978  C  CAA . HEC B 2 .   ? -2.197  9.762   3.902   1.00   15.16 ? 128  HEC A CAA 1 
HETATM 979  C  CBA . HEC B 2 .   ? -3.427  9.806   3.021   1.00   16.22 ? 128  HEC A CBA 1 
HETATM 980  C  CGA . HEC B 2 .   ? -4.312  10.988  3.378   1.00   19.04 ? 128  HEC A CGA 1 
HETATM 981  O  O1A . HEC B 2 .   ? -4.019  12.119  2.979   1.00   19.58 ? 128  HEC A O1A 1 
HETATM 982  O  O2A . HEC B 2 .   ? -5.291  10.773  4.122   1.00   21.21 ? 128  HEC A O2A 1 
HETATM 983  N  NB  . HEC B 2 .   ? 1.081   4.336   2.261   1.00   15.27 ? 128  HEC A NB  1 
HETATM 984  C  C1B . HEC B 2 .   ? 0.449   4.105   3.416   1.00   14.16 ? 128  HEC A C1B 1 
HETATM 985  C  C2B . HEC B 2 .   ? 0.658   2.771   3.825   1.00   15.87 ? 128  HEC A C2B 1 
HETATM 986  C  C3B . HEC B 2 .   ? 1.474   2.167   2.873   1.00   16.28 ? 128  HEC A C3B 1 
HETATM 987  C  C4B . HEC B 2 .   ? 1.687   3.169   1.926   1.00   15.36 ? 128  HEC A C4B 1 
HETATM 988  C  CMB . HEC B 2 .   ? 0.129   2.134   5.074   1.00   18.12 ? 128  HEC A CMB 1 
HETATM 989  C  CAB . HEC B 2 .   ? 1.990   0.773   2.745   1.00   17.81 ? 128  HEC A CAB 1 
HETATM 990  C  CBB . HEC B 2 .   ? 0.909   -0.229  3.112   1.00   18.23 ? 128  HEC A CBB 1 
HETATM 991  N  NC  . HEC B 2 .   ? 2.541   5.269   -0.046  1.00   15.05 ? 128  HEC A NC  1 
HETATM 992  C  C1C . HEC B 2 .   ? 2.891   4.004   -0.147  1.00   14.63 ? 128  HEC A C1C 1 
HETATM 993  C  C2C . HEC B 2 .   ? 3.757   3.762   -1.220  1.00   15.35 ? 128  HEC A C2C 1 
HETATM 994  C  C3C . HEC B 2 .   ? 3.960   4.972   -1.853  1.00   14.70 ? 128  HEC A C3C 1 
HETATM 995  C  C4C . HEC B 2 .   ? 3.205   5.867   -1.063  1.00   14.15 ? 128  HEC A C4C 1 
HETATM 996  C  CMC . HEC B 2 .   ? 4.327   2.414   -1.577  1.00   15.94 ? 128  HEC A CMC 1 
HETATM 997  C  CAC . HEC B 2 .   ? 4.782   5.343   -3.037  1.00   15.63 ? 128  HEC A CAC 1 
HETATM 998  C  CBC . HEC B 2 .   ? 5.054   4.209   -4.020  1.00   16.79 ? 128  HEC A CBC 1 
HETATM 999  N  ND  . HEC B 2 .   ? 1.557   7.947   0.369   1.00   14.03 ? 128  HEC A ND  1 
HETATM 1000 C  C1D . HEC B 2 .   ? 2.297   8.192   -0.710  1.00   13.63 ? 128  HEC A C1D 1 
HETATM 1001 C  C2D . HEC B 2 .   ? 2.151   9.546   -1.112  1.00   13.62 ? 128  HEC A C2D 1 
HETATM 1002 C  C3D . HEC B 2 .   ? 1.260   10.107  -0.256  1.00   13.77 ? 128  HEC A C3D 1 
HETATM 1003 C  C4D . HEC B 2 .   ? 0.906   9.095   0.632   1.00   14.04 ? 128  HEC A C4D 1 
HETATM 1004 C  CMD . HEC B 2 .   ? 2.854   10.210  -2.254  1.00   14.02 ? 128  HEC A CMD 1 
HETATM 1005 C  CAD . HEC B 2 .   ? 0.758   11.550  -0.316  1.00   13.88 ? 128  HEC A CAD 1 
HETATM 1006 C  CBD . HEC B 2 .   ? -0.482  11.571  -1.201  1.00   15.56 ? 128  HEC A CBD 1 
HETATM 1007 C  CGD . HEC B 2 .   ? -1.102  12.954  -1.369  1.00   15.26 ? 128  HEC A CGD 1 
HETATM 1008 O  O1D . HEC B 2 .   ? -1.343  13.605  -0.327  1.00   15.06 ? 128  HEC A O1D 1 
HETATM 1009 O  O2D . HEC B 2 .   ? -1.380  13.353  -2.523  1.00   15.73 ? 128  HEC A O2D 1 
HETATM 1010 O  O   . HOH C 3 .   ? -14.178 14.039  -10.921 1.00   28.04 ? 2001 HOH A O   1 
HETATM 1011 O  O   . HOH C 3 .   ? -7.017  7.214   -12.923 1.00   21.73 ? 2002 HOH A O   1 
HETATM 1012 O  O   . HOH C 3 .   ? -16.948 12.213  -3.993  1.00   28.37 ? 2003 HOH A O   1 
HETATM 1013 O  O   . HOH C 3 .   ? -7.373  2.062   -11.430 1.00   23.22 ? 2004 HOH A O   1 
HETATM 1014 O  O   . HOH C 3 .   ? -8.274  17.470  -2.953  1.00   25.03 ? 2005 HOH A O   1 
HETATM 1015 O  O   . HOH C 3 .   ? -5.652  3.079   9.892   1.00   28.81 ? 2006 HOH A O   1 
HETATM 1016 O  O   . HOH C 3 .   ? -16.505 12.631  -1.338  1.00   25.45 ? 2007 HOH A O   1 
HETATM 1017 O  O   . HOH C 3 .   ? -6.868  -7.186  15.823  1.00   21.83 ? 2008 HOH A O   1 
HETATM 1018 O  O   . HOH C 3 .   ? -8.081  -9.237  14.200  1.00   17.09 ? 2009 HOH A O   1 
HETATM 1019 O  O   . HOH C 3 .   ? -7.255  3.754   -9.365  1.00   13.31 ? 2010 HOH A O   1 
HETATM 1020 O  O   . HOH C 3 .   ? -7.085  -6.711  18.500  0.50   23.15 ? 2011 HOH A O   1 
HETATM 1021 O  O   . HOH C 3 .   ? -4.182  17.617  1.210   1.00   27.39 ? 2012 HOH A O   1 
HETATM 1022 O  O   . HOH C 3 .   ? -10.569 -19.189 3.436   1.00   29.23 ? 2013 HOH A O   1 
HETATM 1023 O  O   . HOH C 3 .   ? -10.888 -15.372 1.066   1.00   30.56 ? 2014 HOH A O   1 
HETATM 1024 O  O   . HOH C 3 .   ? -13.809 -9.778  2.574   1.00   24.21 ? 2015 HOH A O   1 
HETATM 1025 O  O   . HOH C 3 .   ? -6.421  4.671   7.671   1.00   21.33 ? 2016 HOH A O   1 
HETATM 1026 O  O   . HOH C 3 .   ? -7.238  -2.105  -10.418 1.00   22.59 ? 2017 HOH A O   1 
HETATM 1027 O  O   . HOH C 3 .   ? -1.371  1.460   8.843   1.00   33.36 ? 2018 HOH A O   1 
HETATM 1028 O  O   . HOH C 3 .   ? -8.058  0.773   10.801  1.00   28.84 ? 2019 HOH A O   1 
HETATM 1029 O  O   . HOH C 3 .   ? -7.321  -4.834  14.514  1.00   19.20 ? 2020 HOH A O   1 
HETATM 1030 O  O   . HOH C 3 .   ? -7.170  -8.020  11.844  1.00   21.05 ? 2021 HOH A O   1 
HETATM 1031 O  O   . HOH C 3 .   ? -13.571 -2.401  8.319   1.00   16.56 ? 2022 HOH A O   1 
HETATM 1032 O  O   . HOH C 3 .   ? -10.772 -7.012  8.429   1.00   25.37 ? 2023 HOH A O   1 
HETATM 1033 O  O   . HOH C 3 .   ? -1.855  -14.051 16.093  1.00   18.52 ? 2024 HOH A O   1 
HETATM 1034 O  O   . HOH C 3 .   ? -5.427  -6.969  20.692  1.00   27.88 ? 2025 HOH A O   1 
HETATM 1035 O  O   . HOH C 3 .   ? -3.492  -9.153  23.700  1.00   25.70 ? 2026 HOH A O   1 
HETATM 1036 O  O   . HOH C 3 .   ? -6.741  -13.219 12.516  1.00   17.35 ? 2027 HOH A O   1 
HETATM 1037 O  O   . HOH C 3 .   ? -4.490  -17.746 17.326  1.00   24.52 ? 2028 HOH A O   1 
HETATM 1038 O  O   . HOH C 3 .   ? -4.161  -19.631 15.339  1.00   30.34 ? 2029 HOH A O   1 
HETATM 1039 O  O   . HOH C 3 .   ? -4.079  -16.391 6.433   1.00   17.48 ? 2030 HOH A O   1 
HETATM 1040 O  O   . HOH C 3 .   ? -13.162 -16.706 9.609   0.50   22.37 ? 2031 HOH A O   1 
HETATM 1041 O  O   . HOH C 3 .   ? -9.444  -20.027 9.417   1.00   23.65 ? 2032 HOH A O   1 
HETATM 1042 O  O   . HOH C 3 .   ? 9.618   -12.229 10.956  1.00   23.15 ? 2033 HOH A O   1 
HETATM 1043 O  O   . HOH C 3 .   ? -8.140  -19.866 4.883   1.00   25.34 ? 2034 HOH A O   1 
HETATM 1044 O  O   . HOH C 3 .   ? -11.026 -16.347 3.490   1.00   21.69 ? 2035 HOH A O   1 
HETATM 1045 O  O   . HOH C 3 .   ? -11.530 -10.634 6.971   1.00   20.69 ? 2036 HOH A O   1 
HETATM 1046 O  O   . HOH C 3 .   ? -12.070 -9.207  9.677   1.00   31.72 ? 2037 HOH A O   1 
HETATM 1047 O  O   . HOH C 3 .   ? -4.861  -13.346 0.554   1.00   20.43 ? 2038 HOH A O   1 
HETATM 1048 O  O   . HOH C 3 .   ? -12.101 -9.211  4.792   1.00   33.04 ? 2039 HOH A O   1 
HETATM 1049 O  O   . HOH C 3 .   ? -11.939 -10.502 0.622   1.00   24.92 ? 2040 HOH A O   1 
HETATM 1050 O  O   . HOH C 3 .   ? -8.075  -8.476  9.273   1.00   20.04 ? 2041 HOH A O   1 
HETATM 1051 O  O   . HOH C 3 .   ? -4.645  -11.714 -1.621  1.00   20.66 ? 2042 HOH A O   1 
HETATM 1052 O  O   . HOH C 3 .   ? -1.565  -4.792  -5.554  1.00   28.04 ? 2043 HOH A O   1 
HETATM 1053 O  O   . HOH C 3 .   ? -7.444  -3.255  -7.985  1.00   20.52 ? 2044 HOH A O   1 
HETATM 1054 O  O   . HOH C 3 .   ? -3.415  2.557   -10.114 1.00   22.17 ? 2045 HOH A O   1 
HETATM 1055 O  O   . HOH C 3 .   ? -4.454  10.923  -12.205 1.00   22.82 ? 2046 HOH A O   1 
HETATM 1056 O  O   . HOH C 3 .   ? -3.126  7.851   -14.599 1.00   24.95 ? 2047 HOH A O   1 
HETATM 1057 O  O   . HOH C 3 .   ? -4.138  19.769  -6.546  1.00   24.86 ? 2048 HOH A O   1 
HETATM 1058 O  O   . HOH C 3 .   ? 2.546   17.908  -5.713  1.00   21.32 ? 2049 HOH A O   1 
HETATM 1059 O  O   . HOH C 3 .   ? -0.179  13.091  4.410   1.00   28.83 ? 2050 HOH A O   1 
HETATM 1060 O  O   . HOH C 3 .   ? 12.885  8.493   -12.798 1.00   37.36 ? 2051 HOH A O   1 
HETATM 1061 O  O   . HOH C 3 .   ? 9.706   -2.516  -9.426  1.00   26.13 ? 2052 HOH A O   1 
HETATM 1062 O  O   . HOH C 3 .   ? 3.483   4.711   -11.463 1.00   25.08 ? 2053 HOH A O   1 
HETATM 1063 O  O   . HOH C 3 .   ? -0.064  -6.964  -5.474  1.00   25.61 ? 2054 HOH A O   1 
HETATM 1064 O  O   . HOH C 3 .   ? 5.972   -8.969  1.501   1.00   30.13 ? 2055 HOH A O   1 
HETATM 1065 O  O   . HOH C 3 .   ? 10.671  -4.244  1.487   1.00   25.46 ? 2056 HOH A O   1 
HETATM 1066 O  O   . HOH C 3 .   ? 0.412   -14.225 -4.107  1.00   26.20 ? 2057 HOH A O   1 
HETATM 1067 O  O   . HOH C 3 .   ? 5.091   -15.440 1.234   1.00   26.18 ? 2058 HOH A O   1 
HETATM 1068 O  O   . HOH C 3 .   ? 0.472   -19.575 -1.105  1.00   28.46 ? 2059 HOH A O   1 
HETATM 1069 O  O   . HOH C 3 .   ? -5.294  -19.538 4.503   1.00   28.09 ? 2060 HOH A O   1 
HETATM 1070 O  O   . HOH C 3 .   ? 8.921   -14.746 10.361  1.00   21.92 ? 2061 HOH A O   1 
HETATM 1071 O  O   . HOH C 3 .   ? 6.218   -8.137  11.042  1.00   33.07 ? 2062 HOH A O   1 
HETATM 1072 O  O   . HOH C 3 .   ? 12.010  1.263   4.692   1.00   29.09 ? 2063 HOH A O   1 
HETATM 1073 O  O   . HOH C 3 .   ? -1.524  12.540  2.144   1.00   18.59 ? 2064 HOH A O   1 
# 
